data_8RXK
#
_entry.id   8RXK
#
_cell.length_a   1.00
_cell.length_b   1.00
_cell.length_c   1.00
_cell.angle_alpha   90.00
_cell.angle_beta   90.00
_cell.angle_gamma   90.00
#
_symmetry.space_group_name_H-M   'P 1'
#
loop_
_entity.id
_entity.type
_entity.pdbx_description
1 polymer 'Competence related protein ComM'
2 polymer Poly-dT
3 polymer 'Poly-dA Poly-dC'
4 non-polymer 'PHOSPHOAMINOPHOSPHONIC ACID-ADENYLATE ESTER'
#
loop_
_entity_poly.entity_id
_entity_poly.type
_entity_poly.pdbx_seq_one_letter_code
_entity_poly.pdbx_strand_id
1 'polypeptide(L)'
;MSLAFTKTRSTIGIVAQPVSVEVHLSNGLPSFTMVGLAETAVKESKDRVRSAIINSQFEFPCRKITVNLGPANLPKTGSG
FDLPIALGILAASEQIPLTNLANHEFIGELALSGELRGVSAIIPAVLAAHKDNQHLIIANANAAEASLTGHQKVFTANNL
REVCDYLCQGTSLQSLPPKPDLLLNNYELDWSDIKGQQHAKNAMVIAACGGHSILLSGAPGSGKTMMAKRFSTLLPELSE
TQALECAAINSIRGKLPDFREWRLPPFRAPHHTASPVALVGGGNPPKPGEISLAHHGVLFLDELPEFNRQVLETLREPLE
SGHICISRAAAQIEFPAKFQLIAAMNPCPCGQWGNSQANCMCTPDRISRYLAKLSAPLLDRIDMQVTIHALSQEELIKPN
THLEKQSLAIREKVTKMHEIQMARQDSLNANLNSKTCEMVCELGSEEQLFLREVMSKLKLSARGYHRLLKVSRTIADMNS
SKKVLLNHLQQALSYKQNLHLPKHHHHHH
;
C,D,E
2 'polydeoxyribonucleotide'
;(DT)(DT)(DT)(DT)(DT)(DT)(DT)(DT)(DT)(DT)(DT)(DT)(DT)(DT)(DT)(DT)(DT)(DT)(DT)(DT)
(DT)(DT)(DT)(DT)(DT)(DT)(DT)(DT)(DT)(DT)(DT)(DT)(DT)(DT)(DT)(DT)(DT)(DT)(DT)(DT)
(DT)(DT)(DT)(DT)(DT)(DT)(DT)(DT)(DT)(DT)(DT)(DT)(DT)(DT)(DT)(DT)(DT)(DT)(DT)(DT)
;
Y
3 'polydeoxyribonucleotide'
;(DA)(DA)(DA)(DA)(DA)(DA)(DA)(DA)(DA)(DA)(DA)(DA)(DA)(DA)(DA)(DA)(DA)(DA)(DA)(DA)
(DA)(DA)(DA)(DA)(DA)(DA)(DA)(DA)(DA)(DA)(DA)(DA)(DA)(DA)(DA)(DA)(DA)(DA)(DA)(DA)
(DA)(DA)(DA)(DA)(DA)(DA)(DA)(DA)(DA)(DA)(DA)(DA)(DA)(DA)(DA)(DA)(DA)(DA)(DA)(DA)
(DC)(DC)(DC)(DC)(DC)(DC)(DC)(DC)(DC)(DC)(DC)(DC)(DC)(DC)(DC)(DC)(DC)(DC)(DC)(DC)
(DC)(DC)(DC)(DC)(DC)(DC)(DC)(DC)(DC)(DC)(DC)(DC)(DC)(DC)(DC)(DC)(DC)(DC)(DC)(DC)
(DC)(DC)(DC)(DC)(DC)(DC)(DC)(DC)(DC)(DC)(DC)(DC)(DC)(DC)(DC)(DC)(DC)(DC)(DC)(DC)
;
Z
#
# COMPACT_ATOMS: atom_id res chain seq x y z
N MET A 1 0.27 5.64 59.92
CA MET A 1 -0.27 5.52 58.54
C MET A 1 0.81 5.03 57.58
N SER A 2 0.41 4.71 56.35
CA SER A 2 1.32 4.08 55.39
C SER A 2 1.14 4.74 54.03
N LEU A 3 2.20 5.38 53.53
CA LEU A 3 2.25 5.89 52.17
C LEU A 3 3.68 5.73 51.67
N ALA A 4 3.81 5.53 50.35
CA ALA A 4 5.09 5.25 49.74
C ALA A 4 5.31 6.18 48.55
N PHE A 5 6.57 6.58 48.37
CA PHE A 5 6.95 7.55 47.33
C PHE A 5 8.02 6.90 46.46
N THR A 6 7.60 6.24 45.39
CA THR A 6 8.52 5.62 44.45
C THR A 6 8.82 6.58 43.30
N LYS A 7 10.01 6.44 42.73
CA LYS A 7 10.46 7.28 41.64
C LYS A 7 10.43 6.51 40.33
N THR A 8 10.42 7.25 39.23
CA THR A 8 10.45 6.69 37.88
C THR A 8 10.73 7.83 36.92
N ARG A 9 10.68 7.55 35.62
CA ARG A 9 10.94 8.53 34.58
C ARG A 9 9.85 8.48 33.53
N SER A 10 9.45 9.65 33.05
CA SER A 10 8.53 9.79 31.92
C SER A 10 9.22 10.62 30.86
N THR A 11 9.14 10.18 29.60
CA THR A 11 9.82 10.83 28.50
C THR A 11 8.85 11.75 27.77
N ILE A 12 9.20 13.02 27.68
CA ILE A 12 8.46 14.01 26.91
C ILE A 12 9.47 14.63 25.95
N GLY A 13 9.42 14.22 24.70
CA GLY A 13 10.46 14.60 23.76
C GLY A 13 11.71 13.79 24.03
N ILE A 14 12.85 14.47 24.13
CA ILE A 14 14.12 13.79 24.35
C ILE A 14 14.51 13.73 25.82
N VAL A 15 13.95 14.59 26.66
CA VAL A 15 14.28 14.66 28.08
C VAL A 15 13.32 13.79 28.86
N ALA A 16 13.87 12.96 29.75
CA ALA A 16 13.07 12.10 30.62
C ALA A 16 12.81 12.83 31.92
N GLN A 17 11.65 13.47 32.01
CA GLN A 17 11.33 14.25 33.21
C GLN A 17 11.03 13.32 34.36
N PRO A 18 11.57 13.57 35.56
CA PRO A 18 11.29 12.68 36.69
C PRO A 18 9.81 12.67 37.05
N VAL A 19 9.34 11.51 37.50
CA VAL A 19 7.97 11.34 37.95
C VAL A 19 8.02 10.64 39.30
N SER A 20 7.09 11.02 40.18
CA SER A 20 7.06 10.54 41.56
C SER A 20 5.74 9.84 41.83
N VAL A 21 5.70 8.53 41.56
CA VAL A 21 4.54 7.73 41.94
C VAL A 21 4.38 7.77 43.45
N GLU A 22 3.15 7.98 43.91
CA GLU A 22 2.86 8.17 45.34
C GLU A 22 1.60 7.38 45.67
N VAL A 23 1.79 6.16 46.17
CA VAL A 23 0.67 5.33 46.59
C VAL A 23 0.24 5.74 47.99
N HIS A 24 -1.04 5.55 48.29
CA HIS A 24 -1.56 5.85 49.63
C HIS A 24 -2.80 5.00 49.86
N LEU A 25 -2.76 4.16 50.89
CA LEU A 25 -3.85 3.25 51.21
C LEU A 25 -4.72 3.85 52.31
N SER A 26 -6.03 3.82 52.09
CA SER A 26 -7.02 4.27 53.08
C SER A 26 -7.85 3.07 53.52
N ASN A 27 -8.70 3.30 54.52
CA ASN A 27 -9.47 2.23 55.15
C ASN A 27 -10.86 2.05 54.55
N GLY A 28 -11.21 2.86 53.55
CA GLY A 28 -12.53 2.77 52.96
C GLY A 28 -12.76 1.47 52.20
N LEU A 29 -13.78 1.45 51.35
CA LEU A 29 -14.07 0.27 50.56
C LEU A 29 -13.00 0.07 49.50
N PRO A 30 -12.79 -1.18 49.04
CA PRO A 30 -11.64 -1.45 48.17
C PRO A 30 -11.80 -0.91 46.76
N SER A 31 -11.54 0.37 46.59
CA SER A 31 -11.53 1.01 45.29
C SER A 31 -10.09 1.10 44.77
N PHE A 32 -9.90 1.81 43.67
CA PHE A 32 -8.56 2.03 43.12
C PHE A 32 -8.62 3.29 42.27
N THR A 33 -7.85 4.31 42.64
CA THR A 33 -7.92 5.62 42.01
C THR A 33 -6.54 6.02 41.50
N MET A 34 -6.52 6.58 40.28
CA MET A 34 -5.30 7.09 39.67
C MET A 34 -5.53 8.53 39.25
N VAL A 35 -4.59 9.41 39.62
CA VAL A 35 -4.66 10.81 39.28
C VAL A 35 -3.34 11.22 38.64
N GLY A 36 -3.23 12.51 38.35
CA GLY A 36 -2.03 13.02 37.71
C GLY A 36 -2.02 12.93 36.21
N LEU A 37 -3.18 13.04 35.57
CA LEU A 37 -3.28 13.02 34.11
C LEU A 37 -2.69 11.71 33.55
N ALA A 38 -3.33 10.61 33.94
CA ALA A 38 -2.90 9.28 33.49
C ALA A 38 -3.60 8.94 32.18
N GLU A 39 -2.83 8.70 31.14
CA GLU A 39 -3.39 8.32 29.86
C GLU A 39 -3.97 6.90 29.94
N THR A 40 -4.87 6.59 29.01
CA THR A 40 -5.53 5.29 29.02
C THR A 40 -4.52 4.16 29.10
N ALA A 41 -3.42 4.25 28.34
CA ALA A 41 -2.43 3.18 28.35
C ALA A 41 -1.87 2.96 29.74
N VAL A 42 -1.83 4.01 30.57
CA VAL A 42 -1.32 3.91 31.93
C VAL A 42 -2.44 3.97 32.97
N LYS A 43 -3.67 4.30 32.57
CA LYS A 43 -4.79 4.29 33.50
C LYS A 43 -5.38 2.90 33.69
N GLU A 44 -5.03 1.94 32.83
CA GLU A 44 -5.52 0.58 32.94
C GLU A 44 -4.51 -0.34 33.63
N SER A 45 -3.42 0.22 34.16
CA SER A 45 -2.45 -0.58 34.88
C SER A 45 -3.00 -1.08 36.21
N LYS A 46 -4.23 -0.70 36.58
CA LYS A 46 -4.78 -1.12 37.86
C LYS A 46 -4.87 -2.63 37.95
N ASP A 47 -5.67 -3.26 37.08
CA ASP A 47 -5.85 -4.70 37.15
C ASP A 47 -4.57 -5.43 36.80
N ARG A 48 -3.77 -4.89 35.89
CA ARG A 48 -2.50 -5.52 35.53
C ARG A 48 -1.57 -5.60 36.74
N VAL A 49 -1.46 -4.51 37.49
CA VAL A 49 -0.62 -4.51 38.69
C VAL A 49 -1.23 -5.41 39.75
N ARG A 50 -2.56 -5.40 39.87
CA ARG A 50 -3.22 -6.28 40.84
C ARG A 50 -2.84 -7.74 40.57
N SER A 51 -2.96 -8.17 39.32
CA SER A 51 -2.63 -9.56 38.98
C SER A 51 -1.15 -9.83 39.17
N ALA A 52 -0.29 -8.90 38.75
CA ALA A 52 1.15 -9.12 38.91
C ALA A 52 1.56 -9.19 40.37
N ILE A 53 0.80 -8.56 41.26
CA ILE A 53 1.11 -8.62 42.68
C ILE A 53 0.57 -9.90 43.29
N ILE A 54 -0.67 -10.28 42.95
CA ILE A 54 -1.25 -11.49 43.50
C ILE A 54 -0.45 -12.71 43.06
N ASN A 55 -0.08 -12.77 41.78
CA ASN A 55 0.58 -13.95 41.25
C ASN A 55 1.99 -14.14 41.80
N SER A 56 2.61 -13.07 42.30
CA SER A 56 3.95 -13.15 42.87
C SER A 56 3.95 -13.56 44.34
N GLN A 57 2.86 -14.14 44.82
CA GLN A 57 2.76 -14.61 46.20
C GLN A 57 2.91 -13.44 47.17
N PHE A 58 2.14 -12.38 46.94
CA PHE A 58 2.08 -11.22 47.80
C PHE A 58 0.64 -11.05 48.31
N GLU A 59 0.46 -10.05 49.17
CA GLU A 59 -0.86 -9.70 49.69
C GLU A 59 -1.27 -8.38 49.05
N PHE A 60 -2.21 -8.44 48.12
CA PHE A 60 -2.72 -7.23 47.50
C PHE A 60 -3.68 -6.55 48.47
N PRO A 61 -3.45 -5.28 48.83
CA PRO A 61 -4.30 -4.65 49.86
C PRO A 61 -5.76 -4.70 49.48
N CYS A 62 -6.60 -5.05 50.46
CA CYS A 62 -8.05 -4.94 50.33
C CYS A 62 -8.52 -3.60 50.88
N ARG A 63 -7.92 -2.53 50.38
CA ARG A 63 -8.08 -1.20 50.94
C ARG A 63 -8.19 -0.19 49.80
N LYS A 64 -8.66 1.01 50.14
CA LYS A 64 -8.84 2.07 49.16
C LYS A 64 -7.49 2.59 48.72
N ILE A 65 -7.04 2.19 47.52
CA ILE A 65 -5.74 2.56 46.99
C ILE A 65 -5.89 3.85 46.19
N THR A 66 -4.85 4.68 46.21
CA THR A 66 -4.88 5.98 45.54
C THR A 66 -3.49 6.32 45.03
N VAL A 67 -3.24 6.06 43.76
CA VAL A 67 -1.96 6.40 43.14
C VAL A 67 -2.02 7.84 42.64
N ASN A 68 -0.85 8.49 42.61
CA ASN A 68 -0.77 9.92 42.31
C ASN A 68 0.38 10.20 41.33
N LEU A 69 0.35 9.53 40.17
CA LEU A 69 1.46 9.61 39.22
C LEU A 69 1.49 11.02 38.66
N GLY A 70 2.00 11.95 39.46
CA GLY A 70 1.94 13.33 39.03
C GLY A 70 2.80 14.37 39.70
N PRO A 71 3.55 15.10 38.88
CA PRO A 71 3.43 16.56 38.88
C PRO A 71 2.20 16.87 38.02
N ALA A 72 1.19 17.49 38.62
CA ALA A 72 -0.15 17.37 38.07
C ALA A 72 -0.29 17.92 36.66
N ASN A 73 0.68 18.70 36.19
CA ASN A 73 0.61 19.23 34.83
C ASN A 73 0.97 18.17 33.78
N LEU A 74 1.94 17.31 34.07
CA LEU A 74 2.49 16.43 33.04
C LEU A 74 1.57 15.24 32.81
N PRO A 75 1.11 15.00 31.57
CA PRO A 75 0.41 13.75 31.28
C PRO A 75 1.38 12.59 31.16
N LYS A 76 0.96 11.43 31.66
CA LYS A 76 1.76 10.22 31.63
C LYS A 76 1.33 9.36 30.45
N THR A 77 2.30 8.94 29.64
CA THR A 77 2.04 8.24 28.39
C THR A 77 2.54 6.82 28.38
N GLY A 78 3.81 6.61 28.74
CA GLY A 78 4.41 5.29 28.62
C GLY A 78 3.67 4.24 29.43
N SER A 79 4.04 2.99 29.18
CA SER A 79 3.49 1.84 29.88
C SER A 79 4.43 1.31 30.95
N GLY A 80 5.48 2.04 31.29
CA GLY A 80 6.47 1.57 32.24
C GLY A 80 6.15 1.97 33.67
N PHE A 81 4.91 2.33 33.93
CA PHE A 81 4.49 2.79 35.25
C PHE A 81 3.93 1.66 36.11
N ASP A 82 4.09 0.41 35.70
CA ASP A 82 3.57 -0.71 36.47
C ASP A 82 4.51 -1.15 37.59
N LEU A 83 5.82 -1.15 37.35
CA LEU A 83 6.76 -1.56 38.37
C LEU A 83 6.80 -0.53 39.51
N PRO A 84 6.89 0.77 39.20
CA PRO A 84 6.84 1.75 40.30
C PRO A 84 5.57 1.64 41.11
N ILE A 85 4.43 1.42 40.46
CA ILE A 85 3.16 1.34 41.19
C ILE A 85 3.14 0.09 42.06
N ALA A 86 3.60 -1.05 41.52
CA ALA A 86 3.59 -2.27 42.31
C ALA A 86 4.50 -2.15 43.51
N LEU A 87 5.70 -1.61 43.33
CA LEU A 87 6.61 -1.44 44.45
C LEU A 87 6.08 -0.43 45.46
N GLY A 88 5.41 0.63 44.99
CA GLY A 88 4.79 1.56 45.92
C GLY A 88 3.70 0.91 46.74
N ILE A 89 2.88 0.08 46.11
CA ILE A 89 1.82 -0.62 46.83
C ILE A 89 2.42 -1.54 47.88
N LEU A 90 3.44 -2.31 47.49
CA LEU A 90 4.06 -3.22 48.45
C LEU A 90 4.71 -2.46 49.60
N ALA A 91 5.38 -1.35 49.30
CA ALA A 91 6.03 -0.58 50.36
C ALA A 91 5.01 0.09 51.27
N ALA A 92 3.89 0.54 50.74
CA ALA A 92 2.85 1.16 51.54
C ALA A 92 1.97 0.13 52.25
N SER A 93 2.12 -1.15 51.92
CA SER A 93 1.46 -2.22 52.65
C SER A 93 2.41 -2.93 53.61
N GLU A 94 3.59 -2.35 53.85
CA GLU A 94 4.58 -2.86 54.79
C GLU A 94 5.14 -4.22 54.39
N GLN A 95 4.88 -4.68 53.17
CA GLN A 95 5.51 -5.91 52.69
C GLN A 95 6.92 -5.67 52.18
N ILE A 96 7.33 -4.43 52.01
CA ILE A 96 8.70 -4.10 51.63
C ILE A 96 9.18 -2.97 52.54
N PRO A 97 10.36 -3.08 53.16
CA PRO A 97 10.86 -1.96 53.97
C PRO A 97 11.03 -0.71 53.10
N LEU A 98 10.38 0.37 53.52
CA LEU A 98 10.33 1.57 52.70
C LEU A 98 11.68 2.26 52.58
N THR A 99 12.66 1.89 53.41
CA THR A 99 13.99 2.48 53.31
C THR A 99 14.81 1.91 52.17
N ASN A 100 14.37 0.82 51.55
CA ASN A 100 15.09 0.27 50.41
C ASN A 100 14.90 1.13 49.16
N LEU A 101 13.80 1.87 49.09
CA LEU A 101 13.48 2.71 47.95
C LEU A 101 14.11 4.09 48.04
N ALA A 102 15.20 4.22 48.82
CA ALA A 102 15.73 5.55 49.13
C ALA A 102 16.16 6.29 47.87
N ASN A 103 16.90 5.62 46.99
CA ASN A 103 17.49 6.31 45.84
C ASN A 103 17.41 5.46 44.57
N HIS A 104 16.37 4.66 44.43
CA HIS A 104 16.19 3.81 43.25
C HIS A 104 15.14 4.39 42.31
N GLU A 105 15.39 4.22 41.02
CA GLU A 105 14.42 4.54 39.98
C GLU A 105 14.03 3.26 39.27
N PHE A 106 12.73 2.99 39.22
CA PHE A 106 12.21 1.75 38.64
C PHE A 106 11.45 2.06 37.36
N ILE A 107 11.78 1.31 36.30
CA ILE A 107 11.06 1.38 35.04
C ILE A 107 10.79 -0.04 34.58
N GLY A 108 9.53 -0.37 34.35
CA GLY A 108 9.20 -1.70 33.89
C GLY A 108 7.72 -1.84 33.63
N GLU A 109 7.38 -2.93 32.94
CA GLU A 109 6.01 -3.31 32.64
C GLU A 109 5.79 -4.73 33.12
N LEU A 110 4.67 -4.96 33.78
CA LEU A 110 4.38 -6.23 34.43
C LEU A 110 3.35 -7.00 33.62
N ALA A 111 3.62 -8.28 33.38
CA ALA A 111 2.63 -9.17 32.79
C ALA A 111 1.67 -9.62 33.88
N LEU A 112 0.82 -10.59 33.57
CA LEU A 112 -0.12 -11.12 34.55
C LEU A 112 0.48 -12.20 35.42
N SER A 113 1.73 -12.58 35.18
CA SER A 113 2.43 -13.56 35.99
C SER A 113 3.50 -12.95 36.88
N GLY A 114 3.65 -11.63 36.86
CA GLY A 114 4.74 -10.97 37.52
C GLY A 114 5.98 -10.78 36.66
N GLU A 115 6.04 -11.47 35.53
CA GLU A 115 7.19 -11.32 34.63
C GLU A 115 7.25 -9.90 34.09
N LEU A 116 8.44 -9.34 34.05
CA LEU A 116 8.65 -7.99 33.57
C LEU A 116 8.83 -7.99 32.05
N ARG A 117 8.30 -6.94 31.43
CA ARG A 117 8.36 -6.78 29.98
C ARG A 117 9.20 -5.54 29.66
N GLY A 118 9.60 -5.45 28.39
CA GLY A 118 10.46 -4.35 27.96
C GLY A 118 9.70 -3.16 27.42
N VAL A 119 9.91 -2.00 28.05
CA VAL A 119 9.34 -0.75 27.56
C VAL A 119 10.20 -0.22 26.42
N SER A 120 9.67 0.75 25.68
CA SER A 120 10.39 1.36 24.58
C SER A 120 10.93 2.72 24.97
N ALA A 121 11.97 3.16 24.26
CA ALA A 121 12.62 4.44 24.53
C ALA A 121 13.17 4.49 25.95
N ILE A 122 14.09 3.58 26.23
CA ILE A 122 14.67 3.47 27.56
C ILE A 122 15.91 4.34 27.73
N ILE A 123 16.63 4.61 26.64
CA ILE A 123 17.93 5.28 26.76
C ILE A 123 17.82 6.62 27.47
N PRO A 124 16.87 7.50 27.14
CA PRO A 124 16.80 8.78 27.86
C PRO A 124 16.64 8.60 29.35
N ALA A 125 15.85 7.62 29.78
CA ALA A 125 15.69 7.38 31.21
C ALA A 125 16.99 6.94 31.85
N VAL A 126 17.74 6.06 31.18
CA VAL A 126 19.01 5.62 31.73
C VAL A 126 19.97 6.79 31.85
N LEU A 127 20.02 7.65 30.83
CA LEU A 127 20.91 8.81 30.89
C LEU A 127 20.53 9.73 32.03
N ALA A 128 19.23 9.99 32.19
CA ALA A 128 18.78 10.87 33.28
C ALA A 128 19.12 10.27 34.63
N ALA A 129 18.89 8.96 34.80
CA ALA A 129 19.19 8.31 36.07
C ALA A 129 20.68 8.39 36.37
N HIS A 130 21.52 8.17 35.35
CA HIS A 130 22.96 8.29 35.56
C HIS A 130 23.33 9.71 35.96
N LYS A 131 22.74 10.71 35.31
CA LYS A 131 23.04 12.09 35.65
C LYS A 131 22.53 12.45 37.05
N ASP A 132 21.53 11.75 37.56
CA ASP A 132 21.00 12.00 38.89
C ASP A 132 21.59 11.11 39.95
N ASN A 133 22.53 10.23 39.60
CA ASN A 133 23.22 9.35 40.54
C ASN A 133 22.30 8.28 41.12
N GLN A 134 21.10 8.13 40.60
CA GLN A 134 20.16 7.14 41.13
C GLN A 134 20.43 5.77 40.54
N HIS A 135 20.12 4.74 41.33
CA HIS A 135 20.11 3.38 40.80
C HIS A 135 18.89 3.19 39.91
N LEU A 136 19.08 2.46 38.82
CA LEU A 136 18.01 2.17 37.88
C LEU A 136 17.81 0.67 37.79
N ILE A 137 16.54 0.24 37.78
CA ILE A 137 16.17 -1.16 37.69
C ILE A 137 15.17 -1.30 36.54
N ILE A 138 15.49 -2.13 35.56
CA ILE A 138 14.71 -2.25 34.34
C ILE A 138 14.47 -3.72 34.05
N ALA A 139 13.55 -3.97 33.12
CA ALA A 139 13.24 -5.33 32.71
C ALA A 139 14.38 -5.90 31.88
N ASN A 140 14.49 -7.23 31.90
CA ASN A 140 15.57 -7.90 31.17
C ASN A 140 15.55 -7.54 29.68
N ALA A 141 14.36 -7.37 29.11
CA ALA A 141 14.24 -7.13 27.68
C ALA A 141 14.96 -5.86 27.25
N ASN A 142 15.16 -4.90 28.16
CA ASN A 142 15.86 -3.66 27.85
C ASN A 142 17.34 -3.73 28.18
N ALA A 143 17.83 -4.87 28.65
CA ALA A 143 19.25 -4.99 28.97
C ALA A 143 20.12 -4.77 27.74
N ALA A 144 19.71 -5.35 26.61
CA ALA A 144 20.48 -5.18 25.38
C ALA A 144 20.51 -3.71 24.95
N GLU A 145 19.38 -3.02 25.08
CA GLU A 145 19.31 -1.62 24.67
C GLU A 145 20.14 -0.72 25.58
N ALA A 146 20.08 -0.98 26.88
CA ALA A 146 20.79 -0.15 27.86
C ALA A 146 22.24 -0.57 28.05
N SER A 147 22.69 -1.62 27.36
CA SER A 147 24.08 -2.03 27.48
C SER A 147 25.03 -1.00 26.89
N LEU A 148 24.56 -0.22 25.91
CA LEU A 148 25.43 0.77 25.29
C LEU A 148 25.92 1.80 26.30
N THR A 149 25.04 2.24 27.19
CA THR A 149 25.42 3.25 28.17
C THR A 149 26.62 2.82 29.00
N GLY A 150 26.73 1.53 29.29
CA GLY A 150 27.85 1.03 30.05
C GLY A 150 27.89 1.56 31.47
N HIS A 151 26.78 2.14 31.93
CA HIS A 151 26.71 2.63 33.30
C HIS A 151 26.67 1.45 34.27
N GLN A 152 27.45 1.55 35.34
CA GLN A 152 27.62 0.44 36.26
C GLN A 152 26.53 0.36 37.32
N LYS A 153 25.62 1.33 37.36
CA LYS A 153 24.60 1.40 38.40
C LYS A 153 23.22 0.98 37.91
N VAL A 154 23.16 0.24 36.81
CA VAL A 154 21.91 -0.26 36.25
C VAL A 154 21.81 -1.75 36.51
N PHE A 155 20.62 -2.21 36.89
CA PHE A 155 20.35 -3.61 37.12
C PHE A 155 19.10 -4.03 36.37
N THR A 156 19.06 -5.28 35.95
CA THR A 156 17.93 -5.83 35.23
C THR A 156 17.39 -7.05 35.97
N ALA A 157 16.08 -7.23 35.93
CA ALA A 157 15.41 -8.31 36.64
C ALA A 157 14.47 -9.03 35.70
N ASN A 158 14.10 -10.24 36.09
CA ASN A 158 13.21 -11.08 35.28
C ASN A 158 11.75 -10.92 35.67
N ASN A 159 11.45 -10.81 36.96
CA ASN A 159 10.08 -10.69 37.43
C ASN A 159 10.05 -9.91 38.73
N LEU A 160 8.84 -9.63 39.21
CA LEU A 160 8.68 -8.81 40.40
C LEU A 160 9.30 -9.46 41.62
N ARG A 161 9.32 -10.79 41.67
CA ARG A 161 9.94 -11.47 42.80
C ARG A 161 11.42 -11.16 42.88
N GLU A 162 12.09 -11.09 41.73
CA GLU A 162 13.52 -10.77 41.73
C GLU A 162 13.76 -9.39 42.34
N VAL A 163 12.98 -8.39 41.90
CA VAL A 163 13.19 -7.03 42.41
C VAL A 163 12.84 -6.96 43.89
N CYS A 164 11.77 -7.63 44.31
CA CYS A 164 11.40 -7.62 45.72
C CYS A 164 12.49 -8.25 46.57
N ASP A 165 13.04 -9.38 46.13
CA ASP A 165 14.12 -10.02 46.87
C ASP A 165 15.35 -9.13 46.91
N TYR A 166 15.65 -8.45 45.80
CA TYR A 166 16.81 -7.56 45.80
C TYR A 166 16.62 -6.42 46.79
N LEU A 167 15.46 -5.79 46.77
CA LEU A 167 15.22 -4.66 47.67
C LEU A 167 15.23 -5.11 49.13
N CYS A 168 14.59 -6.24 49.43
CA CYS A 168 14.45 -6.66 50.82
C CYS A 168 15.75 -7.25 51.37
N GLN A 169 16.51 -7.96 50.53
CA GLN A 169 17.70 -8.67 50.98
C GLN A 169 18.92 -8.44 50.10
N GLY A 170 18.76 -7.91 48.89
CA GLY A 170 19.89 -7.62 48.04
C GLY A 170 20.54 -8.85 47.44
N THR A 171 19.78 -9.62 46.66
CA THR A 171 20.35 -10.79 45.98
C THR A 171 20.93 -10.43 44.61
N SER A 172 21.71 -9.35 44.55
CA SER A 172 22.66 -9.08 43.48
C SER A 172 22.00 -8.77 42.14
N LEU A 173 20.69 -8.98 42.00
CA LEU A 173 20.02 -8.84 40.71
C LEU A 173 20.88 -9.39 39.56
N GLN A 174 20.48 -9.09 38.33
CA GLN A 174 21.33 -9.28 37.16
C GLN A 174 21.87 -7.93 36.72
N SER A 175 23.17 -7.89 36.44
CA SER A 175 23.80 -6.67 35.95
C SER A 175 23.51 -6.54 34.45
N LEU A 176 24.07 -5.51 33.83
CA LEU A 176 23.81 -5.31 32.41
C LEU A 176 24.93 -5.92 31.57
N PRO A 177 24.62 -6.41 30.38
CA PRO A 177 25.61 -7.12 29.58
C PRO A 177 26.72 -6.20 29.11
N PRO A 178 27.88 -6.75 28.76
CA PRO A 178 29.03 -5.90 28.40
C PRO A 178 28.77 -5.06 27.15
N LYS A 179 29.43 -3.92 27.10
CA LYS A 179 29.25 -3.00 25.98
C LYS A 179 29.63 -3.69 24.67
N PRO A 180 28.93 -3.42 23.57
CA PRO A 180 29.22 -4.11 22.30
C PRO A 180 30.41 -3.53 21.53
N ASP A 181 31.61 -3.97 21.89
CA ASP A 181 32.80 -3.54 21.17
C ASP A 181 32.84 -4.20 19.79
N LEU A 182 33.25 -3.44 18.79
CA LEU A 182 33.28 -3.92 17.41
C LEU A 182 34.31 -3.10 16.65
N LEU A 183 34.34 -3.26 15.32
CA LEU A 183 35.30 -2.56 14.47
C LEU A 183 34.56 -1.89 13.32
N LEU A 184 35.33 -1.14 12.51
CA LEU A 184 34.78 -0.40 11.38
C LEU A 184 35.71 -0.42 10.18
N ASN A 185 36.71 -1.30 10.17
CA ASN A 185 37.80 -1.26 9.19
C ASN A 185 37.29 -1.19 7.75
N ASN A 186 36.23 -1.92 7.44
CA ASN A 186 35.81 -2.06 6.05
C ASN A 186 35.04 -0.84 5.57
N TYR A 187 33.89 -0.57 6.17
CA TYR A 187 32.97 0.51 5.78
C TYR A 187 32.29 0.22 4.45
N GLU A 188 32.77 -0.77 3.71
CA GLU A 188 32.22 -1.14 2.41
C GLU A 188 32.10 0.07 1.48
N LEU A 189 32.67 1.22 1.85
CA LEU A 189 32.44 2.45 1.11
C LEU A 189 33.74 3.03 0.57
N ASP A 190 34.71 3.33 1.44
CA ASP A 190 36.02 3.81 1.03
C ASP A 190 35.98 5.16 0.31
N TRP A 191 36.95 6.02 0.61
CA TRP A 191 37.14 7.27 -0.13
C TRP A 191 37.69 7.04 -1.54
N SER A 192 38.17 5.84 -1.84
CA SER A 192 38.82 5.58 -3.12
C SER A 192 37.83 5.48 -4.27
N ASP A 193 36.56 5.14 -3.99
CA ASP A 193 35.59 4.95 -5.06
C ASP A 193 35.41 6.20 -5.91
N ILE A 194 35.73 7.37 -5.37
CA ILE A 194 35.64 8.61 -6.13
C ILE A 194 36.83 8.65 -7.09
N LYS A 195 36.55 8.57 -8.39
CA LYS A 195 37.57 8.37 -9.41
C LYS A 195 37.87 9.70 -10.09
N GLY A 196 39.02 10.28 -9.78
CA GLY A 196 39.58 11.37 -10.54
C GLY A 196 39.01 12.74 -10.28
N GLN A 197 38.02 12.86 -9.40
CA GLN A 197 37.45 14.17 -9.07
C GLN A 197 38.35 14.87 -8.04
N GLN A 198 39.60 15.06 -8.44
CA GLN A 198 40.65 15.42 -7.48
C GLN A 198 40.36 16.75 -6.81
N HIS A 199 40.03 17.78 -7.61
CA HIS A 199 39.89 19.12 -7.04
C HIS A 199 38.77 19.17 -6.01
N ALA A 200 37.63 18.56 -6.32
CA ALA A 200 36.51 18.55 -5.39
C ALA A 200 36.68 17.55 -4.26
N LYS A 201 37.58 16.57 -4.41
CA LYS A 201 37.89 15.67 -3.32
C LYS A 201 38.80 16.33 -2.28
N ASN A 202 39.57 17.34 -2.68
CA ASN A 202 40.41 18.08 -1.77
C ASN A 202 39.69 19.26 -1.13
N ALA A 203 38.43 19.48 -1.47
CA ALA A 203 37.61 20.49 -0.80
C ALA A 203 36.70 19.90 0.25
N MET A 204 36.20 18.68 0.04
CA MET A 204 35.50 17.98 1.11
C MET A 204 36.44 17.64 2.26
N VAL A 205 37.73 17.47 1.95
CA VAL A 205 38.70 17.12 2.98
C VAL A 205 39.00 18.29 3.90
N ILE A 206 38.82 19.53 3.45
CA ILE A 206 39.01 20.69 4.31
C ILE A 206 37.68 21.22 4.83
N ALA A 207 36.56 20.61 4.42
CA ALA A 207 35.29 20.85 5.09
C ALA A 207 35.05 19.85 6.22
N ALA A 208 35.59 18.64 6.09
CA ALA A 208 35.57 17.71 7.20
C ALA A 208 36.52 18.15 8.31
N CYS A 209 37.56 18.89 7.96
CA CYS A 209 38.57 19.32 8.92
C CYS A 209 38.25 20.69 9.54
N GLY A 210 37.12 21.29 9.18
CA GLY A 210 36.76 22.58 9.72
C GLY A 210 35.27 22.73 9.98
N GLY A 211 34.53 21.64 9.89
CA GLY A 211 33.10 21.69 10.09
C GLY A 211 32.39 22.61 9.11
N HIS A 212 33.02 22.91 7.98
CA HIS A 212 32.44 23.84 7.03
C HIS A 212 31.32 23.17 6.25
N SER A 213 30.17 23.85 6.17
CA SER A 213 29.14 23.42 5.25
C SER A 213 29.63 23.60 3.81
N ILE A 214 29.24 22.67 2.94
CA ILE A 214 29.75 22.62 1.58
C ILE A 214 28.58 22.45 0.62
N LEU A 215 28.62 23.19 -0.48
CA LEU A 215 27.61 23.15 -1.53
C LEU A 215 28.24 22.55 -2.78
N LEU A 216 27.64 21.49 -3.30
CA LEU A 216 28.16 20.79 -4.46
C LEU A 216 27.32 21.18 -5.68
N SER A 217 27.94 21.89 -6.62
CA SER A 217 27.30 22.29 -7.86
C SER A 217 27.94 21.52 -9.01
N GLY A 218 27.11 21.06 -9.94
CA GLY A 218 27.61 20.34 -11.09
C GLY A 218 26.49 19.69 -11.86
N ALA A 219 26.83 19.26 -13.07
CA ALA A 219 25.86 18.60 -13.92
C ALA A 219 25.55 17.21 -13.38
N PRO A 220 24.37 16.67 -13.68
CA PRO A 220 24.04 15.32 -13.20
C PRO A 220 25.03 14.29 -13.73
N GLY A 221 24.90 13.07 -13.22
CA GLY A 221 25.82 12.01 -13.59
C GLY A 221 27.09 12.00 -12.78
N SER A 222 27.72 13.17 -12.62
CA SER A 222 28.91 13.26 -11.77
C SER A 222 28.57 12.81 -10.36
N GLY A 223 29.62 12.49 -9.60
CA GLY A 223 29.46 11.85 -8.31
C GLY A 223 29.20 12.79 -7.15
N LYS A 224 28.26 13.72 -7.31
CA LYS A 224 27.88 14.57 -6.19
C LYS A 224 27.29 13.74 -5.05
N THR A 225 26.28 12.93 -5.36
CA THR A 225 25.64 12.11 -4.34
C THR A 225 26.61 11.08 -3.78
N MET A 226 27.44 10.48 -4.64
CA MET A 226 28.37 9.47 -4.14
C MET A 226 29.40 10.10 -3.22
N MET A 227 29.93 11.28 -3.57
CA MET A 227 30.87 11.94 -2.69
C MET A 227 30.21 12.30 -1.37
N ALA A 228 28.97 12.78 -1.42
CA ALA A 228 28.25 13.07 -0.18
C ALA A 228 28.13 11.82 0.68
N LYS A 229 27.79 10.68 0.06
CA LYS A 229 27.65 9.44 0.82
C LYS A 229 28.98 9.02 1.44
N ARG A 230 30.06 9.10 0.67
CA ARG A 230 31.38 8.73 1.17
C ARG A 230 31.89 9.68 2.24
N PHE A 231 31.37 10.91 2.27
CA PHE A 231 31.89 11.91 3.20
C PHE A 231 31.86 11.41 4.64
N SER A 232 30.79 10.69 5.01
CA SER A 232 30.64 10.28 6.40
C SER A 232 31.83 9.47 6.89
N THR A 233 32.49 8.74 6.00
CA THR A 233 33.65 7.94 6.41
C THR A 233 34.79 8.85 6.87
N LEU A 234 34.90 10.04 6.30
CA LEU A 234 35.97 10.95 6.69
C LEU A 234 35.85 11.36 8.15
N LEU A 235 34.63 11.67 8.60
CA LEU A 235 34.46 12.24 9.92
C LEU A 235 34.91 11.24 11.00
N PRO A 236 35.50 11.72 12.08
CA PRO A 236 35.97 10.79 13.13
C PRO A 236 34.82 10.19 13.91
N GLU A 237 35.11 9.06 14.55
CA GLU A 237 34.09 8.39 15.36
C GLU A 237 33.60 9.31 16.46
N LEU A 238 32.35 9.11 16.86
CA LEU A 238 31.72 9.97 17.85
C LEU A 238 32.19 9.58 19.25
N SER A 239 32.56 10.59 20.05
CA SER A 239 32.92 10.34 21.44
C SER A 239 31.71 9.84 22.19
N GLU A 240 31.91 8.82 23.03
CA GLU A 240 30.82 8.15 23.72
C GLU A 240 29.77 9.14 24.24
N THR A 241 30.22 10.20 24.92
CA THR A 241 29.29 11.20 25.43
C THR A 241 28.34 11.70 24.33
N GLN A 242 28.80 11.71 23.09
CA GLN A 242 27.99 12.15 21.96
C GLN A 242 27.20 11.01 21.34
N ALA A 243 27.77 9.82 21.32
CA ALA A 243 27.04 8.66 20.80
C ALA A 243 25.81 8.37 21.64
N LEU A 244 25.85 8.67 22.94
CA LEU A 244 24.67 8.48 23.77
C LEU A 244 23.58 9.48 23.42
N GLU A 245 23.97 10.74 23.19
CA GLU A 245 22.99 11.74 22.75
C GLU A 245 22.35 11.33 21.43
N CYS A 246 23.11 10.70 20.54
CA CYS A 246 22.52 10.23 19.29
C CYS A 246 21.66 9.00 19.51
N ALA A 247 22.08 8.09 20.39
CA ALA A 247 21.34 6.86 20.63
C ALA A 247 20.00 7.14 21.31
N ALA A 248 19.94 8.18 22.14
CA ALA A 248 18.66 8.55 22.74
C ALA A 248 17.64 8.88 21.66
N ILE A 249 18.05 9.70 20.69
CA ILE A 249 17.15 10.06 19.60
C ILE A 249 16.81 8.83 18.77
N ASN A 250 17.80 7.97 18.51
CA ASN A 250 17.54 6.77 17.73
C ASN A 250 16.49 5.89 18.41
N SER A 251 16.64 5.69 19.72
CA SER A 251 15.67 4.87 20.45
C SER A 251 14.30 5.53 20.45
N ILE A 252 14.23 6.84 20.64
CA ILE A 252 12.94 7.52 20.71
C ILE A 252 12.22 7.41 19.38
N ARG A 253 12.92 7.71 18.29
CA ARG A 253 12.27 7.68 16.98
C ARG A 253 12.19 6.26 16.45
N GLY A 254 13.33 5.61 16.25
CA GLY A 254 13.36 4.25 15.77
C GLY A 254 13.42 3.25 16.91
N LYS A 255 14.33 2.29 16.82
CA LYS A 255 14.44 1.27 17.86
C LYS A 255 15.64 0.38 17.55
N LEU A 256 16.27 -0.13 18.61
CA LEU A 256 17.39 -1.04 18.52
C LEU A 256 18.47 -0.54 17.57
N PRO A 257 19.30 0.42 17.99
CA PRO A 257 20.47 0.78 17.18
C PRO A 257 21.28 -0.44 16.79
N ASP A 258 22.20 -0.30 15.85
CA ASP A 258 22.83 -1.46 15.23
C ASP A 258 23.94 -2.06 16.08
N PHE A 259 24.39 -1.39 17.12
CA PHE A 259 25.47 -1.84 18.01
C PHE A 259 26.83 -1.85 17.33
N ARG A 260 26.90 -1.52 16.04
CA ARG A 260 28.15 -1.41 15.31
C ARG A 260 28.42 -0.01 14.80
N GLU A 261 27.37 0.67 14.31
CA GLU A 261 27.49 2.03 13.81
C GLU A 261 27.08 3.07 14.85
N TRP A 262 26.85 2.64 16.10
CA TRP A 262 26.36 3.55 17.12
C TRP A 262 27.39 4.61 17.49
N ARG A 263 28.65 4.47 17.06
CA ARG A 263 29.66 5.48 17.29
C ARG A 263 30.13 6.13 16.00
N LEU A 264 29.47 5.83 14.86
CA LEU A 264 29.78 6.47 13.60
C LEU A 264 28.85 7.66 13.38
N PRO A 265 29.33 8.79 12.91
CA PRO A 265 28.45 9.97 12.73
C PRO A 265 27.27 9.62 11.85
N PRO A 266 26.06 10.06 12.21
CA PRO A 266 24.89 9.76 11.37
C PRO A 266 24.97 10.43 10.01
N PHE A 267 24.31 9.81 9.04
CA PHE A 267 24.17 10.37 7.71
C PHE A 267 22.71 10.24 7.30
N ARG A 268 22.02 11.38 7.17
CA ARG A 268 20.62 11.41 6.77
C ARG A 268 20.50 12.17 5.46
N ALA A 269 19.73 11.62 4.53
CA ALA A 269 19.53 12.20 3.21
C ALA A 269 18.04 12.32 2.95
N PRO A 270 17.37 13.31 3.56
CA PRO A 270 15.92 13.43 3.37
C PRO A 270 15.57 13.67 1.91
N HIS A 271 14.45 13.07 1.49
CA HIS A 271 13.96 13.23 0.13
C HIS A 271 13.01 14.41 0.07
N HIS A 272 13.18 15.26 -0.95
CA HIS A 272 12.61 16.60 -0.94
C HIS A 272 11.09 16.61 -0.79
N THR A 273 10.41 15.54 -1.19
CA THR A 273 8.96 15.48 -1.08
C THR A 273 8.50 15.19 0.34
N ALA A 274 9.40 14.83 1.24
CA ALA A 274 9.02 14.55 2.62
C ALA A 274 8.44 15.81 3.27
N SER A 275 7.39 15.62 4.06
CA SER A 275 6.69 16.75 4.65
C SER A 275 7.56 17.45 5.69
N PRO A 276 7.36 18.76 5.90
CA PRO A 276 8.17 19.46 6.91
C PRO A 276 8.05 18.85 8.29
N VAL A 277 6.89 18.29 8.64
CA VAL A 277 6.74 17.67 9.95
C VAL A 277 7.74 16.53 10.11
N ALA A 278 8.01 15.78 9.02
CA ALA A 278 8.99 14.71 9.09
C ALA A 278 10.41 15.23 9.03
N LEU A 279 10.64 16.36 8.37
CA LEU A 279 11.99 16.92 8.28
C LEU A 279 12.36 17.70 9.53
N VAL A 280 11.46 18.56 10.01
CA VAL A 280 11.73 19.44 11.14
C VAL A 280 10.79 19.06 12.27
N GLY A 281 11.35 18.57 13.37
CA GLY A 281 10.54 18.26 14.53
C GLY A 281 9.47 17.24 14.21
N GLY A 282 8.32 17.40 14.84
CA GLY A 282 7.20 16.50 14.63
C GLY A 282 6.00 16.82 15.49
N GLY A 283 4.81 16.53 15.00
CA GLY A 283 3.58 16.78 15.73
C GLY A 283 3.21 15.59 16.61
N ASN A 284 1.94 15.57 17.03
CA ASN A 284 1.46 14.46 17.84
C ASN A 284 2.30 14.55 19.12
N PRO A 285 2.41 13.52 19.95
CA PRO A 285 3.55 13.49 20.88
C PRO A 285 4.85 13.67 20.13
N PRO A 286 5.60 14.74 20.41
CA PRO A 286 6.72 15.10 19.54
C PRO A 286 7.68 13.94 19.31
N LYS A 287 8.09 13.79 18.05
CA LYS A 287 9.06 12.78 17.67
C LYS A 287 10.15 13.44 16.83
N PRO A 288 11.40 13.01 16.96
CA PRO A 288 12.48 13.64 16.19
C PRO A 288 12.24 13.51 14.70
N GLY A 289 12.56 14.57 13.97
CA GLY A 289 12.53 14.57 12.52
C GLY A 289 13.88 14.19 11.94
N GLU A 290 13.97 14.28 10.62
CA GLU A 290 15.24 13.96 9.96
C GLU A 290 16.34 14.90 10.42
N ILE A 291 16.05 16.19 10.56
CA ILE A 291 17.09 17.15 10.90
C ILE A 291 17.73 16.78 12.23
N SER A 292 16.90 16.44 13.23
CA SER A 292 17.43 16.04 14.53
C SER A 292 18.02 14.65 14.49
N LEU A 293 17.48 13.77 13.64
CA LEU A 293 18.04 12.43 13.51
C LEU A 293 19.46 12.46 12.96
N ALA A 294 19.85 13.56 12.31
CA ALA A 294 21.21 13.75 11.85
C ALA A 294 22.07 14.48 12.86
N HIS A 295 21.67 14.50 14.13
CA HIS A 295 22.41 15.19 15.16
C HIS A 295 23.84 14.68 15.22
N HIS A 296 24.80 15.60 15.30
CA HIS A 296 26.22 15.30 15.38
C HIS A 296 26.74 14.59 14.14
N GLY A 297 25.96 14.55 13.06
CA GLY A 297 26.35 13.87 11.84
C GLY A 297 26.37 14.77 10.63
N VAL A 298 25.90 14.25 9.50
CA VAL A 298 25.87 14.99 8.24
C VAL A 298 24.45 14.95 7.70
N LEU A 299 23.93 16.11 7.32
CA LEU A 299 22.62 16.23 6.68
C LEU A 299 22.85 16.54 5.22
N PHE A 300 22.53 15.58 4.35
CA PHE A 300 22.73 15.71 2.91
C PHE A 300 21.42 16.16 2.27
N LEU A 301 21.36 17.43 1.87
CA LEU A 301 20.21 17.98 1.16
C LEU A 301 20.50 17.89 -0.33
N ASP A 302 19.90 16.91 -0.99
CA ASP A 302 20.07 16.73 -2.42
C ASP A 302 19.00 17.54 -3.17
N GLU A 303 19.42 18.18 -4.26
CA GLU A 303 18.53 19.05 -5.03
C GLU A 303 18.02 20.20 -4.16
N LEU A 304 18.96 21.03 -3.72
CA LEU A 304 18.62 22.15 -2.85
C LEU A 304 17.55 23.06 -3.44
N PRO A 305 17.55 23.38 -4.74
CA PRO A 305 16.51 24.28 -5.28
C PRO A 305 15.11 23.78 -4.99
N GLU A 306 14.99 22.46 -4.78
CA GLU A 306 13.72 21.85 -4.41
C GLU A 306 13.48 22.08 -2.93
N PHE A 307 12.54 21.35 -2.33
CA PHE A 307 12.16 21.51 -0.93
C PHE A 307 11.29 22.76 -0.75
N ASN A 308 10.21 22.64 0.01
CA ASN A 308 9.40 23.81 0.34
C ASN A 308 10.25 24.82 1.11
N ARG A 309 10.18 26.08 0.70
CA ARG A 309 11.00 27.11 1.35
C ARG A 309 10.65 27.28 2.81
N GLN A 310 9.46 26.84 3.24
CA GLN A 310 9.14 26.87 4.66
C GLN A 310 10.14 26.06 5.48
N VAL A 311 10.75 25.04 4.87
CA VAL A 311 11.71 24.21 5.58
C VAL A 311 13.08 24.87 5.58
N LEU A 312 13.60 25.22 4.40
CA LEU A 312 14.94 25.78 4.32
C LEU A 312 15.08 27.05 5.13
N GLU A 313 13.99 27.80 5.32
CA GLU A 313 14.08 29.01 6.11
C GLU A 313 14.26 28.68 7.60
N THR A 314 13.73 27.54 8.04
CA THR A 314 13.85 27.15 9.44
C THR A 314 15.23 26.58 9.78
N LEU A 315 16.01 26.18 8.77
CA LEU A 315 17.33 25.61 9.02
C LEU A 315 18.33 26.64 9.52
N ARG A 316 17.99 27.93 9.48
CA ARG A 316 18.90 28.94 10.02
C ARG A 316 19.10 28.75 11.52
N GLU A 317 18.01 28.52 12.25
CA GLU A 317 18.11 28.36 13.70
C GLU A 317 18.99 27.17 14.08
N PRO A 318 18.77 25.96 13.54
CA PRO A 318 19.69 24.86 13.86
C PRO A 318 21.13 25.13 13.48
N LEU A 319 21.37 25.85 12.38
CA LEU A 319 22.74 26.10 11.95
C LEU A 319 23.43 27.09 12.88
N GLU A 320 22.70 28.09 13.38
CA GLU A 320 23.28 29.05 14.30
C GLU A 320 23.27 28.51 15.74
N SER A 321 22.10 28.10 16.22
CA SER A 321 21.98 27.65 17.61
C SER A 321 22.44 26.20 17.75
N GLY A 322 21.79 25.28 17.02
CA GLY A 322 22.03 23.86 17.17
C GLY A 322 20.84 23.08 17.66
N HIS A 323 19.68 23.71 17.85
CA HIS A 323 18.48 23.03 18.34
C HIS A 323 17.27 23.66 17.66
N ILE A 324 16.22 22.86 17.53
CA ILE A 324 14.99 23.30 16.88
C ILE A 324 13.89 23.31 17.94
N CYS A 325 13.34 24.49 18.20
CA CYS A 325 12.28 24.66 19.19
C CYS A 325 10.93 24.50 18.51
N ILE A 326 10.60 23.24 18.21
CA ILE A 326 9.31 22.93 17.59
C ILE A 326 8.22 23.28 18.59
N SER A 327 7.24 24.07 18.14
CA SER A 327 6.18 24.57 18.99
C SER A 327 4.84 23.94 18.61
N ARG A 328 4.04 23.61 19.63
CA ARG A 328 2.71 23.03 19.41
C ARG A 328 1.63 23.79 20.18
N ALA A 329 1.92 25.02 20.61
CA ALA A 329 0.95 25.88 21.28
C ALA A 329 0.69 25.43 22.72
N ALA A 330 1.28 24.32 23.12
CA ALA A 330 1.22 23.84 24.50
C ALA A 330 2.59 23.75 25.15
N ALA A 331 3.59 23.28 24.42
CA ALA A 331 4.96 23.26 24.89
C ALA A 331 5.87 23.13 23.68
N GLN A 332 7.14 23.48 23.88
CA GLN A 332 8.14 23.42 22.81
C GLN A 332 9.29 22.54 23.26
N ILE A 333 9.70 21.62 22.38
CA ILE A 333 10.76 20.67 22.68
C ILE A 333 12.06 21.19 22.07
N GLU A 334 13.18 20.63 22.55
CA GLU A 334 14.49 21.09 22.13
C GLU A 334 14.97 20.38 20.86
N PHE A 335 15.04 19.05 20.89
CA PHE A 335 15.41 18.28 19.71
C PHE A 335 16.72 18.80 19.12
N PRO A 336 17.85 18.48 19.73
CA PRO A 336 19.12 19.02 19.24
C PRO A 336 19.35 18.69 17.77
N ALA A 337 19.85 19.68 17.02
CA ALA A 337 20.02 19.56 15.58
C ALA A 337 21.37 20.16 15.15
N LYS A 338 22.43 19.83 15.87
CA LYS A 338 23.77 20.31 15.54
C LYS A 338 24.34 19.35 14.50
N PHE A 339 24.12 19.67 13.22
CA PHE A 339 24.55 18.85 12.11
C PHE A 339 25.47 19.65 11.20
N GLN A 340 26.12 18.94 10.27
CA GLN A 340 26.93 19.55 9.23
C GLN A 340 26.20 19.37 7.90
N LEU A 341 26.02 20.47 7.17
CA LEU A 341 25.16 20.50 6.01
C LEU A 341 25.96 20.27 4.73
N ILE A 342 25.41 19.47 3.83
CA ILE A 342 25.95 19.26 2.50
C ILE A 342 24.81 19.43 1.50
N ALA A 343 25.05 20.22 0.47
CA ALA A 343 24.02 20.56 -0.51
C ALA A 343 24.43 20.10 -1.90
N ALA A 344 23.43 19.81 -2.72
CA ALA A 344 23.64 19.44 -4.12
C ALA A 344 22.62 20.18 -4.97
N MET A 345 23.09 20.82 -6.04
CA MET A 345 22.23 21.64 -6.88
C MET A 345 22.70 21.55 -8.32
N ASN A 346 21.76 21.83 -9.24
CA ASN A 346 22.07 21.93 -10.65
C ASN A 346 22.17 23.40 -11.02
N PRO A 347 23.32 23.89 -11.47
CA PRO A 347 23.42 25.33 -11.79
C PRO A 347 22.44 25.78 -12.85
N CYS A 348 22.12 24.91 -13.82
CA CYS A 348 21.16 25.23 -14.87
C CYS A 348 20.28 24.01 -15.09
N PRO A 349 18.95 24.14 -15.05
CA PRO A 349 18.08 22.97 -15.23
C PRO A 349 18.13 22.43 -16.65
N PRO A 364 19.34 31.73 -21.32
CA PRO A 364 18.20 32.65 -21.30
C PRO A 364 17.97 33.28 -19.94
N ASP A 365 17.02 34.21 -19.86
CA ASP A 365 16.67 34.84 -18.59
C ASP A 365 15.66 34.02 -17.79
N ARG A 366 15.20 32.89 -18.33
CA ARG A 366 14.28 32.03 -17.61
C ARG A 366 14.90 31.46 -16.34
N ILE A 367 16.22 31.49 -16.22
CA ILE A 367 16.88 30.92 -15.05
C ILE A 367 16.44 31.65 -13.78
N SER A 368 16.04 32.92 -13.91
CA SER A 368 15.61 33.67 -12.73
C SER A 368 14.49 32.96 -11.98
N ARG A 369 13.63 32.23 -12.70
CA ARG A 369 12.60 31.44 -12.03
C ARG A 369 13.21 30.29 -11.24
N TYR A 370 14.13 29.54 -11.86
CA TYR A 370 14.76 28.43 -11.18
C TYR A 370 15.61 28.92 -10.01
N LEU A 371 16.43 29.94 -10.25
CA LEU A 371 17.13 30.59 -9.16
C LEU A 371 16.15 31.41 -8.33
N ALA A 372 16.57 31.73 -7.11
CA ALA A 372 15.81 32.45 -6.10
C ALA A 372 14.73 31.57 -5.47
N LYS A 373 14.49 30.37 -5.99
CA LYS A 373 13.67 29.41 -5.25
C LYS A 373 14.35 29.04 -3.95
N LEU A 374 15.67 28.91 -3.97
CA LEU A 374 16.44 28.79 -2.75
C LEU A 374 16.34 30.08 -1.95
N SER A 375 16.82 30.03 -0.71
CA SER A 375 16.90 31.20 0.15
C SER A 375 18.34 31.71 0.13
N ALA A 376 18.52 32.95 -0.33
CA ALA A 376 19.85 33.53 -0.38
C ALA A 376 20.59 33.48 0.95
N PRO A 377 19.97 33.80 2.09
CA PRO A 377 20.72 33.70 3.36
C PRO A 377 21.22 32.29 3.65
N LEU A 378 20.48 31.25 3.23
CA LEU A 378 20.97 29.89 3.44
C LEU A 378 22.26 29.64 2.67
N LEU A 379 22.27 30.00 1.38
CA LEU A 379 23.49 29.88 0.60
C LEU A 379 24.59 30.79 1.15
N ASP A 380 24.22 31.86 1.84
CA ASP A 380 25.20 32.71 2.50
C ASP A 380 25.75 32.05 3.77
N ARG A 381 24.98 31.14 4.36
CA ARG A 381 25.43 30.40 5.54
C ARG A 381 26.26 29.17 5.17
N ILE A 382 26.27 28.77 3.90
CA ILE A 382 27.04 27.60 3.48
C ILE A 382 28.48 28.05 3.26
N ASP A 383 29.42 27.36 3.92
CA ASP A 383 30.78 27.86 3.99
C ASP A 383 31.51 27.74 2.65
N MET A 384 31.14 26.78 1.82
CA MET A 384 31.93 26.46 0.64
C MET A 384 31.04 26.15 -0.55
N GLN A 385 31.63 26.22 -1.74
CA GLN A 385 30.97 25.83 -2.97
C GLN A 385 32.03 25.33 -3.95
N VAL A 386 31.92 24.08 -4.36
CA VAL A 386 32.86 23.45 -5.28
C VAL A 386 32.09 22.92 -6.48
N THR A 387 32.58 23.23 -7.68
CA THR A 387 31.90 22.85 -8.91
C THR A 387 32.38 21.47 -9.34
N ILE A 388 31.48 20.48 -9.31
CA ILE A 388 31.80 19.12 -9.71
C ILE A 388 31.76 19.07 -11.23
N HIS A 389 32.92 19.15 -11.87
CA HIS A 389 33.00 19.01 -13.31
C HIS A 389 32.72 17.57 -13.73
N ALA A 390 32.12 17.41 -14.90
CA ALA A 390 31.85 16.08 -15.42
C ALA A 390 33.16 15.31 -15.57
N LEU A 391 33.13 14.04 -15.18
CA LEU A 391 34.33 13.22 -15.20
C LEU A 391 34.77 12.99 -16.64
N SER A 392 36.06 13.17 -16.91
CA SER A 392 36.58 13.07 -18.27
C SER A 392 36.74 11.60 -18.69
N GLN A 393 36.79 11.40 -20.00
CA GLN A 393 36.83 10.04 -20.54
C GLN A 393 38.08 9.29 -20.10
N GLU A 394 39.22 9.97 -20.09
CA GLU A 394 40.47 9.28 -19.75
C GLU A 394 40.42 8.71 -18.34
N GLU A 395 39.84 9.46 -17.40
CA GLU A 395 39.71 9.00 -16.03
C GLU A 395 38.45 8.17 -15.81
N LEU A 396 37.59 8.06 -16.83
CA LEU A 396 36.38 7.25 -16.74
C LEU A 396 36.64 5.81 -17.21
N ILE A 397 37.23 5.67 -18.40
CA ILE A 397 37.54 4.34 -18.91
C ILE A 397 38.65 3.69 -18.10
N LYS A 398 39.64 4.48 -17.69
CA LYS A 398 40.80 3.92 -17.00
C LYS A 398 40.34 3.21 -15.73
N PRO A 399 40.72 1.95 -15.52
CA PRO A 399 40.31 1.26 -14.29
C PRO A 399 40.94 1.89 -13.06
N ASN A 400 40.54 1.37 -11.90
CA ASN A 400 41.12 1.83 -10.64
C ASN A 400 42.52 1.25 -10.48
N THR A 401 43.44 1.67 -11.35
CA THR A 401 44.80 1.16 -11.28
C THR A 401 45.45 1.46 -9.92
N HIS A 402 45.08 2.57 -9.30
CA HIS A 402 45.50 2.90 -7.95
C HIS A 402 44.30 2.82 -7.04
N LEU A 403 44.36 1.93 -6.04
CA LEU A 403 43.20 1.65 -5.20
C LEU A 403 43.58 1.51 -3.73
N GLU A 404 44.70 2.09 -3.30
CA GLU A 404 45.09 1.99 -1.91
C GLU A 404 44.08 2.72 -1.03
N LYS A 405 43.75 2.11 0.10
CA LYS A 405 42.79 2.71 1.02
C LYS A 405 43.30 4.08 1.46
N GLN A 406 42.44 5.09 1.30
CA GLN A 406 42.73 6.43 1.79
C GLN A 406 41.82 6.86 2.93
N SER A 407 40.70 6.17 3.14
CA SER A 407 39.76 6.59 4.17
C SER A 407 40.40 6.58 5.55
N LEU A 408 41.20 5.56 5.85
CA LEU A 408 41.82 5.48 7.17
C LEU A 408 42.83 6.61 7.36
N ALA A 409 43.70 6.84 6.38
CA ALA A 409 44.71 7.88 6.52
C ALA A 409 44.06 9.25 6.64
N ILE A 410 43.06 9.53 5.80
CA ILE A 410 42.41 10.83 5.85
C ILE A 410 41.65 10.99 7.16
N ARG A 411 41.05 9.90 7.64
CA ARG A 411 40.35 9.98 8.92
C ARG A 411 41.32 10.26 10.05
N GLU A 412 42.52 9.67 10.01
CA GLU A 412 43.55 10.01 10.98
C GLU A 412 43.93 11.49 10.87
N LYS A 413 44.08 11.98 9.65
CA LYS A 413 44.39 13.39 9.46
C LYS A 413 43.33 14.29 10.10
N VAL A 414 42.05 13.98 9.86
CA VAL A 414 41.00 14.85 10.40
C VAL A 414 40.94 14.72 11.92
N THR A 415 41.17 13.53 12.46
CA THR A 415 41.23 13.41 13.91
C THR A 415 42.29 14.32 14.49
N LYS A 416 43.50 14.27 13.92
CA LYS A 416 44.57 15.14 14.41
C LYS A 416 44.20 16.61 14.22
N MET A 417 43.63 16.95 13.06
CA MET A 417 43.31 18.33 12.77
C MET A 417 42.26 18.86 13.74
N HIS A 418 41.23 18.07 14.02
CA HIS A 418 40.24 18.47 15.01
C HIS A 418 40.89 18.63 16.37
N GLU A 419 41.70 17.65 16.79
CA GLU A 419 42.31 17.70 18.12
C GLU A 419 43.12 18.98 18.28
N ILE A 420 43.94 19.31 17.28
CA ILE A 420 44.68 20.58 17.33
C ILE A 420 43.72 21.75 17.33
N GLN A 421 42.62 21.64 16.58
CA GLN A 421 41.71 22.75 16.40
C GLN A 421 41.02 23.16 17.71
N MET A 422 40.89 22.23 18.66
CA MET A 422 40.25 22.57 19.92
C MET A 422 41.15 23.41 20.82
N ALA A 423 42.43 23.55 20.48
CA ALA A 423 43.35 24.30 21.33
C ALA A 423 42.92 25.75 21.48
N ARG A 424 42.93 26.50 20.38
CA ARG A 424 42.53 27.91 20.46
C ARG A 424 41.09 28.03 20.95
N GLN A 425 40.19 27.24 20.36
CA GLN A 425 38.81 27.17 20.82
C GLN A 425 38.26 25.79 20.49
N ASP A 426 37.53 25.21 21.43
CA ASP A 426 36.98 23.88 21.22
C ASP A 426 36.09 23.85 19.98
N SER A 427 35.37 24.94 19.73
CA SER A 427 34.51 25.01 18.55
C SER A 427 35.36 24.92 17.28
N LEU A 428 34.83 24.22 16.29
CA LEU A 428 35.54 24.09 15.02
C LEU A 428 35.50 25.40 14.25
N ASN A 429 36.52 25.60 13.41
CA ASN A 429 36.71 26.89 12.75
C ASN A 429 35.46 27.41 12.06
N ALA A 430 34.50 26.53 11.74
CA ALA A 430 33.24 27.01 11.19
C ALA A 430 32.40 27.71 12.24
N ASN A 431 32.47 27.25 13.49
CA ASN A 431 31.74 27.87 14.60
C ASN A 431 32.66 28.81 15.37
N LEU A 432 33.13 29.85 14.67
CA LEU A 432 34.06 30.81 15.22
C LEU A 432 33.65 32.21 14.78
N ASN A 433 33.67 33.16 15.71
CA ASN A 433 33.05 34.47 15.54
C ASN A 433 34.08 35.54 15.21
N SER A 434 33.64 36.81 15.26
CA SER A 434 34.47 37.95 14.87
C SER A 434 35.68 38.15 15.79
N LYS A 435 35.84 37.35 16.83
CA LYS A 435 37.12 37.23 17.51
C LYS A 435 38.02 36.22 16.85
N THR A 436 37.61 35.69 15.72
CA THR A 436 38.34 34.67 14.97
C THR A 436 38.58 35.06 13.52
N CYS A 437 37.59 35.67 12.86
CA CYS A 437 37.84 36.27 11.56
C CYS A 437 38.93 37.34 11.66
N GLU A 438 39.00 38.01 12.80
CA GLU A 438 40.11 38.86 13.16
C GLU A 438 40.66 38.37 14.51
N MET A 439 41.96 38.07 14.54
CA MET A 439 42.69 37.60 15.72
C MET A 439 43.15 36.17 15.53
N VAL A 440 42.29 35.19 15.84
CA VAL A 440 42.68 33.78 15.74
C VAL A 440 43.38 33.52 14.42
N CYS A 441 42.76 33.96 13.33
CA CYS A 441 43.42 33.97 12.03
C CYS A 441 44.45 35.10 12.05
N GLU A 442 45.70 34.75 12.33
CA GLU A 442 46.72 35.75 12.57
C GLU A 442 47.12 36.42 11.26
N LEU A 443 46.23 37.24 10.72
CA LEU A 443 46.50 37.93 9.46
C LEU A 443 47.70 38.86 9.63
N GLY A 444 48.68 38.70 8.75
CA GLY A 444 49.86 39.54 8.75
C GLY A 444 49.67 40.78 7.90
N SER A 445 50.79 41.49 7.69
CA SER A 445 50.75 42.71 6.89
C SER A 445 50.57 42.38 5.41
N GLU A 446 51.53 41.65 4.83
CA GLU A 446 51.43 41.28 3.42
C GLU A 446 50.10 40.61 3.12
N GLU A 447 49.65 39.74 4.02
CA GLU A 447 48.33 39.14 3.85
C GLU A 447 47.25 40.21 3.90
N GLN A 448 47.43 41.23 4.75
CA GLN A 448 46.46 42.31 4.82
C GLN A 448 46.34 43.03 3.48
N LEU A 449 47.47 43.37 2.87
CA LEU A 449 47.43 44.05 1.57
C LEU A 449 46.84 43.16 0.49
N PHE A 450 47.20 41.87 0.48
CA PHE A 450 46.62 40.97 -0.51
C PHE A 450 45.12 40.88 -0.35
N LEU A 451 44.64 40.75 0.89
CA LEU A 451 43.20 40.71 1.13
C LEU A 451 42.55 42.02 0.71
N ARG A 452 43.19 43.15 0.99
CA ARG A 452 42.65 44.43 0.56
C ARG A 452 42.45 44.45 -0.95
N GLU A 453 43.50 44.07 -1.69
CA GLU A 453 43.41 44.10 -3.15
C GLU A 453 42.30 43.18 -3.66
N VAL A 454 42.31 41.92 -3.21
CA VAL A 454 41.34 40.95 -3.74
C VAL A 454 39.92 41.36 -3.36
N MET A 455 39.71 41.84 -2.13
CA MET A 455 38.39 42.28 -1.72
C MET A 455 37.93 43.45 -2.58
N SER A 456 38.77 44.49 -2.70
CA SER A 456 38.38 45.65 -3.50
C SER A 456 38.04 45.25 -4.92
N LYS A 457 38.82 44.32 -5.50
CA LYS A 457 38.52 43.84 -6.84
C LYS A 457 37.21 43.04 -6.84
N LEU A 458 36.99 42.21 -5.83
CA LEU A 458 35.84 41.31 -5.79
C LEU A 458 34.64 42.00 -5.16
N LYS A 459 33.47 41.79 -5.77
CA LYS A 459 32.21 42.33 -5.24
C LYS A 459 31.61 41.30 -4.29
N LEU A 460 31.96 41.41 -3.02
CA LEU A 460 31.54 40.47 -1.99
C LEU A 460 30.87 41.24 -0.86
N SER A 461 29.91 40.58 -0.21
CA SER A 461 29.24 41.17 0.93
C SER A 461 30.15 41.17 2.16
N ALA A 462 29.70 41.84 3.21
CA ALA A 462 30.49 41.87 4.44
C ALA A 462 30.67 40.46 5.00
N ARG A 463 29.60 39.66 5.03
CA ARG A 463 29.76 38.25 5.34
C ARG A 463 30.63 37.56 4.31
N GLY A 464 30.78 38.15 3.12
CA GLY A 464 31.74 37.64 2.16
C GLY A 464 33.16 37.65 2.71
N TYR A 465 33.55 38.72 3.38
CA TYR A 465 34.87 38.75 4.01
C TYR A 465 35.03 37.60 5.00
N HIS A 466 34.03 37.42 5.86
CA HIS A 466 34.02 36.24 6.70
C HIS A 466 33.74 35.01 5.86
N ARG A 467 34.00 33.84 6.44
CA ARG A 467 33.91 32.53 5.80
C ARG A 467 35.02 32.29 4.79
N LEU A 468 35.95 33.24 4.61
CA LEU A 468 37.29 32.94 4.12
C LEU A 468 38.29 32.80 5.24
N LEU A 469 38.19 33.65 6.26
CA LEU A 469 39.13 33.57 7.38
C LEU A 469 39.03 32.20 8.04
N LYS A 470 37.82 31.65 8.15
CA LYS A 470 37.66 30.32 8.71
C LYS A 470 38.20 29.25 7.76
N VAL A 471 37.87 29.34 6.47
CA VAL A 471 38.39 28.39 5.50
C VAL A 471 39.90 28.49 5.41
N SER A 472 40.43 29.72 5.33
CA SER A 472 41.87 29.90 5.28
C SER A 472 42.53 29.36 6.54
N ARG A 473 41.90 29.55 7.69
CA ARG A 473 42.42 28.99 8.93
C ARG A 473 42.45 27.48 8.87
N THR A 474 41.40 26.87 8.31
CA THR A 474 41.37 25.42 8.18
C THR A 474 42.52 24.93 7.31
N ILE A 475 42.72 25.57 6.15
CA ILE A 475 43.80 25.16 5.26
C ILE A 475 45.15 25.33 5.96
N ALA A 476 45.34 26.47 6.64
CA ALA A 476 46.58 26.69 7.36
C ALA A 476 46.80 25.60 8.41
N ASP A 477 45.74 25.23 9.12
CA ASP A 477 45.86 24.19 10.14
C ASP A 477 46.29 22.88 9.50
N MET A 478 45.74 22.56 8.32
CA MET A 478 46.22 21.38 7.60
C MET A 478 47.67 21.52 7.21
N ASN A 479 48.12 22.74 6.94
CA ASN A 479 49.51 23.00 6.60
C ASN A 479 50.37 23.23 7.85
N SER A 480 49.79 23.16 9.04
CA SER A 480 50.55 23.28 10.28
C SER A 480 51.32 24.60 10.34
N SER A 481 50.68 25.67 9.88
CA SER A 481 51.27 27.00 9.92
C SER A 481 50.64 27.79 11.06
N LYS A 482 51.50 28.45 11.86
CA LYS A 482 51.01 29.25 12.97
C LYS A 482 50.04 30.31 12.48
N LYS A 483 50.27 30.85 11.28
CA LYS A 483 49.43 31.90 10.72
C LYS A 483 49.25 31.65 9.24
N VAL A 484 48.24 32.33 8.66
CA VAL A 484 48.00 32.24 7.23
C VAL A 484 49.18 32.88 6.49
N LEU A 485 49.65 32.18 5.44
CA LEU A 485 50.87 32.55 4.74
C LEU A 485 50.63 33.23 3.40
N LEU A 486 49.42 33.71 3.14
CA LEU A 486 49.01 34.39 1.92
C LEU A 486 48.82 33.39 0.77
N ASN A 487 49.19 32.12 0.93
CA ASN A 487 48.85 31.07 -0.01
C ASN A 487 47.62 30.29 0.41
N HIS A 488 47.43 30.13 1.71
CA HIS A 488 46.21 29.49 2.19
C HIS A 488 44.99 30.33 1.82
N LEU A 489 45.09 31.66 1.91
CA LEU A 489 44.02 32.51 1.44
C LEU A 489 43.80 32.33 -0.07
N GLN A 490 44.89 32.17 -0.82
CA GLN A 490 44.77 31.94 -2.25
C GLN A 490 43.97 30.68 -2.53
N GLN A 491 44.28 29.60 -1.81
CA GLN A 491 43.50 28.36 -1.96
C GLN A 491 42.05 28.58 -1.55
N ALA A 492 41.83 29.28 -0.45
CA ALA A 492 40.47 29.46 0.07
C ALA A 492 39.60 30.22 -0.93
N LEU A 493 40.16 31.24 -1.58
CA LEU A 493 39.37 32.03 -2.51
C LEU A 493 38.70 31.15 -3.56
N SER A 494 39.37 30.07 -3.97
CA SER A 494 38.84 29.23 -5.03
C SER A 494 37.59 28.47 -4.62
N TYR A 495 37.34 28.31 -3.31
CA TYR A 495 36.16 27.60 -2.83
C TYR A 495 34.99 28.53 -2.54
N LYS A 496 35.22 29.83 -2.43
CA LYS A 496 34.16 30.80 -2.25
C LYS A 496 33.53 31.12 -3.60
N GLN A 497 32.80 32.23 -3.68
CA GLN A 497 31.99 32.56 -4.85
C GLN A 497 30.74 31.70 -4.84
N ASN A 498 29.83 31.92 -5.78
CA ASN A 498 28.57 31.19 -5.77
C ASN A 498 28.00 31.19 -7.19
N LEU A 499 27.07 30.27 -7.41
CA LEU A 499 26.37 30.18 -8.69
C LEU A 499 27.34 29.99 -9.85
N HIS A 500 26.83 30.02 -11.06
CA HIS A 500 27.66 29.88 -12.26
C HIS A 500 28.68 31.02 -12.33
N MET B 1 -3.02 -23.70 39.67
CA MET B 1 -3.16 -22.23 39.63
C MET B 1 -4.26 -21.82 38.65
N SER B 2 -4.58 -20.53 38.64
CA SER B 2 -5.62 -19.97 37.76
C SER B 2 -5.02 -18.91 36.86
N LEU B 3 -3.84 -19.18 36.30
CA LEU B 3 -3.15 -18.28 35.40
C LEU B 3 -2.77 -19.04 34.15
N ALA B 4 -3.14 -18.51 32.99
CA ALA B 4 -2.90 -19.17 31.71
C ALA B 4 -2.33 -18.17 30.71
N PHE B 5 -1.49 -18.68 29.81
CA PHE B 5 -0.89 -17.88 28.75
C PHE B 5 -1.22 -18.50 27.41
N THR B 6 -1.52 -17.65 26.43
CA THR B 6 -1.81 -18.08 25.07
C THR B 6 -1.09 -17.14 24.11
N LYS B 7 -1.00 -17.55 22.85
CA LYS B 7 -0.34 -16.76 21.82
C LYS B 7 -1.26 -16.58 20.63
N THR B 8 -1.11 -15.42 19.98
CA THR B 8 -1.82 -15.10 18.75
C THR B 8 -1.01 -14.03 18.03
N ARG B 9 -1.61 -13.41 17.02
CA ARG B 9 -0.91 -12.40 16.25
C ARG B 9 -1.90 -11.34 15.78
N SER B 10 -1.50 -10.08 15.90
CA SER B 10 -2.29 -8.95 15.45
C SER B 10 -1.61 -8.34 14.23
N THR B 11 -2.39 -8.11 13.18
CA THR B 11 -1.86 -7.63 11.90
C THR B 11 -2.06 -6.12 11.81
N ILE B 12 -0.95 -5.39 11.84
CA ILE B 12 -0.95 -3.95 11.58
C ILE B 12 -0.12 -3.72 10.33
N GLY B 13 -0.77 -3.17 9.30
CA GLY B 13 -0.10 -3.00 8.02
C GLY B 13 0.16 -4.32 7.33
N ILE B 14 1.43 -4.69 7.22
CA ILE B 14 1.82 -5.96 6.59
C ILE B 14 2.44 -6.92 7.60
N VAL B 15 2.77 -6.47 8.80
CA VAL B 15 3.44 -7.30 9.80
C VAL B 15 2.41 -7.81 10.78
N ALA B 16 2.65 -9.02 11.29
CA ALA B 16 1.80 -9.67 12.29
C ALA B 16 2.56 -9.67 13.61
N GLN B 17 2.38 -8.60 14.39
CA GLN B 17 3.09 -8.45 15.65
C GLN B 17 2.63 -9.53 16.63
N PRO B 18 3.53 -10.32 17.21
CA PRO B 18 3.09 -11.35 18.16
C PRO B 18 2.37 -10.73 19.34
N VAL B 19 1.35 -11.43 19.83
CA VAL B 19 0.56 -11.00 20.97
C VAL B 19 0.57 -12.12 22.00
N SER B 20 0.47 -11.73 23.27
CA SER B 20 0.52 -12.66 24.39
C SER B 20 -0.76 -12.47 25.21
N VAL B 21 -1.77 -13.28 24.90
CA VAL B 21 -3.02 -13.22 25.66
C VAL B 21 -2.81 -13.86 27.02
N GLU B 22 -3.06 -13.10 28.07
CA GLU B 22 -2.85 -13.55 29.44
C GLU B 22 -4.17 -13.46 30.20
N VAL B 23 -4.62 -14.60 30.73
CA VAL B 23 -5.88 -14.68 31.46
C VAL B 23 -5.58 -15.05 32.90
N HIS B 24 -6.21 -14.36 33.84
CA HIS B 24 -6.01 -14.60 35.27
C HIS B 24 -7.37 -14.55 35.94
N LEU B 25 -7.83 -15.72 36.42
CA LEU B 25 -9.11 -15.82 37.08
C LEU B 25 -8.92 -15.59 38.58
N SER B 26 -9.35 -14.43 39.06
CA SER B 26 -9.23 -14.10 40.48
C SER B 26 -10.36 -14.74 41.26
N ASN B 27 -10.54 -14.35 42.52
CA ASN B 27 -11.51 -14.98 43.41
C ASN B 27 -12.73 -14.09 43.69
N GLY B 28 -12.85 -12.93 43.07
CA GLY B 28 -13.92 -12.01 43.39
C GLY B 28 -15.25 -12.36 42.74
N LEU B 29 -15.96 -11.35 42.27
CA LEU B 29 -17.25 -11.48 41.63
C LEU B 29 -17.11 -11.51 40.12
N PRO B 30 -18.16 -11.90 39.39
CA PRO B 30 -18.08 -11.95 37.93
C PRO B 30 -17.60 -10.65 37.30
N SER B 31 -16.45 -10.71 36.64
CA SER B 31 -15.95 -9.58 35.88
C SER B 31 -15.11 -10.10 34.72
N PHE B 32 -14.97 -9.28 33.69
CA PHE B 32 -14.27 -9.70 32.47
C PHE B 32 -13.39 -8.57 31.97
N THR B 33 -12.62 -7.94 32.86
CA THR B 33 -11.72 -6.87 32.43
C THR B 33 -10.82 -7.34 31.30
N MET B 34 -10.56 -6.45 30.34
CA MET B 34 -9.86 -6.78 29.11
C MET B 34 -8.77 -5.75 28.83
N VAL B 35 -7.89 -5.54 29.80
CA VAL B 35 -6.86 -4.51 29.69
C VAL B 35 -6.01 -4.82 28.47
N GLY B 36 -5.24 -3.83 28.01
CA GLY B 36 -4.65 -3.89 26.69
C GLY B 36 -5.52 -3.14 25.70
N LEU B 37 -4.90 -2.36 24.82
CA LEU B 37 -5.63 -1.37 24.02
C LEU B 37 -6.40 -2.06 22.88
N ALA B 38 -7.44 -2.79 23.29
CA ALA B 38 -8.39 -3.33 22.33
C ALA B 38 -9.43 -2.27 22.00
N GLU B 39 -9.88 -2.24 20.73
CA GLU B 39 -10.87 -1.27 20.29
C GLU B 39 -12.26 -1.88 20.16
N THR B 40 -12.41 -2.93 19.35
CA THR B 40 -13.70 -3.57 19.14
C THR B 40 -13.79 -4.95 19.76
N ALA B 41 -12.68 -5.52 20.21
CA ALA B 41 -12.72 -6.76 20.95
C ALA B 41 -13.02 -6.56 22.42
N VAL B 42 -13.08 -5.31 22.89
CA VAL B 42 -13.20 -5.02 24.31
C VAL B 42 -14.48 -5.64 24.85
N LYS B 43 -15.62 -5.14 24.39
CA LYS B 43 -16.91 -5.52 24.95
C LYS B 43 -17.67 -6.50 24.07
N GLU B 44 -17.12 -6.83 22.89
CA GLU B 44 -17.74 -7.77 21.98
C GLU B 44 -17.18 -9.18 22.14
N SER B 45 -15.86 -9.31 22.24
CA SER B 45 -15.27 -10.63 22.43
C SER B 45 -15.74 -11.27 23.73
N LYS B 46 -16.09 -10.46 24.72
CA LYS B 46 -16.52 -11.00 26.00
C LYS B 46 -17.70 -11.94 25.83
N ASP B 47 -18.78 -11.44 25.21
CA ASP B 47 -20.02 -12.21 25.13
C ASP B 47 -19.87 -13.37 24.15
N ARG B 48 -19.18 -13.14 23.03
CA ARG B 48 -18.97 -14.23 22.08
C ARG B 48 -18.20 -15.37 22.72
N VAL B 49 -17.14 -15.04 23.45
CA VAL B 49 -16.34 -16.07 24.11
C VAL B 49 -17.19 -16.78 25.16
N ARG B 50 -17.94 -16.03 25.96
CA ARG B 50 -18.76 -16.65 26.99
C ARG B 50 -19.74 -17.64 26.39
N SER B 51 -20.48 -17.21 25.37
CA SER B 51 -21.49 -18.09 24.76
C SER B 51 -20.84 -19.28 24.08
N ALA B 52 -19.73 -19.08 23.39
CA ALA B 52 -19.07 -20.18 22.72
C ALA B 52 -18.58 -21.22 23.72
N ILE B 53 -18.03 -20.76 24.85
CA ILE B 53 -17.58 -21.71 25.87
C ILE B 53 -18.76 -22.45 26.46
N ILE B 54 -19.84 -21.73 26.79
CA ILE B 54 -20.98 -22.37 27.44
C ILE B 54 -21.60 -23.41 26.51
N ASN B 55 -21.77 -23.08 25.23
CA ASN B 55 -22.47 -23.95 24.31
C ASN B 55 -21.66 -25.17 23.91
N SER B 56 -20.34 -25.14 24.08
CA SER B 56 -19.49 -26.28 23.75
C SER B 56 -19.37 -27.26 24.91
N GLN B 57 -20.30 -27.24 25.86
CA GLN B 57 -20.28 -28.10 27.02
C GLN B 57 -18.99 -27.89 27.83
N PHE B 58 -18.82 -26.66 28.30
CA PHE B 58 -17.69 -26.28 29.11
C PHE B 58 -18.18 -25.43 30.27
N GLU B 59 -17.38 -25.41 31.34
CA GLU B 59 -17.68 -24.57 32.50
C GLU B 59 -17.08 -23.19 32.27
N PHE B 60 -17.93 -22.17 32.39
CA PHE B 60 -17.45 -20.79 32.31
C PHE B 60 -17.18 -20.30 33.72
N PRO B 61 -15.97 -19.85 34.05
CA PRO B 61 -15.67 -19.50 35.44
C PRO B 61 -16.64 -18.46 35.98
N CYS B 62 -17.14 -18.71 37.19
CA CYS B 62 -17.95 -17.72 37.91
C CYS B 62 -17.05 -16.88 38.82
N ARG B 63 -16.00 -16.32 38.24
CA ARG B 63 -14.98 -15.59 38.99
C ARG B 63 -14.74 -14.23 38.36
N LYS B 64 -13.76 -13.50 38.86
CA LYS B 64 -13.31 -12.27 38.22
C LYS B 64 -12.27 -12.62 37.16
N ILE B 65 -12.61 -12.38 35.90
CA ILE B 65 -11.77 -12.73 34.78
C ILE B 65 -11.04 -11.48 34.31
N THR B 66 -9.71 -11.54 34.30
CA THR B 66 -8.87 -10.47 33.82
C THR B 66 -8.08 -10.96 32.61
N VAL B 67 -8.25 -10.30 31.47
CA VAL B 67 -7.57 -10.66 30.23
C VAL B 67 -6.67 -9.50 29.85
N ASN B 68 -5.39 -9.78 29.69
CA ASN B 68 -4.40 -8.78 29.29
C ASN B 68 -3.77 -9.22 27.98
N LEU B 69 -3.90 -8.39 26.95
CA LEU B 69 -3.48 -8.75 25.60
C LEU B 69 -2.10 -8.15 25.32
N GLY B 70 -1.10 -9.02 25.21
CA GLY B 70 0.18 -8.65 24.65
C GLY B 70 0.74 -7.35 25.18
N PRO B 71 1.59 -6.70 24.38
CA PRO B 71 2.16 -5.42 24.81
C PRO B 71 1.08 -4.40 25.14
N ALA B 72 1.28 -3.68 26.24
CA ALA B 72 0.28 -2.71 26.66
C ALA B 72 0.16 -1.57 25.67
N ASN B 73 1.29 -1.05 25.18
CA ASN B 73 1.29 0.11 24.29
C ASN B 73 1.24 -0.33 22.82
N LEU B 74 0.20 -1.09 22.49
CA LEU B 74 0.01 -1.61 21.15
C LEU B 74 -1.48 -1.80 20.93
N PRO B 75 -2.14 -0.90 20.20
CA PRO B 75 -3.56 -1.11 19.90
C PRO B 75 -3.75 -2.42 19.15
N LYS B 76 -4.83 -3.14 19.48
CA LYS B 76 -5.10 -4.45 18.93
C LYS B 76 -6.45 -4.40 18.22
N THR B 77 -6.45 -4.78 16.94
CA THR B 77 -7.50 -4.41 16.01
C THR B 77 -8.43 -5.55 15.66
N GLY B 78 -7.88 -6.66 15.16
CA GLY B 78 -8.70 -7.72 14.59
C GLY B 78 -9.69 -8.30 15.57
N SER B 79 -10.59 -9.13 15.03
CA SER B 79 -11.58 -9.85 15.82
C SER B 79 -11.22 -11.31 16.01
N GLY B 80 -9.97 -11.69 15.74
CA GLY B 80 -9.56 -13.07 15.84
C GLY B 80 -9.04 -13.45 17.22
N PHE B 81 -9.35 -12.64 18.22
CA PHE B 81 -8.89 -12.87 19.58
C PHE B 81 -9.88 -13.69 20.41
N ASP B 82 -10.96 -14.19 19.80
CA ASP B 82 -11.91 -14.98 20.56
C ASP B 82 -11.39 -16.38 20.86
N LEU B 83 -10.73 -17.00 19.90
CA LEU B 83 -10.19 -18.34 20.14
C LEU B 83 -9.06 -18.32 21.16
N PRO B 84 -8.05 -17.46 21.03
CA PRO B 84 -7.02 -17.42 22.09
C PRO B 84 -7.59 -17.13 23.45
N ILE B 85 -8.58 -16.23 23.56
CA ILE B 85 -9.13 -15.89 24.85
C ILE B 85 -9.92 -17.06 25.43
N ALA B 86 -10.71 -17.74 24.59
CA ALA B 86 -11.47 -18.89 25.07
C ALA B 86 -10.53 -19.99 25.56
N LEU B 87 -9.49 -20.28 24.79
CA LEU B 87 -8.55 -21.30 25.21
C LEU B 87 -7.80 -20.88 26.47
N GLY B 88 -7.50 -19.58 26.60
CA GLY B 88 -6.87 -19.11 27.83
C GLY B 88 -7.77 -19.28 29.04
N ILE B 89 -9.06 -18.99 28.88
CA ILE B 89 -10.00 -19.17 29.99
C ILE B 89 -10.07 -20.65 30.36
N LEU B 90 -10.19 -21.53 29.37
CA LEU B 90 -10.25 -22.96 29.66
C LEU B 90 -8.98 -23.43 30.37
N ALA B 91 -7.82 -23.00 29.88
CA ALA B 91 -6.58 -23.40 30.51
C ALA B 91 -6.49 -22.89 31.95
N ALA B 92 -6.86 -21.63 32.17
CA ALA B 92 -6.80 -21.07 33.51
C ALA B 92 -7.78 -21.76 34.45
N SER B 93 -8.88 -22.27 33.92
CA SER B 93 -9.86 -22.99 34.72
C SER B 93 -9.53 -24.48 34.84
N GLU B 94 -8.40 -24.91 34.29
CA GLU B 94 -7.90 -26.28 34.35
C GLU B 94 -8.70 -27.24 33.47
N GLN B 95 -9.73 -26.78 32.78
CA GLN B 95 -10.47 -27.66 31.88
C GLN B 95 -9.62 -28.11 30.69
N ILE B 96 -8.52 -27.42 30.42
CA ILE B 96 -7.54 -27.88 29.44
C ILE B 96 -6.21 -28.05 30.15
N PRO B 97 -5.41 -29.07 29.83
CA PRO B 97 -4.04 -29.12 30.36
C PRO B 97 -3.18 -28.07 29.68
N LEU B 98 -2.70 -27.11 30.45
CA LEU B 98 -1.98 -25.98 29.89
C LEU B 98 -0.53 -26.33 29.54
N THR B 99 -0.06 -27.53 29.86
CA THR B 99 1.29 -27.93 29.49
C THR B 99 1.44 -28.15 27.99
N ASN B 100 0.35 -28.19 27.23
CA ASN B 100 0.39 -28.42 25.80
C ASN B 100 0.08 -27.16 25.00
N LEU B 101 0.00 -26.00 25.64
CA LEU B 101 -0.31 -24.74 24.97
C LEU B 101 0.93 -23.98 24.54
N ALA B 102 2.13 -24.52 24.78
CA ALA B 102 3.35 -23.75 24.59
C ALA B 102 3.65 -23.53 23.11
N ASN B 103 3.55 -24.57 22.30
CA ASN B 103 4.05 -24.54 20.93
C ASN B 103 3.02 -24.10 19.91
N HIS B 104 1.77 -23.89 20.30
CA HIS B 104 0.69 -23.62 19.36
C HIS B 104 0.23 -22.17 19.45
N GLU B 105 0.02 -21.56 18.28
CA GLU B 105 -0.73 -20.32 18.18
C GLU B 105 -2.21 -20.62 17.94
N PHE B 106 -3.03 -19.59 18.00
CA PHE B 106 -4.45 -19.75 17.72
C PHE B 106 -4.98 -18.46 17.11
N ILE B 107 -5.81 -18.59 16.08
CA ILE B 107 -6.45 -17.46 15.43
C ILE B 107 -7.85 -17.88 15.00
N GLY B 108 -8.81 -17.01 15.19
CA GLY B 108 -10.18 -17.27 14.80
C GLY B 108 -11.15 -16.50 15.67
N GLU B 109 -12.37 -16.37 15.17
CA GLU B 109 -13.45 -15.71 15.88
C GLU B 109 -14.59 -16.69 16.08
N LEU B 110 -15.17 -16.69 17.27
CA LEU B 110 -16.16 -17.69 17.67
C LEU B 110 -17.57 -17.11 17.51
N ALA B 111 -18.45 -17.90 16.91
CA ALA B 111 -19.88 -17.58 16.92
C ALA B 111 -20.47 -17.95 18.27
N LEU B 112 -21.78 -17.81 18.40
CA LEU B 112 -22.45 -18.16 19.64
C LEU B 112 -22.68 -19.66 19.78
N SER B 113 -22.49 -20.43 18.73
CA SER B 113 -22.65 -21.87 18.78
C SER B 113 -21.36 -22.61 19.11
N GLY B 114 -20.25 -21.89 19.29
CA GLY B 114 -18.95 -22.50 19.40
C GLY B 114 -18.27 -22.71 18.07
N GLU B 115 -18.94 -22.45 16.95
CA GLU B 115 -18.34 -22.59 15.64
C GLU B 115 -17.27 -21.50 15.43
N LEU B 116 -16.35 -21.79 14.52
CA LEU B 116 -15.23 -20.91 14.23
C LEU B 116 -15.43 -20.30 12.85
N ARG B 117 -15.66 -18.99 12.80
CA ARG B 117 -15.72 -18.28 11.54
C ARG B 117 -14.31 -17.95 11.08
N GLY B 118 -14.19 -17.30 9.92
CA GLY B 118 -12.91 -17.02 9.30
C GLY B 118 -12.56 -15.54 9.40
N VAL B 119 -11.38 -15.27 9.97
CA VAL B 119 -10.85 -13.92 10.04
C VAL B 119 -10.14 -13.60 8.73
N SER B 120 -9.82 -12.33 8.52
CA SER B 120 -9.17 -11.87 7.30
C SER B 120 -7.67 -11.70 7.51
N ALA B 121 -6.92 -11.71 6.40
CA ALA B 121 -5.49 -11.45 6.41
C ALA B 121 -4.77 -12.44 7.31
N ILE B 122 -4.83 -13.71 6.90
CA ILE B 122 -4.38 -14.82 7.74
C ILE B 122 -2.99 -15.31 7.35
N ILE B 123 -2.64 -15.21 6.08
CA ILE B 123 -1.38 -15.79 5.60
C ILE B 123 -0.19 -15.14 6.31
N PRO B 124 -0.18 -13.83 6.57
CA PRO B 124 0.92 -13.29 7.37
C PRO B 124 1.10 -14.01 8.69
N ALA B 125 -0.02 -14.37 9.34
CA ALA B 125 0.07 -15.13 10.58
C ALA B 125 0.70 -16.49 10.35
N VAL B 126 0.34 -17.16 9.25
CA VAL B 126 0.94 -18.46 8.96
C VAL B 126 2.44 -18.32 8.75
N LEU B 127 2.86 -17.30 8.00
CA LEU B 127 4.28 -17.05 7.80
C LEU B 127 4.99 -16.88 9.13
N ALA B 128 4.46 -15.99 9.98
CA ALA B 128 5.10 -15.73 11.26
C ALA B 128 5.15 -16.99 12.12
N ALA B 129 4.06 -17.75 12.16
CA ALA B 129 4.01 -18.94 12.99
C ALA B 129 5.03 -19.97 12.54
N HIS B 130 5.12 -20.20 11.23
CA HIS B 130 6.11 -21.17 10.74
C HIS B 130 7.53 -20.68 11.00
N LYS B 131 7.76 -19.37 10.84
CA LYS B 131 9.09 -18.83 11.11
C LYS B 131 9.52 -19.14 12.54
N ASP B 132 8.58 -19.09 13.48
CA ASP B 132 8.87 -19.33 14.89
C ASP B 132 8.71 -20.78 15.29
N ASN B 133 8.38 -21.67 14.36
CA ASN B 133 8.23 -23.10 14.65
C ASN B 133 7.10 -23.33 15.65
N GLN B 134 5.94 -22.74 15.36
CA GLN B 134 4.74 -22.87 16.17
C GLN B 134 3.62 -23.48 15.35
N HIS B 135 2.84 -24.35 15.98
CA HIS B 135 1.62 -24.83 15.36
C HIS B 135 0.60 -23.69 15.30
N LEU B 136 -0.02 -23.53 14.13
CA LEU B 136 -1.03 -22.50 13.93
C LEU B 136 -2.36 -23.19 13.67
N ILE B 137 -3.30 -23.04 14.59
CA ILE B 137 -4.61 -23.67 14.51
C ILE B 137 -5.61 -22.58 14.18
N ILE B 138 -6.17 -22.63 12.98
CA ILE B 138 -7.05 -21.58 12.48
C ILE B 138 -8.44 -22.14 12.25
N ALA B 139 -9.38 -21.28 11.87
CA ALA B 139 -10.74 -21.70 11.59
C ALA B 139 -10.80 -22.39 10.22
N ASN B 140 -11.78 -23.29 10.08
CA ASN B 140 -11.94 -24.02 8.83
C ASN B 140 -12.17 -23.09 7.64
N ALA B 141 -12.85 -21.96 7.87
CA ALA B 141 -13.17 -21.06 6.77
C ALA B 141 -11.93 -20.46 6.13
N ASN B 142 -10.79 -20.51 6.80
CA ASN B 142 -9.54 -20.00 6.26
C ASN B 142 -8.64 -21.11 5.74
N ALA B 143 -9.18 -22.33 5.61
CA ALA B 143 -8.37 -23.43 5.11
C ALA B 143 -7.90 -23.19 3.69
N ALA B 144 -8.74 -22.58 2.86
CA ALA B 144 -8.34 -22.28 1.48
C ALA B 144 -7.12 -21.37 1.46
N GLU B 145 -7.16 -20.30 2.26
CA GLU B 145 -6.03 -19.36 2.28
C GLU B 145 -4.78 -20.01 2.87
N ALA B 146 -4.95 -20.83 3.91
CA ALA B 146 -3.80 -21.44 4.56
C ALA B 146 -3.18 -22.55 3.73
N SER B 147 -3.96 -23.17 2.84
CA SER B 147 -3.46 -24.30 2.08
C SER B 147 -2.43 -23.90 1.04
N LEU B 148 -2.44 -22.64 0.60
CA LEU B 148 -1.42 -22.19 -0.35
C LEU B 148 -0.03 -22.50 0.16
N THR B 149 0.24 -22.18 1.43
CA THR B 149 1.57 -22.40 1.98
C THR B 149 1.90 -23.89 2.01
N GLY B 150 0.92 -24.73 2.35
CA GLY B 150 1.20 -26.14 2.54
C GLY B 150 2.13 -26.41 3.70
N HIS B 151 2.32 -25.44 4.58
CA HIS B 151 3.22 -25.63 5.71
C HIS B 151 2.74 -26.77 6.58
N GLN B 152 3.66 -27.63 6.97
CA GLN B 152 3.32 -28.69 7.92
C GLN B 152 3.14 -28.09 9.31
N LYS B 153 2.54 -28.88 10.20
CA LYS B 153 2.28 -28.51 11.58
C LYS B 153 1.23 -27.41 11.70
N VAL B 154 0.58 -27.03 10.60
CA VAL B 154 -0.56 -26.12 10.62
C VAL B 154 -1.83 -26.95 10.56
N PHE B 155 -2.89 -26.45 11.19
CA PHE B 155 -4.16 -27.16 11.25
C PHE B 155 -5.30 -26.17 11.13
N THR B 156 -6.50 -26.70 10.92
CA THR B 156 -7.71 -25.90 10.88
C THR B 156 -8.80 -26.64 11.64
N ALA B 157 -9.76 -25.89 12.18
CA ALA B 157 -10.76 -26.46 13.06
C ALA B 157 -12.15 -26.00 12.65
N ASN B 158 -13.15 -26.83 12.98
CA ASN B 158 -14.53 -26.48 12.69
C ASN B 158 -15.12 -25.64 13.82
N ASN B 159 -15.01 -26.11 15.06
CA ASN B 159 -15.53 -25.41 16.22
C ASN B 159 -14.51 -25.50 17.34
N LEU B 160 -14.86 -24.90 18.49
CA LEU B 160 -13.93 -24.89 19.62
C LEU B 160 -13.75 -26.28 20.21
N ARG B 161 -14.77 -27.13 20.15
CA ARG B 161 -14.66 -28.47 20.72
C ARG B 161 -13.59 -29.27 19.99
N GLU B 162 -13.47 -29.08 18.68
CA GLU B 162 -12.44 -29.79 17.92
C GLU B 162 -11.06 -29.45 18.44
N VAL B 163 -10.79 -28.16 18.68
CA VAL B 163 -9.48 -27.75 19.16
C VAL B 163 -9.26 -28.25 20.59
N CYS B 164 -10.30 -28.16 21.43
CA CYS B 164 -10.15 -28.62 22.80
C CYS B 164 -9.84 -30.11 22.85
N ASP B 165 -10.44 -30.89 21.95
CA ASP B 165 -10.12 -32.32 21.90
C ASP B 165 -8.73 -32.53 21.33
N TYR B 166 -8.34 -31.74 20.33
CA TYR B 166 -7.00 -31.87 19.76
C TYR B 166 -5.93 -31.57 20.80
N LEU B 167 -6.26 -30.74 21.80
CA LEU B 167 -5.30 -30.45 22.86
C LEU B 167 -5.37 -31.44 24.00
N CYS B 168 -6.58 -31.66 24.56
CA CYS B 168 -6.73 -32.67 25.62
C CYS B 168 -6.34 -34.04 25.10
N GLN B 169 -6.92 -34.45 23.97
CA GLN B 169 -6.49 -35.64 23.26
C GLN B 169 -5.46 -35.23 22.21
N GLY B 170 -5.09 -36.15 21.32
CA GLY B 170 -4.14 -35.85 20.27
C GLY B 170 -4.68 -36.15 18.88
N THR B 171 -6.00 -36.21 18.76
CA THR B 171 -6.61 -36.54 17.48
C THR B 171 -6.19 -35.55 16.40
N SER B 172 -5.83 -36.07 15.23
CA SER B 172 -5.52 -35.21 14.11
C SER B 172 -6.70 -34.30 13.82
N LEU B 173 -6.42 -32.99 13.73
CA LEU B 173 -7.52 -32.03 13.82
C LEU B 173 -8.24 -31.87 12.49
N GLN B 174 -7.58 -31.29 11.48
CA GLN B 174 -8.12 -31.32 10.13
C GLN B 174 -7.04 -31.42 9.06
N SER B 175 -5.79 -31.12 9.41
CA SER B 175 -4.76 -30.87 8.39
C SER B 175 -5.25 -29.82 7.40
N LEU B 176 -4.62 -29.74 6.24
CA LEU B 176 -4.97 -28.78 5.21
C LEU B 176 -5.19 -29.49 3.89
N PRO B 177 -5.95 -28.89 2.98
CA PRO B 177 -6.06 -29.46 1.63
C PRO B 177 -4.69 -29.56 0.98
N PRO B 178 -4.42 -30.61 0.20
CA PRO B 178 -3.04 -30.83 -0.25
C PRO B 178 -2.48 -29.63 -0.99
N LYS B 179 -3.09 -29.28 -2.11
CA LYS B 179 -2.85 -27.98 -2.75
C LYS B 179 -3.89 -27.78 -3.84
N PRO B 180 -5.13 -27.38 -3.49
CA PRO B 180 -6.22 -27.31 -4.46
C PRO B 180 -5.88 -26.51 -5.72
N TYR B 187 0.64 -20.26 -16.95
CA TYR B 187 0.82 -19.40 -18.11
C TYR B 187 -0.12 -19.82 -19.23
N GLU B 188 -0.70 -18.84 -19.93
CA GLU B 188 -1.51 -19.12 -21.10
C GLU B 188 -1.19 -18.22 -22.29
N LEU B 189 -0.36 -17.19 -22.12
CA LEU B 189 -0.08 -16.23 -23.19
C LEU B 189 1.08 -16.70 -24.06
N ASP B 190 2.26 -16.87 -23.47
CA ASP B 190 3.45 -17.34 -24.16
C ASP B 190 4.06 -16.27 -25.07
N TRP B 191 5.39 -16.29 -25.17
CA TRP B 191 6.14 -15.37 -26.03
C TRP B 191 5.77 -15.51 -27.50
N SER B 192 5.21 -16.65 -27.91
CA SER B 192 5.04 -16.94 -29.33
C SER B 192 4.08 -15.97 -30.02
N ASP B 193 3.10 -15.44 -29.28
CA ASP B 193 2.07 -14.60 -29.91
C ASP B 193 2.65 -13.35 -30.52
N ILE B 194 3.87 -12.95 -30.15
CA ILE B 194 4.48 -11.74 -30.68
C ILE B 194 5.06 -12.07 -32.05
N LYS B 195 4.30 -11.77 -33.10
CA LYS B 195 4.66 -12.16 -34.45
C LYS B 195 5.70 -11.19 -35.02
N GLY B 196 6.86 -11.73 -35.40
CA GLY B 196 7.81 -11.01 -36.23
C GLY B 196 8.31 -9.68 -35.72
N GLN B 197 8.72 -9.62 -34.45
CA GLN B 197 9.39 -8.44 -33.92
C GLN B 197 10.90 -8.63 -33.76
N GLN B 198 11.37 -9.87 -33.60
CA GLN B 198 12.79 -10.18 -33.68
C GLN B 198 13.62 -9.39 -32.67
N HIS B 199 14.19 -8.27 -33.11
CA HIS B 199 15.18 -7.56 -32.31
C HIS B 199 14.64 -7.19 -30.94
N ALA B 200 13.42 -6.62 -30.90
CA ALA B 200 12.84 -6.23 -29.63
C ALA B 200 12.64 -7.44 -28.72
N LYS B 201 12.18 -8.55 -29.28
CA LYS B 201 11.98 -9.74 -28.47
C LYS B 201 13.29 -10.24 -27.88
N ASN B 202 14.36 -10.25 -28.67
CA ASN B 202 15.65 -10.68 -28.16
C ASN B 202 16.16 -9.74 -27.06
N ALA B 203 15.95 -8.43 -27.24
CA ALA B 203 16.37 -7.48 -26.21
C ALA B 203 15.60 -7.71 -24.92
N MET B 204 14.29 -7.94 -25.02
CA MET B 204 13.51 -8.25 -23.83
C MET B 204 13.97 -9.56 -23.20
N VAL B 205 14.36 -10.54 -24.02
CA VAL B 205 14.83 -11.81 -23.49
C VAL B 205 16.09 -11.60 -22.65
N ILE B 206 17.04 -10.82 -23.18
CA ILE B 206 18.26 -10.59 -22.42
C ILE B 206 17.97 -9.72 -21.19
N ALA B 207 17.01 -8.79 -21.30
CA ALA B 207 16.64 -7.99 -20.15
C ALA B 207 16.09 -8.86 -19.03
N ALA B 208 15.24 -9.82 -19.38
CA ALA B 208 14.76 -10.78 -18.38
C ALA B 208 15.92 -11.59 -17.82
N CYS B 209 16.85 -12.01 -18.68
CA CYS B 209 17.98 -12.80 -18.21
C CYS B 209 18.91 -12.00 -17.29
N GLY B 210 18.88 -10.68 -17.37
CA GLY B 210 19.78 -9.87 -16.57
C GLY B 210 19.09 -9.04 -15.50
N GLY B 211 17.77 -9.13 -15.42
CA GLY B 211 17.04 -8.35 -14.45
C GLY B 211 17.06 -6.87 -14.70
N HIS B 212 17.39 -6.44 -15.92
CA HIS B 212 17.47 -5.03 -16.25
C HIS B 212 16.08 -4.43 -16.43
N SER B 213 16.01 -3.11 -16.34
CA SER B 213 14.82 -2.35 -16.66
C SER B 213 14.91 -1.85 -18.09
N ILE B 214 13.82 -1.99 -18.83
CA ILE B 214 13.81 -1.76 -20.28
C ILE B 214 12.76 -0.71 -20.61
N LEU B 215 13.13 0.21 -21.51
CA LEU B 215 12.23 1.25 -22.00
C LEU B 215 11.80 0.91 -23.41
N LEU B 216 10.49 0.86 -23.64
CA LEU B 216 9.92 0.50 -24.94
C LEU B 216 9.44 1.77 -25.62
N SER B 217 10.16 2.21 -26.64
CA SER B 217 9.79 3.37 -27.43
C SER B 217 9.34 2.91 -28.81
N GLY B 218 8.20 3.41 -29.26
CA GLY B 218 7.69 3.02 -30.57
C GLY B 218 6.40 3.75 -30.87
N ALA B 219 5.99 3.65 -32.13
CA ALA B 219 4.79 4.32 -32.59
C ALA B 219 3.56 3.65 -31.99
N PRO B 220 2.43 4.36 -31.94
CA PRO B 220 1.21 3.77 -31.37
C PRO B 220 0.79 2.55 -32.17
N GLY B 221 0.20 1.58 -31.46
CA GLY B 221 -0.24 0.36 -32.10
C GLY B 221 0.88 -0.52 -32.60
N SER B 222 2.10 -0.31 -32.12
CA SER B 222 3.25 -1.13 -32.52
C SER B 222 3.37 -2.42 -31.73
N GLY B 223 2.60 -2.59 -30.66
CA GLY B 223 2.63 -3.80 -29.88
C GLY B 223 3.36 -3.70 -28.56
N LYS B 224 3.69 -2.50 -28.09
CA LYS B 224 4.42 -2.36 -26.83
C LYS B 224 3.69 -3.05 -25.70
N THR B 225 2.38 -2.80 -25.56
CA THR B 225 1.62 -3.37 -24.46
C THR B 225 1.60 -4.89 -24.54
N MET B 226 1.52 -5.44 -25.76
CA MET B 226 1.54 -6.89 -25.90
C MET B 226 2.85 -7.47 -25.41
N MET B 227 3.97 -6.83 -25.76
CA MET B 227 5.27 -7.28 -25.28
C MET B 227 5.33 -7.22 -23.76
N ALA B 228 4.84 -6.12 -23.17
CA ALA B 228 4.86 -6.01 -21.73
C ALA B 228 4.02 -7.11 -21.08
N LYS B 229 2.84 -7.38 -21.62
CA LYS B 229 1.97 -8.40 -21.04
C LYS B 229 2.62 -9.78 -21.14
N ARG B 230 3.22 -10.09 -22.28
CA ARG B 230 3.84 -11.39 -22.48
C ARG B 230 5.17 -11.53 -21.74
N PHE B 231 5.77 -10.43 -21.30
CA PHE B 231 7.11 -10.48 -20.72
C PHE B 231 7.14 -11.34 -19.47
N SER B 232 6.11 -11.23 -18.62
CA SER B 232 6.14 -11.93 -17.34
C SER B 232 6.29 -13.44 -17.50
N THR B 233 5.93 -13.99 -18.66
CA THR B 233 6.17 -15.41 -18.90
C THR B 233 7.65 -15.73 -18.87
N LEU B 234 8.50 -14.77 -19.28
CA LEU B 234 9.94 -15.00 -19.27
C LEU B 234 10.44 -15.20 -17.85
N LEU B 235 9.94 -14.41 -16.91
CA LEU B 235 10.48 -14.41 -15.57
C LEU B 235 10.34 -15.80 -14.95
N PRO B 236 11.34 -16.28 -14.21
CA PRO B 236 11.22 -17.59 -13.57
C PRO B 236 10.14 -17.60 -12.51
N GLU B 237 9.53 -18.77 -12.32
CA GLU B 237 8.50 -18.91 -11.31
C GLU B 237 9.05 -18.56 -9.94
N LEU B 238 8.27 -17.79 -9.18
CA LEU B 238 8.71 -17.35 -7.87
C LEU B 238 8.98 -18.54 -6.97
N SER B 239 10.03 -18.43 -6.16
CA SER B 239 10.31 -19.45 -5.16
C SER B 239 9.21 -19.44 -4.09
N GLU B 240 9.20 -20.48 -3.28
CA GLU B 240 8.14 -20.63 -2.28
C GLU B 240 8.06 -19.40 -1.40
N THR B 241 9.20 -18.95 -0.86
CA THR B 241 9.19 -17.79 0.03
C THR B 241 8.69 -16.54 -0.68
N GLN B 242 9.15 -16.31 -1.91
CA GLN B 242 8.70 -15.14 -2.66
C GLN B 242 7.20 -15.22 -2.95
N ALA B 243 6.72 -16.40 -3.31
CA ALA B 243 5.29 -16.57 -3.56
C ALA B 243 4.49 -16.28 -2.30
N LEU B 244 4.96 -16.75 -1.14
CA LEU B 244 4.25 -16.49 0.10
C LEU B 244 4.27 -15.01 0.44
N GLU B 245 5.39 -14.33 0.19
CA GLU B 245 5.43 -12.89 0.43
C GLU B 245 4.44 -12.16 -0.46
N CYS B 246 4.36 -12.55 -1.74
CA CYS B 246 3.37 -11.94 -2.63
C CYS B 246 1.95 -12.20 -2.15
N ALA B 247 1.67 -13.42 -1.70
CA ALA B 247 0.34 -13.74 -1.19
C ALA B 247 0.02 -12.90 0.04
N ALA B 248 1.00 -12.73 0.93
CA ALA B 248 0.80 -11.90 2.12
C ALA B 248 0.47 -10.47 1.73
N ILE B 249 1.26 -9.89 0.81
CA ILE B 249 0.98 -8.53 0.37
C ILE B 249 -0.38 -8.44 -0.33
N ASN B 250 -0.84 -9.55 -0.91
CA ASN B 250 -2.13 -9.53 -1.58
C ASN B 250 -3.29 -9.54 -0.58
N SER B 251 -3.26 -10.47 0.37
CA SER B 251 -4.39 -10.66 1.27
C SER B 251 -4.63 -9.46 2.17
N ILE B 252 -3.61 -8.63 2.41
CA ILE B 252 -3.83 -7.41 3.18
C ILE B 252 -4.89 -6.55 2.50
N ARG B 253 -5.14 -6.77 1.22
CA ARG B 253 -6.19 -6.06 0.50
C ARG B 253 -7.49 -6.86 0.41
N GLY B 254 -7.44 -8.17 0.55
CA GLY B 254 -8.63 -8.99 0.58
C GLY B 254 -8.71 -9.95 -0.60
N LYS B 255 -9.40 -11.06 -0.38
CA LYS B 255 -9.74 -12.04 -1.42
C LYS B 255 -8.48 -12.67 -2.03
N LEU B 256 -8.64 -13.85 -2.61
CA LEU B 256 -7.51 -14.55 -3.22
C LEU B 256 -8.01 -15.53 -4.29
N PRO B 257 -8.08 -15.10 -5.57
CA PRO B 257 -8.36 -16.01 -6.69
C PRO B 257 -7.13 -16.78 -7.15
N ASP B 258 -6.41 -17.36 -6.20
CA ASP B 258 -5.10 -17.95 -6.45
C ASP B 258 -5.26 -19.44 -6.78
N PHE B 259 -4.15 -20.17 -6.73
CA PHE B 259 -3.96 -21.57 -7.05
C PHE B 259 -3.88 -21.80 -8.55
N ARG B 260 -4.06 -20.77 -9.38
CA ARG B 260 -3.77 -20.84 -10.80
C ARG B 260 -2.58 -19.98 -11.18
N GLU B 261 -2.24 -18.97 -10.36
CA GLU B 261 -1.09 -18.10 -10.65
C GLU B 261 -0.28 -17.81 -9.39
N TRP B 262 -0.42 -18.60 -8.33
CA TRP B 262 0.18 -18.22 -7.05
C TRP B 262 1.70 -18.23 -7.09
N ARG B 263 2.31 -18.85 -8.10
CA ARG B 263 3.76 -18.83 -8.26
C ARG B 263 4.19 -18.16 -9.56
N LEU B 264 3.29 -17.43 -10.22
CA LEU B 264 3.69 -16.65 -11.39
C LEU B 264 3.95 -15.22 -10.97
N PRO B 265 5.05 -14.59 -11.41
CA PRO B 265 5.39 -13.27 -10.91
C PRO B 265 4.28 -12.28 -11.18
N PRO B 266 4.02 -11.35 -10.25
CA PRO B 266 2.96 -10.37 -10.48
C PRO B 266 3.28 -9.47 -11.66
N PHE B 267 2.22 -8.92 -12.26
CA PHE B 267 2.34 -7.95 -13.34
C PHE B 267 1.29 -6.88 -13.13
N ARG B 268 1.74 -5.64 -12.92
CA ARG B 268 0.87 -4.50 -12.70
C ARG B 268 1.12 -3.46 -13.79
N ALA B 269 0.03 -2.91 -14.33
CA ALA B 269 0.09 -1.89 -15.38
C ALA B 269 -0.80 -0.73 -14.99
N PRO B 270 -0.38 0.06 -13.99
CA PRO B 270 -1.23 1.18 -13.54
C PRO B 270 -1.50 2.15 -14.66
N HIS B 271 -2.73 2.66 -14.69
CA HIS B 271 -3.10 3.68 -15.67
C HIS B 271 -2.34 4.97 -15.37
N HIS B 272 -1.97 5.69 -16.44
CA HIS B 272 -1.12 6.86 -16.28
C HIS B 272 -1.79 7.97 -15.49
N THR B 273 -3.10 7.91 -15.28
CA THR B 273 -3.74 8.85 -14.37
C THR B 273 -3.60 8.40 -12.92
N ALA B 274 -4.20 7.25 -12.59
CA ALA B 274 -4.08 6.64 -11.27
C ALA B 274 -4.25 7.68 -10.17
N SER B 275 -3.56 7.47 -9.03
CA SER B 275 -3.55 8.43 -7.94
C SER B 275 -2.27 8.20 -7.15
N PRO B 276 -1.57 9.26 -6.73
CA PRO B 276 -0.27 9.04 -6.07
C PRO B 276 -0.34 8.10 -4.89
N VAL B 277 -1.39 8.20 -4.07
CA VAL B 277 -1.48 7.34 -2.89
C VAL B 277 -1.77 5.90 -3.29
N ALA B 278 -2.50 5.70 -4.39
CA ALA B 278 -2.80 4.34 -4.83
C ALA B 278 -1.62 3.70 -5.52
N LEU B 279 -0.95 4.44 -6.42
CA LEU B 279 0.19 3.88 -7.13
C LEU B 279 1.41 3.77 -6.23
N VAL B 280 1.48 4.61 -5.19
CA VAL B 280 2.60 4.60 -4.25
C VAL B 280 2.03 4.32 -2.86
N GLY B 281 2.36 3.15 -2.32
CA GLY B 281 2.02 2.84 -0.94
C GLY B 281 0.57 3.11 -0.61
N GLY B 282 0.35 3.63 0.59
CA GLY B 282 -0.99 3.95 1.06
C GLY B 282 -1.01 4.32 2.53
N GLY B 283 -1.87 5.27 2.90
CA GLY B 283 -1.96 5.75 4.25
C GLY B 283 -3.17 5.20 4.99
N ASN B 284 -3.58 5.92 6.04
CA ASN B 284 -4.72 5.52 6.85
C ASN B 284 -4.36 4.13 7.39
N PRO B 285 -5.22 3.11 7.42
CA PRO B 285 -4.68 1.76 7.66
C PRO B 285 -3.81 1.35 6.49
N PRO B 286 -2.51 1.08 6.74
CA PRO B 286 -1.56 0.93 5.63
C PRO B 286 -2.07 0.04 4.51
N LYS B 287 -2.17 0.61 3.30
CA LYS B 287 -2.63 -0.10 2.12
C LYS B 287 -1.49 -0.17 1.11
N PRO B 288 -1.06 -1.35 0.67
CA PRO B 288 -0.01 -1.39 -0.36
C PRO B 288 -0.51 -0.74 -1.65
N GLY B 289 0.39 -0.04 -2.32
CA GLY B 289 0.08 0.59 -3.59
C GLY B 289 0.45 -0.30 -4.76
N GLU B 290 0.07 0.15 -5.96
CA GLU B 290 0.33 -0.64 -7.16
C GLU B 290 1.82 -0.92 -7.31
N ILE B 291 2.67 -0.07 -6.74
CA ILE B 291 4.11 -0.33 -6.74
C ILE B 291 4.43 -1.58 -5.93
N SER B 292 3.64 -1.88 -4.90
CA SER B 292 3.96 -2.98 -4.01
C SER B 292 3.37 -4.31 -4.45
N LEU B 293 2.25 -4.30 -5.18
CA LEU B 293 1.72 -5.56 -5.71
C LEU B 293 2.61 -6.14 -6.81
N ALA B 294 3.54 -5.35 -7.34
CA ALA B 294 4.51 -5.84 -8.32
C ALA B 294 5.74 -6.45 -7.66
N HIS B 295 5.75 -6.54 -6.33
CA HIS B 295 6.88 -7.13 -5.63
C HIS B 295 7.25 -8.48 -6.24
N HIS B 296 8.54 -8.66 -6.51
CA HIS B 296 9.09 -9.84 -7.16
C HIS B 296 8.55 -10.05 -8.57
N GLY B 297 7.85 -9.05 -9.11
CA GLY B 297 7.22 -9.17 -10.41
C GLY B 297 7.64 -8.04 -11.34
N VAL B 298 6.75 -7.72 -12.27
CA VAL B 298 6.99 -6.72 -13.30
C VAL B 298 6.03 -5.57 -13.11
N LEU B 299 6.53 -4.35 -13.24
CA LEU B 299 5.72 -3.14 -13.21
C LEU B 299 5.80 -2.48 -14.58
N PHE B 300 4.65 -2.24 -15.19
CA PHE B 300 4.57 -1.69 -16.54
C PHE B 300 3.97 -0.30 -16.48
N LEU B 301 4.81 0.72 -16.62
CA LEU B 301 4.35 2.11 -16.67
C LEU B 301 4.12 2.46 -18.13
N ASP B 302 2.88 2.32 -18.59
CA ASP B 302 2.54 2.66 -19.96
C ASP B 302 2.47 4.17 -20.13
N GLU B 303 2.99 4.65 -21.27
CA GLU B 303 2.99 6.08 -21.58
C GLU B 303 3.64 6.86 -20.43
N LEU B 304 4.93 6.65 -20.27
CA LEU B 304 5.65 7.25 -19.15
C LEU B 304 5.58 8.77 -19.09
N PRO B 305 5.75 9.50 -20.18
CA PRO B 305 5.74 10.99 -20.07
C PRO B 305 4.46 11.53 -19.45
N GLU B 306 3.31 10.91 -19.72
CA GLU B 306 2.06 11.42 -19.19
C GLU B 306 1.91 11.14 -17.69
N PHE B 307 2.80 10.34 -17.11
CA PHE B 307 2.86 10.28 -15.65
C PHE B 307 3.39 11.60 -15.11
N ASN B 308 2.80 12.06 -14.00
CA ASN B 308 3.26 13.27 -13.35
C ASN B 308 4.63 13.03 -12.72
N ARG B 309 5.56 13.96 -12.92
CA ARG B 309 6.92 13.78 -12.42
C ARG B 309 6.94 13.57 -10.91
N GLN B 310 5.97 14.14 -10.19
CA GLN B 310 5.97 14.03 -8.74
C GLN B 310 5.89 12.57 -8.30
N VAL B 311 5.02 11.78 -8.94
CA VAL B 311 4.92 10.37 -8.57
C VAL B 311 6.19 9.63 -8.97
N LEU B 312 6.68 9.86 -10.19
CA LEU B 312 7.86 9.14 -10.66
C LEU B 312 9.07 9.40 -9.78
N GLU B 313 9.17 10.60 -9.20
CA GLU B 313 10.30 10.90 -8.33
C GLU B 313 10.37 9.94 -7.16
N THR B 314 9.21 9.42 -6.72
CA THR B 314 9.21 8.47 -5.61
C THR B 314 9.72 7.10 -6.02
N LEU B 315 9.68 6.77 -7.32
CA LEU B 315 10.14 5.46 -7.77
C LEU B 315 11.64 5.28 -7.56
N ARG B 316 12.39 6.35 -7.35
CA ARG B 316 13.83 6.23 -7.16
C ARG B 316 14.17 5.48 -5.89
N GLU B 317 13.29 5.55 -4.88
CA GLU B 317 13.54 4.82 -3.63
C GLU B 317 13.46 3.32 -3.85
N PRO B 318 12.30 2.74 -4.19
CA PRO B 318 12.21 1.28 -4.28
C PRO B 318 13.16 0.68 -5.29
N LEU B 319 13.44 1.38 -6.40
CA LEU B 319 14.35 0.83 -7.40
C LEU B 319 15.73 0.59 -6.80
N GLU B 320 16.16 1.44 -5.87
CA GLU B 320 17.49 1.34 -5.30
C GLU B 320 17.53 0.52 -4.02
N SER B 321 16.45 0.54 -3.22
CA SER B 321 16.46 -0.08 -1.91
C SER B 321 15.74 -1.42 -1.86
N GLY B 322 14.85 -1.70 -2.83
CA GLY B 322 14.03 -2.89 -2.77
C GLY B 322 12.83 -2.78 -1.86
N HIS B 323 12.62 -1.63 -1.23
CA HIS B 323 11.47 -1.40 -0.38
C HIS B 323 11.13 0.08 -0.42
N ILE B 324 9.89 0.40 -0.07
CA ILE B 324 9.41 1.78 -0.09
C ILE B 324 8.65 2.02 1.21
N CYS B 325 9.23 2.80 2.11
CA CYS B 325 8.60 3.15 3.36
C CYS B 325 7.87 4.47 3.20
N ILE B 326 6.56 4.46 3.42
CA ILE B 326 5.73 5.67 3.41
C ILE B 326 5.40 5.99 4.85
N SER B 327 5.77 7.20 5.28
CA SER B 327 5.71 7.59 6.68
C SER B 327 4.62 8.63 6.89
N ARG B 328 3.79 8.39 7.89
CA ARG B 328 2.79 9.35 8.36
C ARG B 328 3.04 9.64 9.83
N ALA B 329 2.30 10.62 10.35
CA ALA B 329 2.44 10.97 11.76
C ALA B 329 2.16 9.78 12.66
N ALA B 330 1.35 8.82 12.20
CA ALA B 330 1.01 7.65 13.01
C ALA B 330 2.13 6.63 12.97
N ALA B 331 2.44 6.11 11.78
CA ALA B 331 3.44 5.05 11.65
C ALA B 331 3.93 5.01 10.21
N GLN B 332 5.05 4.30 10.01
CA GLN B 332 5.61 4.07 8.69
C GLN B 332 5.84 2.58 8.52
N ILE B 333 5.45 2.04 7.37
CA ILE B 333 5.49 0.60 7.12
C ILE B 333 6.47 0.31 6.00
N GLU B 334 6.88 -0.95 5.91
CA GLU B 334 7.92 -1.33 4.96
C GLU B 334 7.38 -1.46 3.54
N PHE B 335 6.43 -2.37 3.33
CA PHE B 335 5.82 -2.56 2.02
C PHE B 335 6.90 -2.76 0.95
N PRO B 336 7.53 -3.93 0.89
CA PRO B 336 8.60 -4.15 -0.09
C PRO B 336 8.11 -3.92 -1.52
N ALA B 337 8.98 -3.36 -2.35
CA ALA B 337 8.65 -3.03 -3.74
C ALA B 337 9.79 -3.43 -4.66
N LYS B 338 10.30 -4.65 -4.49
CA LYS B 338 11.39 -5.17 -5.31
C LYS B 338 10.85 -5.65 -6.66
N PHE B 339 10.44 -4.68 -7.47
CA PHE B 339 9.86 -4.95 -8.77
C PHE B 339 10.91 -4.77 -9.87
N GLN B 340 10.48 -5.07 -11.11
CA GLN B 340 11.29 -4.84 -12.30
C GLN B 340 10.50 -3.92 -13.22
N LEU B 341 11.12 -2.80 -13.60
CA LEU B 341 10.41 -1.73 -14.28
C LEU B 341 10.42 -1.94 -15.79
N ILE B 342 9.28 -1.66 -16.42
CA ILE B 342 9.16 -1.58 -17.87
C ILE B 342 8.36 -0.33 -18.21
N ALA B 343 8.91 0.50 -19.07
CA ALA B 343 8.30 1.78 -19.42
C ALA B 343 8.04 1.85 -20.92
N ALA B 344 6.97 2.55 -21.28
CA ALA B 344 6.58 2.74 -22.67
C ALA B 344 6.34 4.22 -22.94
N MET B 345 6.72 4.67 -24.13
CA MET B 345 6.60 6.08 -24.49
C MET B 345 6.67 6.22 -26.00
N ASN B 346 5.88 7.14 -26.53
CA ASN B 346 5.94 7.43 -27.95
C ASN B 346 7.21 8.21 -28.26
N PRO B 347 7.93 7.88 -29.34
CA PRO B 347 9.18 8.58 -29.67
C PRO B 347 8.96 9.95 -30.30
N CYS B 348 8.07 10.73 -29.72
CA CYS B 348 7.80 12.09 -30.15
C CYS B 348 7.19 12.12 -31.54
N PRO B 349 6.45 13.17 -31.91
CA PRO B 349 5.85 13.27 -33.24
C PRO B 349 6.89 13.51 -34.33
N PRO B 364 10.15 19.40 -34.79
CA PRO B 364 9.82 20.71 -34.21
C PRO B 364 10.20 20.81 -32.74
N ASP B 365 10.09 22.02 -32.18
CA ASP B 365 10.39 22.21 -30.77
C ASP B 365 9.43 21.43 -29.88
N ARG B 366 8.29 20.99 -30.42
CA ARG B 366 7.38 20.15 -29.66
C ARG B 366 8.08 18.88 -29.18
N ILE B 367 9.01 18.36 -29.98
CA ILE B 367 9.80 17.21 -29.56
C ILE B 367 10.63 17.56 -28.33
N SER B 368 11.26 18.74 -28.35
CA SER B 368 12.05 19.17 -27.20
C SER B 368 11.19 19.30 -25.95
N ARG B 369 10.00 19.90 -26.08
CA ARG B 369 9.12 20.00 -24.93
C ARG B 369 8.69 18.62 -24.45
N TYR B 370 8.37 17.72 -25.37
CA TYR B 370 7.93 16.38 -24.99
C TYR B 370 9.01 15.65 -24.21
N LEU B 371 10.25 15.68 -24.71
CA LEU B 371 11.34 15.04 -23.97
C LEU B 371 11.63 15.79 -22.67
N ALA B 372 11.29 17.07 -22.58
CA ALA B 372 11.43 17.78 -21.31
C ALA B 372 10.41 17.31 -20.29
N LYS B 373 9.22 16.90 -20.74
CA LYS B 373 8.21 16.42 -19.80
C LYS B 373 8.75 15.26 -18.96
N LEU B 374 9.56 14.40 -19.57
CA LEU B 374 9.98 13.17 -18.91
C LEU B 374 10.90 13.46 -17.73
N SER B 375 10.86 12.56 -16.75
CA SER B 375 11.65 12.70 -15.52
C SER B 375 13.03 12.09 -15.75
N ALA B 376 14.03 12.97 -15.91
CA ALA B 376 15.39 12.48 -16.09
C ALA B 376 15.87 11.62 -14.93
N PRO B 377 15.62 11.95 -13.67
CA PRO B 377 16.15 11.12 -12.57
C PRO B 377 15.73 9.66 -12.66
N LEU B 378 14.52 9.38 -13.15
CA LEU B 378 14.10 8.00 -13.29
C LEU B 378 14.61 7.39 -14.58
N LEU B 379 14.54 8.14 -15.69
CA LEU B 379 14.98 7.61 -16.98
C LEU B 379 16.47 7.33 -17.02
N ASP B 380 17.25 7.91 -16.12
CA ASP B 380 18.70 7.72 -16.15
C ASP B 380 19.12 6.40 -15.53
N ARG B 381 18.26 5.74 -14.77
CA ARG B 381 18.56 4.44 -14.19
C ARG B 381 17.75 3.32 -14.84
N ILE B 382 17.27 3.53 -16.06
CA ILE B 382 16.66 2.48 -16.86
C ILE B 382 17.75 1.89 -17.74
N ASP B 383 18.00 0.60 -17.59
CA ASP B 383 19.20 -0.03 -18.14
C ASP B 383 19.12 -0.29 -19.64
N MET B 384 17.97 -0.10 -20.28
CA MET B 384 17.84 -0.52 -21.67
C MET B 384 16.82 0.36 -22.39
N GLN B 385 16.87 0.30 -23.72
CA GLN B 385 15.98 1.08 -24.56
C GLN B 385 15.94 0.44 -25.94
N VAL B 386 14.76 0.04 -26.40
CA VAL B 386 14.59 -0.63 -27.69
C VAL B 386 13.48 0.09 -28.45
N THR B 387 13.71 0.33 -29.73
CA THR B 387 12.74 0.97 -30.60
C THR B 387 11.94 -0.09 -31.34
N ILE B 388 10.62 0.02 -31.31
CA ILE B 388 9.72 -0.93 -31.95
C ILE B 388 9.07 -0.25 -33.15
N HIS B 389 9.12 -0.93 -34.29
CA HIS B 389 8.42 -0.49 -35.49
C HIS B 389 7.15 -1.30 -35.69
N ALA B 390 6.24 -0.73 -36.48
CA ALA B 390 5.04 -1.48 -36.84
C ALA B 390 5.42 -2.74 -37.61
N LEU B 391 4.52 -3.71 -37.58
CA LEU B 391 4.81 -5.00 -38.21
C LEU B 391 4.91 -4.85 -39.73
N SER B 392 5.50 -5.86 -40.36
CA SER B 392 5.49 -5.99 -41.80
C SER B 392 4.20 -6.69 -42.22
N GLN B 393 3.49 -6.10 -43.18
CA GLN B 393 2.20 -6.65 -43.58
C GLN B 393 2.32 -8.10 -44.00
N GLU B 394 3.45 -8.50 -44.58
CA GLU B 394 3.64 -9.89 -44.95
C GLU B 394 3.55 -10.80 -43.73
N GLU B 395 4.22 -10.42 -42.64
CA GLU B 395 4.15 -11.21 -41.41
C GLU B 395 2.83 -11.00 -40.68
N LEU B 396 2.28 -9.79 -40.74
CA LEU B 396 1.01 -9.53 -40.08
C LEU B 396 -0.10 -10.40 -40.65
N ILE B 397 -0.13 -10.55 -41.97
CA ILE B 397 -1.20 -11.33 -42.60
C ILE B 397 -0.88 -12.82 -42.58
N LYS B 398 0.39 -13.19 -42.56
CA LYS B 398 0.74 -14.60 -42.54
C LYS B 398 0.23 -15.23 -41.24
N PRO B 399 -0.06 -16.52 -41.26
CA PRO B 399 -0.68 -17.15 -40.10
C PRO B 399 0.34 -17.47 -39.02
N ASN B 400 -0.17 -17.79 -37.83
CA ASN B 400 0.67 -18.24 -36.73
C ASN B 400 0.91 -19.74 -36.80
N THR B 401 1.35 -20.21 -37.97
CA THR B 401 1.68 -21.62 -38.12
C THR B 401 2.85 -22.00 -37.21
N HIS B 402 3.68 -21.04 -36.83
CA HIS B 402 4.79 -21.30 -35.90
C HIS B 402 4.26 -21.28 -34.47
N LEU B 403 3.41 -22.25 -34.18
CA LEU B 403 2.70 -22.33 -32.90
C LEU B 403 3.51 -23.02 -31.81
N GLU B 404 4.72 -23.48 -32.11
CA GLU B 404 5.52 -24.17 -31.11
C GLU B 404 5.76 -23.26 -29.90
N LYS B 405 5.50 -23.79 -28.72
CA LYS B 405 5.74 -23.04 -27.49
C LYS B 405 7.24 -22.86 -27.29
N GLN B 406 7.62 -21.66 -26.84
CA GLN B 406 9.03 -21.33 -26.63
C GLN B 406 9.32 -20.68 -25.29
N SER B 407 8.32 -20.15 -24.59
CA SER B 407 8.57 -19.49 -23.31
C SER B 407 9.17 -20.44 -22.29
N LEU B 408 8.91 -21.74 -22.43
CA LEU B 408 9.39 -22.69 -21.44
C LEU B 408 10.92 -22.74 -21.44
N ALA B 409 11.52 -22.93 -22.61
CA ALA B 409 12.97 -23.02 -22.70
C ALA B 409 13.62 -21.71 -22.30
N ILE B 410 13.03 -20.58 -22.69
CA ILE B 410 13.60 -19.29 -22.32
C ILE B 410 13.52 -19.09 -20.82
N ARG B 411 12.45 -19.57 -20.18
CA ARG B 411 12.36 -19.47 -18.73
C ARG B 411 13.44 -20.30 -18.05
N GLU B 412 13.69 -21.51 -18.56
CA GLU B 412 14.78 -22.30 -18.01
C GLU B 412 16.12 -21.60 -18.22
N LYS B 413 16.29 -20.98 -19.39
CA LYS B 413 17.51 -20.23 -19.67
C LYS B 413 17.69 -19.09 -18.67
N VAL B 414 16.61 -18.36 -18.39
CA VAL B 414 16.68 -17.26 -17.44
C VAL B 414 17.02 -17.78 -16.06
N THR B 415 16.43 -18.91 -15.67
CA THR B 415 16.79 -19.52 -14.38
C THR B 415 18.29 -19.80 -14.33
N LYS B 416 18.84 -20.39 -15.39
CA LYS B 416 20.26 -20.70 -15.42
C LYS B 416 21.09 -19.42 -15.30
N MET B 417 20.72 -18.38 -16.05
CA MET B 417 21.52 -17.16 -16.05
C MET B 417 21.46 -16.46 -14.69
N HIS B 418 20.27 -16.41 -14.09
CA HIS B 418 20.14 -15.83 -12.76
C HIS B 418 20.94 -16.63 -11.74
N GLU B 419 20.97 -17.96 -11.88
CA GLU B 419 21.76 -18.76 -10.97
C GLU B 419 23.25 -18.45 -11.13
N ILE B 420 23.72 -18.28 -12.36
CA ILE B 420 25.12 -17.89 -12.57
C ILE B 420 25.39 -16.55 -11.89
N GLN B 421 24.54 -15.55 -12.14
CA GLN B 421 24.79 -14.23 -11.61
C GLN B 421 24.76 -14.21 -10.09
N MET B 422 23.82 -14.95 -9.50
CA MET B 422 23.82 -15.13 -8.05
C MET B 422 25.10 -15.80 -7.58
N ALA B 423 25.60 -16.77 -8.35
CA ALA B 423 26.85 -17.42 -7.98
C ALA B 423 27.98 -16.42 -7.90
N ARG B 424 28.06 -15.49 -8.87
CA ARG B 424 29.06 -14.44 -8.79
C ARG B 424 28.90 -13.62 -7.51
N GLN B 425 27.67 -13.19 -7.21
CA GLN B 425 27.42 -12.41 -6.01
C GLN B 425 25.90 -12.34 -5.83
N ASP B 426 25.49 -11.82 -4.67
CA ASP B 426 24.07 -11.69 -4.35
C ASP B 426 23.35 -10.69 -5.25
N SER B 427 24.08 -9.88 -6.01
CA SER B 427 23.50 -8.85 -6.85
C SER B 427 23.45 -9.31 -8.30
N LEU B 428 22.26 -9.24 -8.90
CA LEU B 428 22.14 -9.50 -10.32
C LEU B 428 22.98 -8.49 -11.11
N ASN B 429 23.14 -8.77 -12.39
CA ASN B 429 23.89 -7.86 -13.25
C ASN B 429 23.29 -6.46 -13.24
N ALA B 430 21.97 -6.36 -13.01
CA ALA B 430 21.31 -5.06 -13.03
C ALA B 430 21.63 -4.22 -11.79
N ASN B 431 22.00 -4.86 -10.67
CA ASN B 431 22.18 -4.15 -9.40
C ASN B 431 23.64 -4.01 -9.01
N LEU B 432 24.59 -4.33 -9.90
CA LEU B 432 25.99 -4.15 -9.58
C LEU B 432 26.33 -2.68 -9.46
N ASN B 433 27.24 -2.36 -8.54
CA ASN B 433 27.73 -1.01 -8.39
C ASN B 433 29.00 -0.81 -9.23
N SER B 434 29.47 0.44 -9.26
CA SER B 434 30.59 0.77 -10.14
C SER B 434 31.81 -0.09 -9.84
N LYS B 435 32.18 -0.18 -8.55
CA LYS B 435 33.37 -0.94 -8.19
C LYS B 435 33.21 -2.41 -8.57
N THR B 436 32.11 -3.03 -8.14
CA THR B 436 31.89 -4.43 -8.45
C THR B 436 31.64 -4.63 -9.94
N CYS B 437 31.01 -3.66 -10.60
CA CYS B 437 30.79 -3.77 -12.04
C CYS B 437 32.11 -3.83 -12.78
N GLU B 438 33.06 -2.98 -12.41
CA GLU B 438 34.39 -3.01 -13.04
C GLU B 438 35.16 -4.26 -12.63
N MET B 439 34.97 -4.73 -11.39
CA MET B 439 35.72 -5.89 -10.93
C MET B 439 35.24 -7.17 -11.60
N VAL B 440 33.96 -7.26 -11.94
CA VAL B 440 33.41 -8.49 -12.50
C VAL B 440 33.64 -8.57 -14.00
N CYS B 441 33.66 -7.45 -14.70
CA CYS B 441 33.98 -7.43 -16.13
C CYS B 441 35.49 -7.46 -16.29
N GLU B 442 35.98 -8.40 -17.12
CA GLU B 442 37.42 -8.50 -17.35
C GLU B 442 37.95 -7.21 -17.95
N LEU B 443 37.33 -6.73 -19.03
CA LEU B 443 37.68 -5.46 -19.65
C LEU B 443 39.18 -5.38 -19.93
N GLY B 444 39.65 -6.27 -20.80
CA GLY B 444 41.03 -6.24 -21.23
C GLY B 444 41.29 -5.07 -22.16
N SER B 445 42.57 -4.90 -22.50
CA SER B 445 42.97 -3.79 -23.37
C SER B 445 42.27 -3.89 -24.71
N GLU B 446 42.09 -5.10 -25.23
CA GLU B 446 41.45 -5.27 -26.53
C GLU B 446 40.11 -4.55 -26.56
N GLU B 447 39.27 -4.78 -25.57
CA GLU B 447 37.99 -4.07 -25.47
C GLU B 447 38.15 -2.65 -24.97
N GLN B 448 39.20 -2.39 -24.17
CA GLN B 448 39.36 -1.07 -23.57
C GLN B 448 39.63 0.00 -24.62
N LEU B 449 40.48 -0.30 -25.61
CA LEU B 449 40.75 0.68 -26.66
C LEU B 449 39.49 0.98 -27.45
N PHE B 450 38.71 -0.05 -27.79
CA PHE B 450 37.47 0.18 -28.52
C PHE B 450 36.49 0.99 -27.68
N LEU B 451 36.41 0.71 -26.38
CA LEU B 451 35.52 1.48 -25.51
C LEU B 451 35.93 2.94 -25.46
N ARG B 452 37.23 3.21 -25.34
CA ARG B 452 37.70 4.58 -25.36
C ARG B 452 37.36 5.25 -26.68
N GLU B 453 37.55 4.54 -27.79
CA GLU B 453 37.26 5.12 -29.10
C GLU B 453 35.78 5.48 -29.21
N VAL B 454 34.89 4.57 -28.82
CA VAL B 454 33.46 4.86 -28.94
C VAL B 454 33.07 5.99 -28.02
N MET B 455 33.59 6.01 -26.79
CA MET B 455 33.27 7.13 -25.89
C MET B 455 33.75 8.46 -26.49
N SER B 456 34.89 8.44 -27.18
CA SER B 456 35.33 9.64 -27.87
C SER B 456 34.34 10.02 -28.97
N LYS B 457 33.85 9.03 -29.72
CA LYS B 457 32.89 9.31 -30.79
C LYS B 457 31.56 9.79 -30.22
N LEU B 458 31.03 9.08 -29.22
CA LEU B 458 29.78 9.43 -28.59
C LEU B 458 30.00 9.61 -27.11
N LYS B 459 29.51 10.72 -26.56
CA LYS B 459 29.85 11.16 -25.21
C LYS B 459 28.85 10.57 -24.22
N LEU B 460 29.17 9.39 -23.69
CA LEU B 460 28.38 8.79 -22.64
C LEU B 460 28.70 9.44 -21.30
N SER B 461 27.69 9.51 -20.44
CA SER B 461 27.87 10.06 -19.11
C SER B 461 28.48 9.02 -18.18
N ALA B 462 28.68 9.41 -16.92
CA ALA B 462 29.30 8.50 -15.97
C ALA B 462 28.45 7.26 -15.74
N ARG B 463 27.13 7.44 -15.63
CA ARG B 463 26.25 6.30 -15.37
C ARG B 463 25.86 5.57 -16.64
N GLY B 464 25.82 6.25 -17.79
CA GLY B 464 25.57 5.56 -19.03
C GLY B 464 26.64 4.54 -19.35
N TYR B 465 27.89 4.88 -19.06
CA TYR B 465 28.99 3.93 -19.29
C TYR B 465 28.82 2.68 -18.44
N HIS B 466 28.43 2.85 -17.17
CA HIS B 466 28.25 1.69 -16.30
C HIS B 466 27.03 0.89 -16.69
N ARG B 467 25.96 1.53 -17.15
CA ARG B 467 24.82 0.79 -17.68
C ARG B 467 25.24 -0.03 -18.89
N LEU B 468 26.06 0.55 -19.77
CA LEU B 468 26.58 -0.19 -20.91
C LEU B 468 27.38 -1.39 -20.46
N LEU B 469 28.23 -1.21 -19.45
CA LEU B 469 29.01 -2.35 -18.96
C LEU B 469 28.12 -3.42 -18.37
N LYS B 470 27.09 -3.04 -17.62
CA LYS B 470 26.20 -4.03 -17.02
C LYS B 470 25.46 -4.82 -18.09
N VAL B 471 24.93 -4.14 -19.10
CA VAL B 471 24.22 -4.83 -20.17
C VAL B 471 25.19 -5.73 -20.94
N SER B 472 26.42 -5.25 -21.16
CA SER B 472 27.42 -6.06 -21.85
C SER B 472 27.73 -7.31 -21.05
N ARG B 473 27.81 -7.19 -19.72
CA ARG B 473 28.04 -8.36 -18.89
C ARG B 473 26.87 -9.33 -19.00
N THR B 474 25.64 -8.81 -19.04
CA THR B 474 24.49 -9.69 -19.23
C THR B 474 24.60 -10.47 -20.53
N ILE B 475 24.91 -9.78 -21.63
CA ILE B 475 25.03 -10.47 -22.92
C ILE B 475 26.15 -11.49 -22.87
N ALA B 476 27.31 -11.11 -22.31
CA ALA B 476 28.44 -12.03 -22.27
C ALA B 476 28.11 -13.27 -21.47
N ASP B 477 27.45 -13.09 -20.32
CA ASP B 477 27.05 -14.24 -19.52
C ASP B 477 26.07 -15.12 -20.28
N MET B 478 25.14 -14.50 -21.01
CA MET B 478 24.20 -15.29 -21.82
C MET B 478 24.96 -16.20 -22.78
N ASN B 479 26.04 -15.71 -23.39
CA ASN B 479 26.85 -16.50 -24.29
C ASN B 479 27.84 -17.40 -23.56
N SER B 480 27.77 -17.47 -22.24
CA SER B 480 28.61 -18.33 -21.41
C SER B 480 30.08 -17.90 -21.41
N SER B 481 30.39 -16.71 -21.91
CA SER B 481 31.77 -16.26 -21.94
C SER B 481 32.23 -15.89 -20.53
N LYS B 482 33.41 -16.40 -20.16
CA LYS B 482 33.98 -16.06 -18.86
C LYS B 482 34.33 -14.58 -18.74
N LYS B 483 34.53 -13.90 -19.87
CA LYS B 483 34.95 -12.51 -19.87
C LYS B 483 34.17 -11.75 -20.93
N VAL B 484 34.05 -10.44 -20.72
CA VAL B 484 33.34 -9.59 -21.68
C VAL B 484 34.20 -9.40 -22.91
N LEU B 485 33.61 -9.59 -24.09
CA LEU B 485 34.31 -9.49 -25.36
C LEU B 485 33.83 -8.27 -26.14
N LEU B 486 34.63 -7.88 -27.13
CA LEU B 486 34.28 -6.72 -27.94
C LEU B 486 32.96 -6.92 -28.66
N ASN B 487 32.69 -8.15 -29.12
CA ASN B 487 31.42 -8.43 -29.75
C ASN B 487 30.26 -8.17 -28.78
N HIS B 488 30.42 -8.59 -27.53
CA HIS B 488 29.37 -8.37 -26.54
C HIS B 488 29.12 -6.89 -26.32
N LEU B 489 30.20 -6.09 -26.25
CA LEU B 489 30.03 -4.65 -26.08
C LEU B 489 29.36 -4.02 -27.30
N GLN B 490 29.73 -4.46 -28.50
CA GLN B 490 29.09 -3.94 -29.70
C GLN B 490 27.60 -4.29 -29.71
N GLN B 491 27.24 -5.47 -29.22
CA GLN B 491 25.83 -5.82 -29.09
C GLN B 491 25.14 -4.92 -28.07
N ALA B 492 25.76 -4.74 -26.90
CA ALA B 492 25.14 -3.96 -25.84
C ALA B 492 24.95 -2.51 -26.25
N LEU B 493 25.80 -1.99 -27.13
CA LEU B 493 25.65 -0.61 -27.58
C LEU B 493 24.30 -0.40 -28.25
N SER B 494 23.85 -1.37 -29.05
CA SER B 494 22.58 -1.22 -29.75
C SER B 494 21.41 -1.04 -28.79
N TYR B 495 21.44 -1.73 -27.66
CA TYR B 495 20.38 -1.62 -26.66
C TYR B 495 20.62 -0.47 -25.69
N LYS B 496 21.63 0.35 -25.93
CA LYS B 496 22.00 1.44 -25.05
C LYS B 496 21.44 2.76 -25.61
N GLN B 497 21.85 3.87 -25.00
CA GLN B 497 21.41 5.20 -25.42
C GLN B 497 19.99 5.46 -24.96
N ASN B 498 19.65 6.72 -24.75
CA ASN B 498 18.30 7.13 -24.37
C ASN B 498 17.81 8.18 -25.36
N LEU B 499 16.61 7.95 -25.91
CA LEU B 499 16.02 8.90 -26.83
C LEU B 499 16.89 9.07 -28.06
N HIS B 500 16.51 9.99 -28.94
CA HIS B 500 17.27 10.26 -30.16
C HIS B 500 18.13 11.51 -29.99
N MET C 1 -29.36 -26.51 22.78
CA MET C 1 -29.70 -25.59 23.91
C MET C 1 -30.60 -24.46 23.42
N SER C 2 -30.68 -23.39 24.20
CA SER C 2 -31.43 -22.19 23.79
C SER C 2 -30.51 -21.35 22.92
N LEU C 3 -30.46 -21.72 21.63
CA LEU C 3 -29.55 -21.08 20.69
C LEU C 3 -30.13 -21.22 19.29
N ALA C 4 -30.37 -20.09 18.64
CA ALA C 4 -30.98 -20.08 17.32
C ALA C 4 -30.24 -19.09 16.42
N PHE C 5 -30.09 -19.45 15.15
CA PHE C 5 -29.45 -18.61 14.15
C PHE C 5 -30.47 -18.18 13.10
N THR C 6 -30.41 -16.91 12.71
CA THR C 6 -31.23 -16.36 11.64
C THR C 6 -30.32 -15.66 10.65
N LYS C 7 -30.85 -15.37 9.46
CA LYS C 7 -30.09 -14.72 8.41
C LYS C 7 -30.80 -13.45 7.97
N THR C 8 -30.00 -12.46 7.60
CA THR C 8 -30.51 -11.18 7.10
C THR C 8 -29.46 -10.62 6.14
N ARG C 9 -29.62 -9.33 5.80
CA ARG C 9 -28.69 -8.66 4.90
C ARG C 9 -28.41 -7.26 5.43
N SER C 10 -27.21 -6.77 5.12
CA SER C 10 -26.78 -5.43 5.50
C SER C 10 -26.34 -4.72 4.24
N THR C 11 -27.12 -3.73 3.81
CA THR C 11 -26.89 -3.06 2.53
C THR C 11 -25.97 -1.87 2.73
N ILE C 12 -24.79 -1.92 2.13
CA ILE C 12 -23.88 -0.78 2.03
C ILE C 12 -23.60 -0.56 0.56
N GLY C 13 -23.86 0.66 0.09
CA GLY C 13 -23.66 0.95 -1.32
C GLY C 13 -24.54 0.07 -2.18
N ILE C 14 -23.92 -0.70 -3.07
CA ILE C 14 -24.64 -1.56 -3.99
C ILE C 14 -24.64 -3.03 -3.57
N VAL C 15 -23.84 -3.39 -2.57
CA VAL C 15 -23.68 -4.77 -2.15
C VAL C 15 -24.38 -4.96 -0.80
N ALA C 16 -25.11 -6.07 -0.67
CA ALA C 16 -25.81 -6.41 0.55
C ALA C 16 -25.05 -7.56 1.22
N GLN C 17 -24.19 -7.22 2.17
CA GLN C 17 -23.39 -8.22 2.84
C GLN C 17 -24.30 -9.17 3.62
N PRO C 18 -24.00 -10.47 3.63
CA PRO C 18 -24.81 -11.39 4.45
C PRO C 18 -24.47 -11.26 5.92
N VAL C 19 -25.51 -11.29 6.75
CA VAL C 19 -25.36 -11.18 8.19
C VAL C 19 -26.11 -12.35 8.83
N SER C 20 -25.46 -13.00 9.79
CA SER C 20 -26.02 -14.16 10.47
C SER C 20 -26.33 -13.77 11.90
N VAL C 21 -27.58 -13.41 12.16
CA VAL C 21 -28.01 -13.07 13.51
C VAL C 21 -27.95 -14.33 14.38
N GLU C 22 -27.33 -14.22 15.54
CA GLU C 22 -27.16 -15.34 16.46
C GLU C 22 -27.65 -14.90 17.83
N VAL C 23 -28.55 -15.69 18.41
CA VAL C 23 -29.20 -15.36 19.68
C VAL C 23 -28.95 -16.51 20.65
N HIS C 24 -28.58 -16.17 21.88
CA HIS C 24 -28.35 -17.15 22.92
C HIS C 24 -28.99 -16.67 24.22
N LEU C 25 -29.76 -17.55 24.85
CA LEU C 25 -30.44 -17.24 26.10
C LEU C 25 -29.75 -18.00 27.23
N SER C 26 -29.14 -17.26 28.15
CA SER C 26 -28.42 -17.83 29.28
C SER C 26 -29.28 -17.77 30.54
N ASN C 27 -28.77 -18.34 31.62
CA ASN C 27 -29.52 -18.49 32.86
C ASN C 27 -29.35 -17.30 33.81
N GLY C 28 -28.60 -16.28 33.43
CA GLY C 28 -28.36 -15.15 34.31
C GLY C 28 -29.59 -14.31 34.57
N LEU C 29 -29.39 -13.08 35.02
CA LEU C 29 -30.48 -12.16 35.27
C LEU C 29 -30.94 -11.51 33.97
N PRO C 30 -32.10 -10.86 33.97
CA PRO C 30 -32.58 -10.23 32.73
C PRO C 30 -31.56 -9.23 32.20
N SER C 31 -31.41 -9.23 30.88
CA SER C 31 -30.45 -8.36 30.21
C SER C 31 -30.64 -8.55 28.70
N PHE C 32 -29.98 -7.68 27.94
CA PHE C 32 -30.08 -7.72 26.48
C PHE C 32 -28.80 -7.12 25.93
N THR C 33 -27.88 -7.99 25.50
CA THR C 33 -26.56 -7.58 25.02
C THR C 33 -26.47 -7.83 23.53
N MET C 34 -26.17 -6.79 22.77
CA MET C 34 -25.90 -6.91 21.35
C MET C 34 -24.40 -6.90 21.08
N VAL C 35 -24.02 -7.43 19.93
CA VAL C 35 -22.62 -7.62 19.58
C VAL C 35 -22.48 -7.55 18.07
N GLY C 36 -21.31 -7.13 17.62
CA GLY C 36 -21.01 -7.03 16.20
C GLY C 36 -21.04 -5.63 15.63
N LEU C 37 -20.63 -4.62 16.41
CA LEU C 37 -20.55 -3.25 15.93
C LEU C 37 -21.91 -2.77 15.40
N ALA C 38 -22.91 -2.87 16.27
CA ALA C 38 -24.26 -2.41 15.94
C ALA C 38 -24.38 -0.92 16.24
N GLU C 39 -24.81 -0.16 15.25
CA GLU C 39 -24.96 1.28 15.42
C GLU C 39 -26.15 1.58 16.32
N THR C 40 -26.38 2.87 16.56
CA THR C 40 -27.47 3.27 17.45
C THR C 40 -28.82 2.80 16.94
N ALA C 41 -29.04 2.93 15.63
CA ALA C 41 -30.32 2.49 15.06
C ALA C 41 -30.51 0.98 15.28
N VAL C 42 -29.46 0.19 15.04
CA VAL C 42 -29.55 -1.25 15.27
C VAL C 42 -29.62 -1.54 16.76
N LYS C 43 -28.76 -0.91 17.54
CA LYS C 43 -28.65 -1.23 18.97
C LYS C 43 -29.87 -0.77 19.75
N GLU C 44 -30.71 0.08 19.19
CA GLU C 44 -31.95 0.50 19.83
C GLU C 44 -33.11 -0.45 19.53
N SER C 45 -32.87 -1.50 18.74
CA SER C 45 -33.91 -2.45 18.41
C SER C 45 -34.31 -3.32 19.58
N LYS C 46 -33.65 -3.19 20.74
CA LYS C 46 -33.97 -4.06 21.87
C LYS C 46 -35.40 -3.86 22.32
N ASP C 47 -35.79 -2.61 22.58
CA ASP C 47 -37.13 -2.33 23.08
C ASP C 47 -38.18 -2.60 22.00
N ARG C 48 -37.87 -2.26 20.75
CA ARG C 48 -38.82 -2.53 19.67
C ARG C 48 -39.09 -4.02 19.56
N VAL C 49 -38.03 -4.83 19.62
CA VAL C 49 -38.21 -6.29 19.57
C VAL C 49 -39.01 -6.77 20.77
N ARG C 50 -38.68 -6.27 21.95
CA ARG C 50 -39.41 -6.69 23.15
C ARG C 50 -40.89 -6.41 23.02
N SER C 51 -41.24 -5.18 22.64
CA SER C 51 -42.65 -4.81 22.55
C SER C 51 -43.35 -5.54 21.41
N ALA C 52 -42.67 -5.74 20.28
CA ALA C 52 -43.30 -6.43 19.16
C ALA C 52 -43.58 -7.88 19.51
N ILE C 53 -42.66 -8.53 20.24
CA ILE C 53 -42.90 -9.91 20.64
C ILE C 53 -44.01 -9.96 21.69
N ILE C 54 -44.01 -9.02 22.64
CA ILE C 54 -44.99 -9.07 23.71
C ILE C 54 -46.39 -8.82 23.17
N ASN C 55 -46.55 -7.85 22.28
CA ASN C 55 -47.86 -7.48 21.77
C ASN C 55 -48.41 -8.46 20.76
N SER C 56 -47.57 -9.35 20.22
CA SER C 56 -48.00 -10.36 19.25
C SER C 56 -48.41 -11.65 19.93
N GLN C 57 -48.84 -11.60 21.19
CA GLN C 57 -49.30 -12.78 21.92
C GLN C 57 -48.22 -13.86 21.96
N PHE C 58 -46.97 -13.44 22.11
CA PHE C 58 -45.84 -14.34 22.29
C PHE C 58 -45.28 -14.18 23.69
N GLU C 59 -44.30 -15.01 24.01
CA GLU C 59 -43.63 -15.00 25.31
C GLU C 59 -42.22 -14.46 25.11
N PHE C 60 -41.90 -13.37 25.79
CA PHE C 60 -40.56 -12.81 25.76
C PHE C 60 -39.75 -13.42 26.90
N PRO C 61 -38.60 -14.04 26.62
CA PRO C 61 -37.87 -14.72 27.70
C PRO C 61 -37.46 -13.76 28.80
N CYS C 62 -37.53 -14.23 30.05
CA CYS C 62 -36.98 -13.50 31.18
C CYS C 62 -35.49 -13.75 31.34
N ARG C 63 -34.91 -14.65 30.57
CA ARG C 63 -33.50 -14.99 30.67
C ARG C 63 -32.64 -13.83 30.16
N LYS C 64 -31.33 -14.02 30.20
CA LYS C 64 -30.39 -13.06 29.65
C LYS C 64 -30.25 -13.29 28.15
N ILE C 65 -30.58 -12.27 27.36
CA ILE C 65 -30.49 -12.37 25.91
C ILE C 65 -29.09 -11.94 25.48
N THR C 66 -28.61 -12.54 24.40
CA THR C 66 -27.29 -12.20 23.86
C THR C 66 -27.37 -12.36 22.34
N VAL C 67 -27.43 -11.25 21.63
CA VAL C 67 -27.56 -11.25 20.18
C VAL C 67 -26.22 -10.87 19.57
N ASN C 68 -25.67 -11.77 18.75
CA ASN C 68 -24.43 -11.52 18.02
C ASN C 68 -24.79 -11.40 16.55
N LEU C 69 -24.42 -10.28 15.94
CA LEU C 69 -24.87 -9.92 14.60
C LEU C 69 -23.76 -10.23 13.59
N GLY C 70 -23.89 -11.36 12.91
CA GLY C 70 -23.08 -11.69 11.76
C GLY C 70 -21.59 -11.45 12.00
N PRO C 71 -20.87 -11.06 10.94
CA PRO C 71 -19.44 -10.81 11.10
C PRO C 71 -19.16 -9.79 12.19
N ALA C 72 -18.12 -10.05 12.98
CA ALA C 72 -17.78 -9.19 14.11
C ALA C 72 -17.05 -7.92 13.71
N ASN C 73 -16.57 -7.83 12.47
CA ASN C 73 -15.81 -6.68 12.01
C ASN C 73 -16.58 -5.83 11.01
N LEU C 74 -17.86 -6.10 10.81
CA LEU C 74 -18.68 -5.37 9.85
C LEU C 74 -19.73 -4.55 10.58
N PRO C 75 -19.62 -3.22 10.62
CA PRO C 75 -20.65 -2.43 11.30
C PRO C 75 -22.01 -2.62 10.64
N LYS C 76 -23.05 -2.64 11.47
CA LYS C 76 -24.42 -2.85 11.02
C LYS C 76 -25.17 -1.52 11.08
N THR C 77 -25.81 -1.16 9.96
CA THR C 77 -26.43 0.15 9.80
C THR C 77 -27.94 0.09 9.72
N GLY C 78 -28.49 -0.70 8.79
CA GLY C 78 -29.90 -0.65 8.51
C GLY C 78 -30.75 -0.91 9.74
N SER C 79 -32.02 -0.50 9.65
CA SER C 79 -33.00 -0.70 10.71
C SER C 79 -33.81 -1.97 10.52
N GLY C 80 -33.47 -2.81 9.55
CA GLY C 80 -34.24 -4.00 9.26
C GLY C 80 -33.83 -5.20 10.06
N PHE C 81 -33.09 -4.98 11.15
CA PHE C 81 -32.61 -6.06 11.98
C PHE C 81 -33.58 -6.47 13.08
N ASP C 82 -34.75 -5.83 13.16
CA ASP C 82 -35.69 -6.17 14.23
C ASP C 82 -36.39 -7.50 13.96
N LEU C 83 -36.77 -7.76 12.70
CA LEU C 83 -37.46 -9.01 12.41
C LEU C 83 -36.54 -10.22 12.56
N PRO C 84 -35.32 -10.22 12.02
CA PRO C 84 -34.44 -11.36 12.27
C PRO C 84 -34.18 -11.60 13.75
N ILE C 85 -34.01 -10.54 14.54
CA ILE C 85 -33.72 -10.71 15.95
C ILE C 85 -34.95 -11.25 16.69
N ALA C 86 -36.14 -10.76 16.34
CA ALA C 86 -37.35 -11.27 16.98
C ALA C 86 -37.55 -12.75 16.66
N LEU C 87 -37.37 -13.12 15.41
CA LEU C 87 -37.52 -14.52 15.04
C LEU C 87 -36.46 -15.38 15.70
N GLY C 88 -35.23 -14.86 15.82
CA GLY C 88 -34.20 -15.59 16.52
C GLY C 88 -34.53 -15.81 17.98
N ILE C 89 -35.07 -14.79 18.65
CA ILE C 89 -35.45 -14.93 20.05
C ILE C 89 -36.54 -15.98 20.19
N LEU C 90 -37.55 -15.90 19.33
CA LEU C 90 -38.64 -16.88 19.41
C LEU C 90 -38.13 -18.30 19.16
N ALA C 91 -37.26 -18.47 18.17
CA ALA C 91 -36.71 -19.80 17.90
C ALA C 91 -35.88 -20.30 19.08
N ALA C 92 -35.05 -19.43 19.66
CA ALA C 92 -34.21 -19.84 20.77
C ALA C 92 -35.04 -20.17 22.01
N SER C 93 -36.22 -19.56 22.13
CA SER C 93 -37.09 -19.83 23.26
C SER C 93 -38.07 -20.96 23.00
N GLU C 94 -37.86 -21.73 21.93
CA GLU C 94 -38.71 -22.86 21.54
C GLU C 94 -40.11 -22.44 21.13
N GLN C 95 -40.37 -21.13 21.03
CA GLN C 95 -41.67 -20.69 20.55
C GLN C 95 -41.91 -21.06 19.09
N ILE C 96 -40.84 -21.25 18.32
CA ILE C 96 -40.95 -21.62 16.92
C ILE C 96 -40.02 -22.79 16.65
N PRO C 97 -40.38 -23.74 15.78
CA PRO C 97 -39.40 -24.75 15.34
C PRO C 97 -38.36 -24.09 14.44
N LEU C 98 -37.09 -24.29 14.77
CA LEU C 98 -36.00 -23.56 14.13
C LEU C 98 -35.54 -24.22 12.83
N THR C 99 -36.18 -25.32 12.42
CA THR C 99 -35.88 -25.88 11.10
C THR C 99 -36.41 -24.98 9.99
N ASN C 100 -37.51 -24.27 10.25
CA ASN C 100 -38.10 -23.40 9.22
C ASN C 100 -37.17 -22.26 8.85
N LEU C 101 -36.35 -21.80 9.78
CA LEU C 101 -35.45 -20.67 9.54
C LEU C 101 -34.21 -21.06 8.76
N ALA C 102 -34.19 -22.23 8.12
CA ALA C 102 -32.97 -22.72 7.50
C ALA C 102 -32.58 -21.86 6.30
N ASN C 103 -33.42 -21.80 5.28
CA ASN C 103 -33.08 -21.18 4.02
C ASN C 103 -33.71 -19.80 3.84
N HIS C 104 -34.52 -19.34 4.78
CA HIS C 104 -35.16 -18.04 4.64
C HIS C 104 -34.22 -16.93 5.07
N GLU C 105 -34.42 -15.75 4.49
CA GLU C 105 -33.75 -14.53 4.90
C GLU C 105 -34.81 -13.50 5.25
N PHE C 106 -34.70 -12.90 6.43
CA PHE C 106 -35.72 -12.00 6.95
C PHE C 106 -35.19 -10.57 6.97
N ILE C 107 -36.02 -9.63 6.54
CA ILE C 107 -35.69 -8.21 6.56
C ILE C 107 -36.94 -7.42 6.92
N GLY C 108 -36.72 -6.23 7.47
CA GLY C 108 -37.84 -5.35 7.82
C GLY C 108 -37.89 -5.11 9.32
N GLU C 109 -38.06 -3.84 9.68
CA GLU C 109 -38.16 -3.46 11.07
C GLU C 109 -39.54 -3.79 11.63
N LEU C 110 -39.67 -3.67 12.95
CA LEU C 110 -40.91 -3.98 13.65
C LEU C 110 -41.43 -2.73 14.33
N ALA C 111 -42.72 -2.44 14.14
CA ALA C 111 -43.38 -1.41 14.92
C ALA C 111 -43.53 -1.90 16.36
N LEU C 112 -44.06 -1.03 17.22
CA LEU C 112 -44.28 -1.41 18.61
C LEU C 112 -45.50 -2.29 18.80
N SER C 113 -46.34 -2.43 17.77
CA SER C 113 -47.51 -3.29 17.83
C SER C 113 -47.25 -4.68 17.26
N GLY C 114 -46.03 -4.93 16.77
CA GLY C 114 -45.72 -6.15 16.05
C GLY C 114 -45.86 -6.01 14.55
N GLU C 115 -46.55 -4.98 14.08
CA GLU C 115 -46.68 -4.76 12.64
C GLU C 115 -45.34 -4.40 12.02
N LEU C 116 -45.08 -4.95 10.85
CA LEU C 116 -43.83 -4.68 10.15
C LEU C 116 -43.89 -3.34 9.44
N ARG C 117 -42.72 -2.75 9.22
CA ARG C 117 -42.59 -1.50 8.48
C ARG C 117 -41.53 -1.66 7.41
N GLY C 118 -41.63 -0.84 6.37
CA GLY C 118 -40.67 -0.90 5.29
C GLY C 118 -39.33 -0.29 5.65
N VAL C 119 -38.31 -0.69 4.90
CA VAL C 119 -36.95 -0.19 5.08
C VAL C 119 -36.40 0.23 3.72
N SER C 120 -35.59 1.27 3.72
CA SER C 120 -35.04 1.79 2.49
C SER C 120 -33.97 0.85 1.94
N ALA C 121 -33.66 1.02 0.66
CA ALA C 121 -32.62 0.26 -0.02
C ALA C 121 -32.87 -1.25 0.11
N ILE C 122 -34.00 -1.68 -0.45
CA ILE C 122 -34.38 -3.09 -0.40
C ILE C 122 -33.97 -3.86 -1.65
N ILE C 123 -33.80 -3.18 -2.78
CA ILE C 123 -33.50 -3.89 -4.02
C ILE C 123 -32.19 -4.67 -3.93
N PRO C 124 -31.09 -4.12 -3.42
CA PRO C 124 -29.86 -4.93 -3.32
C PRO C 124 -30.05 -6.19 -2.50
N ALA C 125 -30.83 -6.11 -1.41
CA ALA C 125 -31.10 -7.30 -0.62
C ALA C 125 -31.86 -8.33 -1.43
N VAL C 126 -32.84 -7.90 -2.21
CA VAL C 126 -33.60 -8.83 -3.04
C VAL C 126 -32.67 -9.49 -4.05
N LEU C 127 -31.79 -8.71 -4.68
CA LEU C 127 -30.85 -9.25 -5.64
C LEU C 127 -29.96 -10.31 -4.98
N ALA C 128 -29.37 -9.97 -3.83
CA ALA C 128 -28.47 -10.90 -3.17
C ALA C 128 -29.20 -12.18 -2.76
N ALA C 129 -30.40 -12.04 -2.22
CA ALA C 129 -31.17 -13.22 -1.84
C ALA C 129 -31.53 -14.05 -3.06
N HIS C 130 -31.74 -13.41 -4.21
CA HIS C 130 -32.02 -14.15 -5.43
C HIS C 130 -30.81 -14.97 -5.86
N LYS C 131 -29.62 -14.35 -5.84
CA LYS C 131 -28.41 -15.08 -6.24
C LYS C 131 -28.17 -16.29 -5.37
N ASP C 132 -28.58 -16.23 -4.10
CA ASP C 132 -28.37 -17.34 -3.17
C ASP C 132 -29.57 -18.27 -3.09
N ASN C 133 -30.63 -18.01 -3.85
CA ASN C 133 -31.82 -18.86 -3.84
C ASN C 133 -32.36 -19.03 -2.43
N GLN C 134 -32.58 -17.90 -1.75
CA GLN C 134 -33.08 -17.87 -0.39
C GLN C 134 -34.44 -17.18 -0.38
N HIS C 135 -35.43 -17.82 0.24
CA HIS C 135 -36.75 -17.21 0.38
C HIS C 135 -36.64 -15.94 1.22
N LEU C 136 -36.83 -14.79 0.59
CA LEU C 136 -36.79 -13.52 1.29
C LEU C 136 -38.17 -13.15 1.80
N ILE C 137 -38.24 -12.71 3.04
CA ILE C 137 -39.48 -12.27 3.67
C ILE C 137 -39.28 -10.84 4.14
N ILE C 138 -40.12 -9.93 3.64
CA ILE C 138 -39.95 -8.50 3.87
C ILE C 138 -41.26 -7.93 4.40
N ALA C 139 -41.21 -6.67 4.83
CA ALA C 139 -42.39 -5.99 5.31
C ALA C 139 -43.35 -5.72 4.14
N ASN C 140 -44.64 -5.74 4.45
CA ASN C 140 -45.65 -5.52 3.41
C ASN C 140 -45.47 -4.15 2.75
N ALA C 141 -44.99 -3.15 3.50
CA ALA C 141 -44.80 -1.83 2.93
C ALA C 141 -43.80 -1.86 1.77
N ASN C 142 -42.84 -2.78 1.81
CA ASN C 142 -41.84 -2.89 0.77
C ASN C 142 -42.30 -3.69 -0.43
N ALA C 143 -43.52 -4.23 -0.40
CA ALA C 143 -44.02 -4.99 -1.53
C ALA C 143 -44.17 -4.11 -2.76
N ALA C 144 -44.76 -2.92 -2.59
CA ALA C 144 -44.99 -2.03 -3.71
C ALA C 144 -43.70 -1.62 -4.39
N GLU C 145 -42.57 -1.72 -3.70
CA GLU C 145 -41.26 -1.38 -4.25
C GLU C 145 -40.53 -2.59 -4.80
N ALA C 146 -40.64 -3.74 -4.15
CA ALA C 146 -39.93 -4.93 -4.62
C ALA C 146 -40.62 -5.57 -5.81
N SER C 147 -41.94 -5.60 -5.84
CA SER C 147 -42.67 -6.32 -6.88
C SER C 147 -42.41 -5.74 -8.27
N LEU C 148 -42.05 -4.46 -8.36
CA LEU C 148 -41.82 -3.87 -9.67
C LEU C 148 -40.77 -4.65 -10.45
N THR C 149 -39.78 -5.22 -9.76
CA THR C 149 -38.80 -6.07 -10.43
C THR C 149 -39.42 -7.38 -10.91
N GLY C 150 -40.63 -7.72 -10.46
CA GLY C 150 -41.28 -8.93 -10.90
C GLY C 150 -40.62 -10.19 -10.40
N HIS C 151 -39.95 -10.14 -9.26
CA HIS C 151 -39.22 -11.28 -8.73
C HIS C 151 -40.16 -12.11 -7.86
N GLN C 152 -40.14 -13.42 -8.07
CA GLN C 152 -40.98 -14.34 -7.32
C GLN C 152 -40.20 -14.91 -6.13
N LYS C 153 -40.81 -15.88 -5.45
CA LYS C 153 -40.19 -16.51 -4.28
C LYS C 153 -39.85 -15.49 -3.20
N VAL C 154 -40.57 -14.38 -3.17
CA VAL C 154 -40.44 -13.36 -2.15
C VAL C 154 -41.81 -13.11 -1.55
N PHE C 155 -41.92 -13.21 -0.24
CA PHE C 155 -43.19 -13.07 0.46
C PHE C 155 -43.14 -11.85 1.37
N THR C 156 -44.29 -11.20 1.53
CA THR C 156 -44.39 -9.99 2.32
C THR C 156 -45.49 -10.17 3.37
N ALA C 157 -45.19 -9.77 4.60
CA ALA C 157 -46.11 -9.91 5.72
C ALA C 157 -46.44 -8.55 6.29
N ASN C 158 -47.51 -8.51 7.09
CA ASN C 158 -47.95 -7.29 7.76
C ASN C 158 -47.55 -7.24 9.21
N ASN C 159 -47.58 -8.36 9.92
CA ASN C 159 -47.25 -8.38 11.34
C ASN C 159 -46.52 -9.66 11.67
N LEU C 160 -45.81 -9.64 12.80
CA LEU C 160 -44.96 -10.76 13.19
C LEU C 160 -45.76 -12.06 13.28
N ARG C 161 -47.03 -11.98 13.68
CA ARG C 161 -47.84 -13.19 13.77
C ARG C 161 -47.98 -13.85 12.41
N GLU C 162 -48.09 -13.04 11.35
CA GLU C 162 -48.21 -13.60 10.01
C GLU C 162 -46.96 -14.40 9.63
N VAL C 163 -45.79 -13.84 9.90
CA VAL C 163 -44.54 -14.54 9.59
C VAL C 163 -44.42 -15.80 10.42
N CYS C 164 -44.76 -15.73 11.71
CA CYS C 164 -44.69 -16.92 12.55
C CYS C 164 -45.62 -18.00 12.02
N ASP C 165 -46.84 -17.62 11.61
CA ASP C 165 -47.76 -18.59 11.06
C ASP C 165 -47.22 -19.21 9.78
N TYR C 166 -46.63 -18.39 8.91
CA TYR C 166 -46.09 -18.92 7.65
C TYR C 166 -44.97 -19.91 7.92
N LEU C 167 -44.09 -19.60 8.88
CA LEU C 167 -42.99 -20.51 9.17
C LEU C 167 -43.48 -21.78 9.86
N CYS C 168 -44.49 -21.65 10.73
CA CYS C 168 -44.96 -22.81 11.47
C CYS C 168 -45.76 -23.76 10.59
N GLN C 169 -46.63 -23.22 9.73
CA GLN C 169 -47.52 -24.05 8.94
C GLN C 169 -47.68 -23.60 7.50
N GLY C 170 -46.83 -22.70 7.01
CA GLY C 170 -46.87 -22.31 5.60
C GLY C 170 -48.19 -21.69 5.18
N THR C 171 -48.75 -20.82 6.01
CA THR C 171 -50.04 -20.19 5.71
C THR C 171 -49.86 -19.02 4.75
N SER C 172 -49.55 -19.37 3.50
CA SER C 172 -49.54 -18.40 2.41
C SER C 172 -48.47 -17.34 2.61
N LEU C 173 -48.76 -16.35 3.46
CA LEU C 173 -47.91 -15.17 3.63
C LEU C 173 -47.98 -14.22 2.45
N GLN C 174 -49.12 -14.19 1.76
CA GLN C 174 -49.28 -13.30 0.61
C GLN C 174 -48.20 -13.57 -0.42
N SER C 175 -47.91 -12.59 -1.26
CA SER C 175 -46.85 -12.68 -2.26
C SER C 175 -46.73 -11.31 -2.91
N LEU C 176 -45.58 -11.07 -3.53
CA LEU C 176 -45.37 -9.79 -4.20
C LEU C 176 -46.42 -9.64 -5.29
N PRO C 177 -47.14 -8.52 -5.33
CA PRO C 177 -48.19 -8.36 -6.34
C PRO C 177 -47.60 -8.32 -7.74
N PRO C 178 -48.41 -8.52 -8.77
CA PRO C 178 -47.89 -8.48 -10.15
C PRO C 178 -47.16 -7.17 -10.42
N LYS C 179 -46.29 -7.22 -11.43
CA LYS C 179 -45.46 -6.07 -11.75
C LYS C 179 -46.24 -4.75 -11.85
N PRO C 180 -47.43 -4.68 -12.47
CA PRO C 180 -48.25 -3.46 -12.53
C PRO C 180 -47.91 -2.43 -11.46
N TYR C 187 -44.96 1.41 -25.33
CA TYR C 187 -43.66 0.88 -25.73
C TYR C 187 -43.81 -0.02 -26.97
N GLU C 188 -43.52 0.52 -28.14
CA GLU C 188 -43.23 -0.30 -29.31
C GLU C 188 -41.83 -0.02 -29.84
N LEU C 189 -41.57 1.22 -30.28
CA LEU C 189 -40.30 1.69 -30.80
C LEU C 189 -39.96 1.04 -32.14
N ASP C 190 -40.64 -0.06 -32.49
CA ASP C 190 -40.84 -0.48 -33.87
C ASP C 190 -39.64 -0.19 -34.77
N TRP C 191 -38.54 -0.92 -34.59
CA TRP C 191 -37.32 -0.74 -35.36
C TRP C 191 -37.62 -0.36 -36.81
N SER C 192 -38.69 -0.93 -37.38
CA SER C 192 -39.07 -0.60 -38.75
C SER C 192 -39.30 0.90 -38.96
N ASP C 193 -39.61 1.65 -37.89
CA ASP C 193 -39.88 3.08 -38.05
C ASP C 193 -38.76 3.80 -38.80
N ILE C 194 -37.51 3.39 -38.54
CA ILE C 194 -36.38 4.13 -39.09
C ILE C 194 -36.56 4.30 -40.59
N LYS C 195 -36.24 5.49 -41.08
CA LYS C 195 -36.41 5.79 -42.49
C LYS C 195 -35.61 4.81 -43.34
N GLY C 196 -35.83 4.88 -44.65
CA GLY C 196 -35.28 3.89 -45.55
C GLY C 196 -33.78 4.02 -45.75
N GLN C 197 -33.01 3.73 -44.70
CA GLN C 197 -31.56 3.79 -44.79
C GLN C 197 -30.95 2.48 -45.27
N GLN C 198 -31.63 1.35 -45.04
CA GLN C 198 -31.15 0.05 -45.48
C GLN C 198 -29.73 -0.24 -45.02
N HIS C 199 -28.75 0.47 -45.59
CA HIS C 199 -27.35 0.19 -45.30
C HIS C 199 -27.06 0.38 -43.82
N ALA C 200 -27.43 1.53 -43.26
CA ALA C 200 -27.21 1.77 -41.84
C ALA C 200 -27.99 0.79 -40.98
N LYS C 201 -29.18 0.39 -41.43
CA LYS C 201 -29.93 -0.63 -40.70
C LYS C 201 -29.15 -1.93 -40.64
N ASN C 202 -28.56 -2.35 -41.76
CA ASN C 202 -27.76 -3.57 -41.77
C ASN C 202 -26.55 -3.43 -40.87
N ALA C 203 -25.92 -2.25 -40.86
CA ALA C 203 -24.77 -2.04 -40.00
C ALA C 203 -25.16 -2.14 -38.53
N MET C 204 -26.29 -1.54 -38.15
CA MET C 204 -26.76 -1.69 -36.78
C MET C 204 -27.08 -3.15 -36.47
N VAL C 205 -27.61 -3.88 -37.44
CA VAL C 205 -27.94 -5.29 -37.21
C VAL C 205 -26.68 -6.10 -36.92
N ILE C 206 -25.63 -5.90 -37.73
CA ILE C 206 -24.40 -6.66 -37.48
C ILE C 206 -23.77 -6.22 -36.17
N ALA C 207 -23.84 -4.93 -35.86
CA ALA C 207 -23.28 -4.45 -34.59
C ALA C 207 -23.97 -5.13 -33.41
N ALA C 208 -25.31 -5.19 -33.44
CA ALA C 208 -26.03 -5.87 -32.37
C ALA C 208 -25.69 -7.35 -32.34
N CYS C 209 -25.58 -7.98 -33.51
CA CYS C 209 -25.32 -9.42 -33.56
C CYS C 209 -23.96 -9.75 -32.95
N GLY C 210 -22.95 -8.94 -33.25
CA GLY C 210 -21.60 -9.22 -32.78
C GLY C 210 -21.24 -8.47 -31.53
N GLY C 211 -22.09 -7.54 -31.10
CA GLY C 211 -21.79 -6.73 -29.93
C GLY C 211 -20.75 -5.65 -30.16
N HIS C 212 -20.52 -5.26 -31.41
CA HIS C 212 -19.52 -4.26 -31.73
C HIS C 212 -20.01 -2.87 -31.38
N SER C 213 -19.07 -1.98 -31.06
CA SER C 213 -19.36 -0.57 -30.96
C SER C 213 -19.35 0.05 -32.34
N ILE C 214 -20.35 0.89 -32.63
CA ILE C 214 -20.55 1.42 -33.96
C ILE C 214 -20.55 2.94 -33.91
N LEU C 215 -20.10 3.54 -35.01
CA LEU C 215 -20.02 4.98 -35.16
C LEU C 215 -20.97 5.44 -36.25
N LEU C 216 -21.58 6.61 -36.05
CA LEU C 216 -22.56 7.15 -36.97
C LEU C 216 -22.11 8.53 -37.44
N SER C 217 -22.27 8.78 -38.74
CA SER C 217 -21.86 10.03 -39.35
C SER C 217 -23.00 10.61 -40.17
N GLY C 218 -23.09 11.93 -40.20
CA GLY C 218 -24.12 12.60 -40.96
C GLY C 218 -24.31 14.03 -40.48
N ALA C 219 -25.15 14.75 -41.21
CA ALA C 219 -25.41 16.14 -40.86
C ALA C 219 -26.06 16.21 -39.48
N PRO C 220 -25.74 17.22 -38.67
CA PRO C 220 -26.29 17.27 -37.32
C PRO C 220 -27.81 17.21 -37.33
N GLY C 221 -28.36 16.34 -36.49
CA GLY C 221 -29.79 16.19 -36.37
C GLY C 221 -30.46 15.52 -37.55
N SER C 222 -29.71 15.09 -38.57
CA SER C 222 -30.29 14.45 -39.73
C SER C 222 -30.76 13.03 -39.44
N GLY C 223 -30.43 12.48 -38.27
CA GLY C 223 -30.81 11.13 -37.94
C GLY C 223 -30.08 10.62 -36.72
N LYS C 224 -29.48 9.44 -36.82
CA LYS C 224 -28.67 8.89 -35.74
C LYS C 224 -29.51 8.66 -34.49
N THR C 225 -29.82 9.74 -33.78
CA THR C 225 -30.55 9.62 -32.52
C THR C 225 -31.84 8.83 -32.71
N MET C 226 -32.54 9.06 -33.83
CA MET C 226 -33.76 8.30 -34.09
C MET C 226 -33.46 6.81 -34.21
N MET C 227 -32.37 6.46 -34.92
CA MET C 227 -31.97 5.06 -35.01
C MET C 227 -31.29 4.58 -33.73
N ALA C 228 -30.59 5.48 -33.02
CA ALA C 228 -29.93 5.09 -31.78
C ALA C 228 -30.95 4.66 -30.74
N LYS C 229 -32.07 5.37 -30.65
CA LYS C 229 -33.11 5.02 -29.69
C LYS C 229 -33.61 3.60 -29.93
N ARG C 230 -33.86 3.26 -31.19
CA ARG C 230 -34.45 1.98 -31.54
C ARG C 230 -33.42 0.86 -31.65
N PHE C 231 -32.13 1.18 -31.67
CA PHE C 231 -31.12 0.13 -31.65
C PHE C 231 -31.26 -0.75 -30.42
N SER C 232 -31.68 -0.17 -29.30
CA SER C 232 -31.83 -0.94 -28.07
C SER C 232 -32.88 -2.03 -28.21
N THR C 233 -33.81 -1.90 -29.16
CA THR C 233 -34.88 -2.87 -29.30
C THR C 233 -34.40 -4.19 -29.88
N LEU C 234 -33.27 -4.19 -30.62
CA LEU C 234 -32.78 -5.43 -31.20
C LEU C 234 -32.13 -6.33 -30.17
N LEU C 235 -31.50 -5.76 -29.15
CA LEU C 235 -30.73 -6.56 -28.22
C LEU C 235 -31.64 -7.55 -27.49
N PRO C 236 -31.11 -8.71 -27.10
CA PRO C 236 -31.94 -9.72 -26.44
C PRO C 236 -32.42 -9.25 -25.08
N GLU C 237 -33.56 -9.80 -24.66
CA GLU C 237 -34.13 -9.46 -23.37
C GLU C 237 -33.17 -9.86 -22.25
N LEU C 238 -33.11 -9.02 -21.21
CA LEU C 238 -32.25 -9.30 -20.08
C LEU C 238 -32.81 -10.45 -19.24
N SER C 239 -31.92 -11.28 -18.71
CA SER C 239 -32.33 -12.32 -17.79
C SER C 239 -32.81 -11.71 -16.48
N GLU C 240 -33.34 -12.57 -15.61
CA GLU C 240 -33.83 -12.09 -14.32
C GLU C 240 -32.72 -11.47 -13.50
N THR C 241 -31.55 -12.14 -13.46
CA THR C 241 -30.45 -11.62 -12.66
C THR C 241 -29.95 -10.30 -13.21
N GLN C 242 -29.84 -10.17 -14.54
CA GLN C 242 -29.41 -8.90 -15.13
C GLN C 242 -30.42 -7.80 -14.85
N ALA C 243 -31.71 -8.13 -14.95
CA ALA C 243 -32.75 -7.15 -14.65
C ALA C 243 -32.63 -6.67 -13.21
N LEU C 244 -32.41 -7.59 -12.28
CA LEU C 244 -32.26 -7.21 -10.88
C LEU C 244 -30.98 -6.42 -10.65
N GLU C 245 -29.91 -6.72 -11.38
CA GLU C 245 -28.69 -5.93 -11.28
C GLU C 245 -28.94 -4.49 -11.70
N CYS C 246 -29.61 -4.31 -12.84
CA CYS C 246 -29.93 -2.97 -13.30
C CYS C 246 -30.84 -2.26 -12.31
N ALA C 247 -31.81 -2.98 -11.76
CA ALA C 247 -32.71 -2.40 -10.76
C ALA C 247 -31.94 -1.97 -9.52
N ALA C 248 -30.98 -2.78 -9.07
CA ALA C 248 -30.19 -2.43 -7.90
C ALA C 248 -29.35 -1.18 -8.15
N ILE C 249 -28.74 -1.09 -9.33
CA ILE C 249 -27.94 0.10 -9.64
C ILE C 249 -28.81 1.34 -9.67
N ASN C 250 -29.96 1.25 -10.35
CA ASN C 250 -30.87 2.39 -10.38
C ASN C 250 -31.46 2.69 -9.01
N SER C 251 -31.49 1.70 -8.11
CA SER C 251 -31.96 1.95 -6.75
C SER C 251 -30.92 2.74 -5.97
N ILE C 252 -29.65 2.33 -6.05
CA ILE C 252 -28.61 3.09 -5.37
C ILE C 252 -28.55 4.49 -5.94
N ARG C 253 -28.91 4.66 -7.22
CA ARG C 253 -29.10 6.00 -7.75
C ARG C 253 -30.16 6.74 -6.95
N GLY C 254 -31.22 6.05 -6.55
CA GLY C 254 -32.25 6.60 -5.70
C GLY C 254 -33.63 6.79 -6.35
N LYS C 255 -33.91 6.12 -7.47
CA LYS C 255 -35.22 6.24 -8.10
C LYS C 255 -35.46 5.03 -8.99
N LEU C 256 -36.35 4.14 -8.57
CA LEU C 256 -37.01 3.26 -9.53
C LEU C 256 -38.45 2.95 -9.19
N PRO C 257 -39.28 3.91 -8.77
CA PRO C 257 -40.73 3.67 -8.80
C PRO C 257 -41.28 3.68 -10.20
N ASP C 258 -41.00 4.77 -10.93
CA ASP C 258 -41.48 5.08 -12.27
C ASP C 258 -42.33 3.98 -12.93
N PHE C 259 -41.99 3.59 -14.16
CA PHE C 259 -42.70 2.52 -14.86
C PHE C 259 -41.75 1.66 -15.68
N ARG C 260 -40.45 1.72 -15.41
CA ARG C 260 -39.47 1.05 -16.26
C ARG C 260 -39.75 -0.44 -16.34
N GLU C 261 -39.75 -0.97 -17.56
CA GLU C 261 -39.85 -2.40 -17.80
C GLU C 261 -38.42 -2.96 -17.72
N TRP C 262 -38.07 -3.48 -16.55
CA TRP C 262 -36.67 -3.74 -16.22
C TRP C 262 -36.06 -4.90 -17.02
N ARG C 263 -36.86 -5.67 -17.74
CA ARG C 263 -36.33 -6.80 -18.50
C ARG C 263 -35.79 -6.40 -19.86
N LEU C 264 -35.88 -5.12 -20.24
CA LEU C 264 -35.33 -4.64 -21.50
C LEU C 264 -34.03 -3.89 -21.28
N PRO C 265 -33.09 -3.96 -22.21
CA PRO C 265 -31.80 -3.28 -22.01
C PRO C 265 -31.99 -1.78 -21.79
N PRO C 266 -31.22 -1.19 -20.89
CA PRO C 266 -31.30 0.27 -20.70
C PRO C 266 -30.73 1.01 -21.90
N PHE C 267 -30.97 2.32 -21.92
CA PHE C 267 -30.40 3.20 -22.94
C PHE C 267 -30.13 4.54 -22.29
N ARG C 268 -28.87 4.96 -22.29
CA ARG C 268 -28.46 6.22 -21.69
C ARG C 268 -27.82 7.10 -22.76
N ALA C 269 -28.25 8.36 -22.82
CA ALA C 269 -27.78 9.32 -23.82
C ALA C 269 -27.33 10.59 -23.11
N PRO C 270 -26.18 10.57 -22.45
CA PRO C 270 -25.70 11.77 -21.76
C PRO C 270 -25.49 12.92 -22.75
N HIS C 271 -25.82 14.12 -22.31
CA HIS C 271 -25.61 15.31 -23.14
C HIS C 271 -24.12 15.66 -23.16
N HIS C 272 -23.67 16.17 -24.30
CA HIS C 272 -22.23 16.26 -24.53
C HIS C 272 -21.54 17.25 -23.60
N THR C 273 -22.29 18.15 -22.96
CA THR C 273 -21.67 18.99 -21.94
C THR C 273 -21.13 18.13 -20.81
N ALA C 274 -21.90 17.13 -20.39
CA ALA C 274 -21.39 16.08 -19.52
C ALA C 274 -20.90 16.62 -18.18
N SER C 275 -20.32 15.74 -17.37
CA SER C 275 -19.74 16.10 -16.09
C SER C 275 -18.72 15.03 -15.71
N PRO C 276 -17.49 15.41 -15.32
CA PRO C 276 -16.47 14.39 -15.04
C PRO C 276 -16.83 13.44 -13.92
N VAL C 277 -17.83 13.76 -13.11
CA VAL C 277 -18.24 12.92 -11.99
C VAL C 277 -19.52 12.15 -12.30
N ALA C 278 -20.53 12.84 -12.82
CA ALA C 278 -21.81 12.18 -13.08
C ALA C 278 -21.70 11.14 -14.19
N LEU C 279 -20.92 11.43 -15.23
CA LEU C 279 -20.85 10.54 -16.38
C LEU C 279 -20.01 9.30 -16.09
N VAL C 280 -19.03 9.40 -15.20
CA VAL C 280 -18.15 8.28 -14.89
C VAL C 280 -18.58 7.62 -13.58
N GLY C 281 -18.53 8.37 -12.49
CA GLY C 281 -18.88 7.83 -11.19
C GLY C 281 -19.09 8.90 -10.14
N GLY C 282 -20.06 8.69 -9.26
CA GLY C 282 -20.42 9.71 -8.29
C GLY C 282 -19.41 9.79 -7.14
N GLY C 283 -19.17 11.02 -6.68
CA GLY C 283 -18.30 11.26 -5.56
C GLY C 283 -19.07 11.62 -4.29
N ASN C 284 -18.31 11.98 -3.26
CA ASN C 284 -18.88 12.32 -1.97
C ASN C 284 -19.57 11.05 -1.44
N PRO C 285 -20.88 10.83 -1.54
CA PRO C 285 -21.39 9.47 -1.37
C PRO C 285 -21.35 8.73 -2.69
N PRO C 286 -20.48 7.71 -2.82
CA PRO C 286 -20.44 6.93 -4.06
C PRO C 286 -21.80 6.65 -4.66
N LYS C 287 -22.01 7.10 -5.90
CA LYS C 287 -23.24 6.84 -6.63
C LYS C 287 -22.90 6.39 -8.03
N PRO C 288 -23.76 5.58 -8.66
CA PRO C 288 -23.47 5.11 -10.01
C PRO C 288 -23.51 6.25 -11.02
N GLY C 289 -22.52 6.28 -11.90
CA GLY C 289 -22.50 7.26 -12.96
C GLY C 289 -23.35 6.84 -14.14
N GLU C 290 -23.52 7.78 -15.07
CA GLU C 290 -24.32 7.48 -16.26
C GLU C 290 -23.76 6.27 -17.01
N ILE C 291 -22.45 6.05 -16.92
CA ILE C 291 -21.85 4.90 -17.57
C ILE C 291 -22.41 3.61 -17.00
N SER C 292 -22.48 3.51 -15.67
CA SER C 292 -22.95 2.29 -15.03
C SER C 292 -24.47 2.13 -15.16
N LEU C 293 -25.21 3.25 -15.24
CA LEU C 293 -26.64 3.15 -15.50
C LEU C 293 -26.93 2.49 -16.84
N ALA C 294 -25.98 2.52 -17.76
CA ALA C 294 -26.11 1.84 -19.04
C ALA C 294 -25.67 0.38 -18.98
N HIS C 295 -25.45 -0.15 -17.78
CA HIS C 295 -25.02 -1.53 -17.63
C HIS C 295 -26.01 -2.47 -18.32
N HIS C 296 -25.47 -3.43 -19.06
CA HIS C 296 -26.26 -4.38 -19.84
C HIS C 296 -27.15 -3.68 -20.85
N GLY C 297 -26.80 -2.47 -21.25
CA GLY C 297 -27.58 -1.68 -22.18
C GLY C 297 -26.70 -1.04 -23.23
N VAL C 298 -27.18 0.09 -23.74
CA VAL C 298 -26.51 0.83 -24.81
C VAL C 298 -26.21 2.24 -24.29
N LEU C 299 -24.95 2.65 -24.40
CA LEU C 299 -24.53 3.99 -24.05
C LEU C 299 -24.36 4.79 -25.33
N PHE C 300 -25.12 5.88 -25.46
CA PHE C 300 -25.13 6.70 -26.66
C PHE C 300 -24.39 8.01 -26.38
N LEU C 301 -23.20 8.14 -26.94
CA LEU C 301 -22.40 9.35 -26.80
C LEU C 301 -22.53 10.15 -28.10
N ASP C 302 -23.61 10.91 -28.20
CA ASP C 302 -23.82 11.75 -29.38
C ASP C 302 -22.77 12.86 -29.43
N GLU C 303 -22.37 13.22 -30.65
CA GLU C 303 -21.37 14.25 -30.87
C GLU C 303 -20.09 13.93 -30.10
N LEU C 304 -19.47 12.82 -30.49
CA LEU C 304 -18.28 12.34 -29.79
C LEU C 304 -17.19 13.41 -29.66
N PRO C 305 -16.91 14.24 -30.67
CA PRO C 305 -15.83 15.23 -30.53
C PRO C 305 -15.96 16.13 -29.32
N GLU C 306 -17.17 16.21 -28.77
CA GLU C 306 -17.42 16.97 -27.56
C GLU C 306 -16.90 16.16 -26.37
N PHE C 307 -17.31 16.54 -25.15
CA PHE C 307 -16.74 15.97 -23.94
C PHE C 307 -15.31 16.47 -23.77
N ASN C 308 -14.44 15.66 -23.18
CA ASN C 308 -13.06 16.09 -22.94
C ASN C 308 -12.14 14.89 -23.05
N ARG C 309 -10.86 15.17 -23.27
CA ARG C 309 -9.86 14.14 -23.56
C ARG C 309 -9.35 13.41 -22.33
N GLN C 310 -10.04 13.48 -21.19
CA GLN C 310 -9.69 12.73 -19.99
C GLN C 310 -10.76 11.72 -19.60
N VAL C 311 -12.03 12.12 -19.57
CA VAL C 311 -13.09 11.18 -19.21
C VAL C 311 -13.18 10.07 -20.24
N LEU C 312 -13.07 10.40 -21.53
CA LEU C 312 -13.04 9.36 -22.56
C LEU C 312 -11.89 8.39 -22.34
N GLU C 313 -10.81 8.82 -21.69
CA GLU C 313 -9.74 7.88 -21.37
C GLU C 313 -10.17 6.93 -20.27
N THR C 314 -10.89 7.42 -19.26
CA THR C 314 -11.37 6.56 -18.19
C THR C 314 -12.38 5.54 -18.69
N LEU C 315 -12.96 5.75 -19.87
CA LEU C 315 -13.86 4.78 -20.47
C LEU C 315 -13.12 3.61 -21.12
N ARG C 316 -11.80 3.73 -21.29
CA ARG C 316 -11.04 2.62 -21.87
C ARG C 316 -11.13 1.39 -21.00
N GLU C 317 -11.03 1.55 -19.68
CA GLU C 317 -11.13 0.40 -18.78
C GLU C 317 -12.49 -0.26 -18.85
N PRO C 318 -13.59 0.42 -18.49
CA PRO C 318 -14.89 -0.28 -18.47
C PRO C 318 -15.29 -0.85 -19.81
N LEU C 319 -14.84 -0.25 -20.92
CA LEU C 319 -15.23 -0.74 -22.22
C LEU C 319 -14.80 -2.19 -22.44
N GLU C 320 -13.70 -2.61 -21.83
CA GLU C 320 -13.16 -3.94 -22.00
C GLU C 320 -13.26 -4.78 -20.73
N SER C 321 -12.77 -4.27 -19.60
CA SER C 321 -12.86 -5.02 -18.35
C SER C 321 -14.31 -5.26 -17.95
N GLY C 322 -15.16 -4.25 -18.11
CA GLY C 322 -16.57 -4.36 -17.77
C GLY C 322 -16.96 -3.76 -16.44
N HIS C 323 -16.10 -2.94 -15.83
CA HIS C 323 -16.41 -2.32 -14.56
C HIS C 323 -15.63 -1.03 -14.43
N ILE C 324 -16.09 -0.16 -13.52
CA ILE C 324 -15.43 1.09 -13.21
C ILE C 324 -15.11 1.10 -11.72
N CYS C 325 -13.85 1.39 -11.40
CA CYS C 325 -13.39 1.47 -10.02
C CYS C 325 -13.07 2.92 -9.69
N ILE C 326 -13.80 3.49 -8.73
CA ILE C 326 -13.63 4.87 -8.31
C ILE C 326 -13.20 4.87 -6.85
N SER C 327 -12.10 5.56 -6.55
CA SER C 327 -11.56 5.62 -5.21
C SER C 327 -11.00 7.01 -4.94
N ARG C 328 -11.07 7.42 -3.67
CA ARG C 328 -10.52 8.69 -3.21
C ARG C 328 -9.50 8.50 -2.09
N ALA C 329 -8.85 7.33 -2.04
CA ALA C 329 -7.90 6.92 -1.01
C ALA C 329 -8.61 6.50 0.28
N ALA C 330 -9.93 6.66 0.36
CA ALA C 330 -10.68 6.23 1.54
C ALA C 330 -11.46 4.94 1.31
N ALA C 331 -11.83 4.64 0.07
CA ALA C 331 -12.55 3.42 -0.23
C ALA C 331 -12.40 3.13 -1.73
N GLN C 332 -12.64 1.87 -2.09
CA GLN C 332 -12.60 1.41 -3.47
C GLN C 332 -14.00 0.90 -3.83
N ILE C 333 -14.74 1.69 -4.60
CA ILE C 333 -16.11 1.37 -4.98
C ILE C 333 -16.12 0.92 -6.43
N GLU C 334 -16.74 -0.23 -6.69
CA GLU C 334 -16.81 -0.82 -8.02
C GLU C 334 -18.25 -0.81 -8.50
N PHE C 335 -18.46 -0.37 -9.74
CA PHE C 335 -19.76 -0.41 -10.37
C PHE C 335 -19.65 -1.12 -11.72
N PRO C 336 -20.60 -1.98 -12.06
CA PRO C 336 -20.56 -2.62 -13.38
C PRO C 336 -20.70 -1.59 -14.49
N ALA C 337 -19.93 -1.79 -15.56
CA ALA C 337 -19.94 -0.88 -16.71
C ALA C 337 -19.89 -1.67 -18.01
N LYS C 338 -20.65 -2.76 -18.09
CA LYS C 338 -20.73 -3.57 -19.32
C LYS C 338 -21.80 -2.95 -20.20
N PHE C 339 -21.39 -2.24 -21.24
CA PHE C 339 -22.30 -1.60 -22.16
C PHE C 339 -21.78 -1.76 -23.58
N GLN C 340 -22.62 -1.42 -24.55
CA GLN C 340 -22.29 -1.49 -25.97
C GLN C 340 -22.29 -0.05 -26.49
N LEU C 341 -21.12 0.60 -26.43
CA LEU C 341 -21.02 2.00 -26.77
C LEU C 341 -21.43 2.25 -28.20
N ILE C 342 -22.27 3.27 -28.40
CA ILE C 342 -22.60 3.80 -29.72
C ILE C 342 -22.32 5.29 -29.68
N ALA C 343 -21.50 5.76 -30.60
CA ALA C 343 -21.14 7.17 -30.69
C ALA C 343 -21.63 7.76 -32.00
N ALA C 344 -21.68 9.08 -32.04
CA ALA C 344 -22.12 9.80 -33.24
C ALA C 344 -21.29 11.06 -33.39
N MET C 345 -21.18 11.53 -34.63
CA MET C 345 -20.37 12.70 -34.92
C MET C 345 -20.79 13.26 -36.28
N ASN C 346 -20.88 14.59 -36.35
CA ASN C 346 -21.05 15.25 -37.62
C ASN C 346 -19.77 15.14 -38.43
N PRO C 347 -19.84 15.31 -39.76
CA PRO C 347 -18.63 15.27 -40.60
C PRO C 347 -17.82 16.56 -40.52
N CYS C 348 -17.59 17.04 -39.29
CA CYS C 348 -16.81 18.23 -39.02
C CYS C 348 -17.47 19.48 -39.62
N PRO C 349 -17.27 20.66 -39.02
CA PRO C 349 -17.88 21.89 -39.53
C PRO C 349 -17.21 22.38 -40.81
N PRO C 364 -8.88 21.48 -45.24
CA PRO C 364 -8.25 22.63 -44.59
C PRO C 364 -7.91 22.36 -43.13
N ASP C 365 -6.96 23.14 -42.58
CA ASP C 365 -6.58 22.96 -41.19
C ASP C 365 -7.73 23.33 -40.25
N ARG C 366 -8.49 24.37 -40.60
CA ARG C 366 -9.62 24.77 -39.78
C ARG C 366 -10.60 23.62 -39.57
N ILE C 367 -10.70 22.71 -40.54
CA ILE C 367 -11.55 21.53 -40.40
C ILE C 367 -10.75 20.31 -39.95
N SER C 368 -9.45 20.25 -40.24
CA SER C 368 -8.63 19.13 -39.80
C SER C 368 -8.48 19.10 -38.28
N ARG C 369 -8.39 20.28 -37.65
CA ARG C 369 -8.18 20.34 -36.21
C ARG C 369 -9.32 19.67 -35.45
N TYR C 370 -10.55 19.76 -35.98
CA TYR C 370 -11.70 19.22 -35.27
C TYR C 370 -11.56 17.72 -35.04
N LEU C 371 -11.27 16.98 -36.11
CA LEU C 371 -11.06 15.54 -35.98
C LEU C 371 -9.67 15.20 -35.47
N ALA C 372 -8.73 16.15 -35.48
CA ALA C 372 -7.41 15.91 -34.92
C ALA C 372 -7.39 15.99 -33.39
N LYS C 373 -8.40 16.62 -32.79
CA LYS C 373 -8.48 16.77 -31.34
C LYS C 373 -9.27 15.64 -30.69
N LEU C 374 -9.67 14.63 -31.47
CA LEU C 374 -10.48 13.55 -30.96
C LEU C 374 -9.67 12.66 -30.02
N SER C 375 -10.37 11.73 -29.36
CA SER C 375 -9.72 10.76 -28.48
C SER C 375 -9.35 9.56 -29.34
N ALA C 376 -8.18 9.63 -29.96
CA ALA C 376 -7.68 8.53 -30.79
C ALA C 376 -7.66 7.20 -30.07
N PRO C 377 -7.14 7.08 -28.84
CA PRO C 377 -7.12 5.76 -28.20
C PRO C 377 -8.49 5.14 -28.03
N LEU C 378 -9.51 5.96 -27.73
CA LEU C 378 -10.86 5.42 -27.58
C LEU C 378 -11.50 5.15 -28.94
N LEU C 379 -11.35 6.09 -29.88
CA LEU C 379 -11.89 5.87 -31.22
C LEU C 379 -11.35 4.59 -31.82
N ASP C 380 -10.10 4.26 -31.54
CA ASP C 380 -9.51 3.04 -32.07
C ASP C 380 -10.27 1.81 -31.61
N ARG C 381 -11.02 1.91 -30.51
CA ARG C 381 -11.81 0.79 -30.00
C ARG C 381 -13.20 0.71 -30.62
N ILE C 382 -13.61 1.70 -31.42
CA ILE C 382 -14.91 1.69 -32.06
C ILE C 382 -14.76 0.96 -33.38
N ASP C 383 -15.33 -0.24 -33.47
CA ASP C 383 -15.07 -1.11 -34.60
C ASP C 383 -15.62 -0.54 -35.91
N MET C 384 -16.84 -0.02 -35.89
CA MET C 384 -17.59 0.22 -37.11
C MET C 384 -17.83 1.71 -37.32
N GLN C 385 -18.15 2.04 -38.58
CA GLN C 385 -18.48 3.41 -38.95
C GLN C 385 -19.38 3.37 -40.18
N VAL C 386 -20.48 4.12 -40.14
CA VAL C 386 -21.41 4.21 -41.25
C VAL C 386 -21.85 5.66 -41.42
N THR C 387 -22.37 5.96 -42.60
CA THR C 387 -22.80 7.31 -42.96
C THR C 387 -24.31 7.37 -43.07
N ILE C 388 -24.91 8.33 -42.37
CA ILE C 388 -26.36 8.48 -42.35
C ILE C 388 -26.68 9.64 -43.29
N HIS C 389 -26.98 9.31 -44.54
CA HIS C 389 -27.40 10.32 -45.51
C HIS C 389 -28.77 10.87 -45.12
N ALA C 390 -28.91 12.19 -45.23
CA ALA C 390 -30.13 12.85 -44.79
C ALA C 390 -31.32 12.48 -45.68
N LEU C 391 -32.50 12.47 -45.08
CA LEU C 391 -33.75 12.22 -45.77
C LEU C 391 -34.55 13.52 -45.85
N SER C 392 -35.32 13.66 -46.94
CA SER C 392 -36.14 14.85 -47.15
C SER C 392 -37.63 14.53 -47.12
N GLN C 393 -38.11 13.67 -48.01
CA GLN C 393 -39.52 13.31 -48.04
C GLN C 393 -39.78 11.86 -48.40
N GLU C 394 -38.76 11.04 -48.58
CA GLU C 394 -38.96 9.70 -49.11
C GLU C 394 -39.79 8.84 -48.18
N GLU C 395 -39.56 8.97 -46.87
CA GLU C 395 -40.23 8.13 -45.88
C GLU C 395 -41.66 8.57 -45.59
N LEU C 396 -42.11 9.69 -46.16
CA LEU C 396 -43.45 10.20 -45.85
C LEU C 396 -44.54 9.21 -46.22
N ILE C 397 -44.26 8.29 -47.15
CA ILE C 397 -45.20 7.21 -47.47
C ILE C 397 -44.88 6.07 -46.50
N LYS C 398 -45.49 6.14 -45.31
CA LYS C 398 -45.16 5.27 -44.20
C LYS C 398 -45.63 3.83 -44.40
N PRO C 399 -46.82 3.60 -44.97
CA PRO C 399 -47.27 2.22 -45.17
C PRO C 399 -46.31 1.44 -46.06
N ASN C 400 -46.24 0.13 -45.80
CA ASN C 400 -45.44 -0.86 -46.52
C ASN C 400 -43.98 -0.85 -46.07
N THR C 401 -43.57 0.04 -45.16
CA THR C 401 -42.23 0.01 -44.60
C THR C 401 -42.29 -0.02 -43.08
N HIS C 402 -43.30 0.64 -42.52
CA HIS C 402 -43.54 0.61 -41.09
C HIS C 402 -44.43 -0.54 -40.65
N LEU C 403 -45.13 -1.19 -41.59
CA LEU C 403 -46.14 -2.18 -41.28
C LEU C 403 -45.58 -3.61 -41.31
N GLU C 404 -44.49 -3.85 -40.59
CA GLU C 404 -43.97 -5.22 -40.47
C GLU C 404 -43.51 -5.60 -39.07
N LYS C 405 -43.29 -4.65 -38.16
CA LYS C 405 -42.84 -4.95 -36.80
C LYS C 405 -41.62 -5.88 -36.83
N GLN C 406 -40.53 -5.35 -37.38
CA GLN C 406 -39.34 -6.15 -37.69
C GLN C 406 -38.48 -6.44 -36.46
N SER C 407 -38.80 -5.88 -35.30
CA SER C 407 -37.91 -6.01 -34.15
C SER C 407 -37.80 -7.46 -33.69
N LEU C 408 -38.92 -8.20 -33.67
CA LEU C 408 -38.91 -9.53 -33.06
C LEU C 408 -37.98 -10.48 -33.81
N ALA C 409 -38.06 -10.48 -35.14
CA ALA C 409 -37.22 -11.39 -35.91
C ALA C 409 -35.75 -11.08 -35.71
N ILE C 410 -35.40 -9.79 -35.73
CA ILE C 410 -34.01 -9.40 -35.54
C ILE C 410 -33.52 -9.82 -34.16
N ARG C 411 -34.36 -9.63 -33.13
CA ARG C 411 -33.95 -10.02 -31.78
C ARG C 411 -33.77 -11.53 -31.67
N GLU C 412 -34.66 -12.30 -32.30
CA GLU C 412 -34.50 -13.76 -32.29
C GLU C 412 -33.19 -14.17 -32.96
N LYS C 413 -32.91 -13.56 -34.12
CA LYS C 413 -31.67 -13.87 -34.81
C LYS C 413 -30.46 -13.50 -33.95
N VAL C 414 -30.53 -12.36 -33.27
CA VAL C 414 -29.43 -11.93 -32.41
C VAL C 414 -29.24 -12.92 -31.26
N THR C 415 -30.34 -13.44 -30.71
CA THR C 415 -30.22 -14.43 -29.64
C THR C 415 -29.50 -15.67 -30.14
N LYS C 416 -29.93 -16.20 -31.29
CA LYS C 416 -29.26 -17.39 -31.83
C LYS C 416 -27.79 -17.09 -32.12
N MET C 417 -27.51 -15.90 -32.65
CA MET C 417 -26.14 -15.53 -32.98
C MET C 417 -25.27 -15.48 -31.74
N HIS C 418 -25.77 -14.85 -30.68
CA HIS C 418 -25.02 -14.80 -29.43
C HIS C 418 -24.79 -16.20 -28.88
N GLU C 419 -25.81 -17.05 -28.95
CA GLU C 419 -25.65 -18.40 -28.42
C GLU C 419 -24.55 -19.15 -29.17
N ILE C 420 -24.57 -19.11 -30.51
CA ILE C 420 -23.54 -19.80 -31.27
C ILE C 420 -22.17 -19.17 -31.05
N GLN C 421 -22.11 -17.84 -30.99
CA GLN C 421 -20.82 -17.18 -30.78
C GLN C 421 -20.21 -17.59 -29.45
N MET C 422 -21.00 -17.54 -28.38
CA MET C 422 -20.50 -17.98 -27.08
C MET C 422 -20.16 -19.46 -27.09
N ALA C 423 -20.87 -20.25 -27.90
CA ALA C 423 -20.53 -21.66 -28.02
C ALA C 423 -19.14 -21.86 -28.62
N ARG C 424 -18.82 -21.10 -29.67
CA ARG C 424 -17.49 -21.21 -30.27
C ARG C 424 -16.41 -20.89 -29.23
N GLN C 425 -16.57 -19.76 -28.54
CA GLN C 425 -15.68 -19.41 -27.44
C GLN C 425 -16.46 -18.53 -26.47
N ASP C 426 -15.99 -18.48 -25.22
CA ASP C 426 -16.71 -17.75 -24.17
C ASP C 426 -16.35 -16.28 -24.31
N SER C 427 -16.77 -15.70 -25.43
CA SER C 427 -16.63 -14.27 -25.69
C SER C 427 -17.33 -13.95 -27.00
N LEU C 428 -18.04 -12.82 -27.03
CA LEU C 428 -18.64 -12.38 -28.26
C LEU C 428 -17.56 -11.96 -29.26
N ASN C 429 -17.95 -11.92 -30.54
CA ASN C 429 -17.00 -11.54 -31.58
C ASN C 429 -16.36 -10.19 -31.30
N ALA C 430 -17.08 -9.29 -30.65
CA ALA C 430 -16.57 -7.94 -30.41
C ALA C 430 -15.51 -7.91 -29.31
N ASN C 431 -15.31 -9.00 -28.57
CA ASN C 431 -14.35 -9.04 -27.48
C ASN C 431 -13.28 -10.11 -27.68
N LEU C 432 -13.13 -10.60 -28.89
CA LEU C 432 -12.04 -11.54 -29.17
C LEU C 432 -10.70 -10.81 -29.19
N ASN C 433 -9.63 -11.59 -29.02
CA ASN C 433 -8.27 -11.07 -29.06
C ASN C 433 -7.61 -11.48 -30.37
N SER C 434 -6.39 -10.98 -30.57
CA SER C 434 -5.66 -11.32 -31.79
C SER C 434 -5.43 -12.82 -31.94
N LYS C 435 -5.47 -13.56 -30.83
CA LYS C 435 -5.26 -15.00 -30.90
C LYS C 435 -6.50 -15.70 -31.45
N THR C 436 -7.62 -15.56 -30.76
CA THR C 436 -8.83 -16.29 -31.14
C THR C 436 -9.31 -15.85 -32.52
N CYS C 437 -9.30 -14.55 -32.80
CA CYS C 437 -9.79 -14.05 -34.08
C CYS C 437 -9.02 -14.60 -35.26
N GLU C 438 -7.95 -15.36 -35.02
CA GLU C 438 -7.27 -16.13 -36.06
C GLU C 438 -7.56 -17.62 -35.97
N MET C 439 -7.64 -18.17 -34.76
CA MET C 439 -8.01 -19.58 -34.57
C MET C 439 -9.48 -19.84 -34.81
N VAL C 440 -10.33 -18.83 -34.68
CA VAL C 440 -11.76 -19.01 -34.87
C VAL C 440 -12.21 -18.56 -36.26
N CYS C 441 -11.66 -17.45 -36.76
CA CYS C 441 -12.00 -17.02 -38.10
C CYS C 441 -11.59 -18.04 -39.14
N GLU C 442 -10.55 -18.82 -38.85
CA GLU C 442 -10.14 -19.97 -39.66
C GLU C 442 -10.14 -19.63 -41.15
N LEU C 443 -9.30 -18.66 -41.50
CA LEU C 443 -9.07 -18.31 -42.89
C LEU C 443 -8.02 -19.24 -43.47
N GLY C 444 -8.25 -19.72 -44.69
CA GLY C 444 -7.37 -20.69 -45.30
C GLY C 444 -6.23 -20.06 -46.08
N SER C 445 -6.18 -20.33 -47.39
CA SER C 445 -5.16 -19.76 -48.26
C SER C 445 -5.73 -18.67 -49.15
N GLU C 446 -6.79 -18.97 -49.91
CA GLU C 446 -7.45 -17.93 -50.68
C GLU C 446 -8.02 -16.85 -49.76
N GLU C 447 -8.63 -17.27 -48.65
CA GLU C 447 -9.14 -16.32 -47.67
C GLU C 447 -8.03 -15.43 -47.16
N GLN C 448 -6.91 -16.04 -46.73
CA GLN C 448 -5.76 -15.25 -46.30
C GLN C 448 -5.12 -14.53 -47.49
N LEU C 449 -5.34 -15.02 -48.70
CA LEU C 449 -4.78 -14.37 -49.89
C LEU C 449 -5.39 -13.00 -50.09
N PHE C 450 -6.72 -12.92 -50.07
CA PHE C 450 -7.43 -11.69 -50.40
C PHE C 450 -7.00 -10.53 -49.51
N LEU C 451 -6.93 -10.76 -48.21
CA LEU C 451 -6.65 -9.66 -47.30
C LEU C 451 -5.24 -9.12 -47.50
N ARG C 452 -4.33 -9.88 -48.11
CA ARG C 452 -2.98 -9.36 -48.34
C ARG C 452 -3.01 -8.23 -49.36
N GLU C 453 -3.66 -8.45 -50.50
CA GLU C 453 -3.78 -7.36 -51.47
C GLU C 453 -4.62 -6.22 -50.91
N VAL C 454 -5.64 -6.52 -50.11
CA VAL C 454 -6.39 -5.42 -49.50
C VAL C 454 -5.48 -4.56 -48.63
N MET C 455 -4.67 -5.20 -47.77
CA MET C 455 -3.75 -4.45 -46.93
C MET C 455 -2.72 -3.71 -47.76
N SER C 456 -2.29 -4.31 -48.88
CA SER C 456 -1.38 -3.59 -49.77
C SER C 456 -2.02 -2.32 -50.30
N LYS C 457 -3.31 -2.37 -50.63
CA LYS C 457 -4.03 -1.18 -51.02
C LYS C 457 -3.99 -0.13 -49.92
N LEU C 458 -4.40 -0.52 -48.71
CA LEU C 458 -4.36 0.35 -47.53
C LEU C 458 -3.69 -0.40 -46.40
N LYS C 459 -2.57 0.12 -45.91
CA LYS C 459 -1.82 -0.52 -44.82
C LYS C 459 -2.39 -0.02 -43.49
N LEU C 460 -3.50 -0.62 -43.09
CA LEU C 460 -4.12 -0.26 -41.82
C LEU C 460 -3.32 -0.84 -40.66
N SER C 461 -3.47 -0.21 -39.50
CA SER C 461 -2.77 -0.68 -38.31
C SER C 461 -3.26 -2.07 -37.91
N ALA C 462 -2.50 -2.70 -37.01
CA ALA C 462 -2.85 -4.04 -36.57
C ALA C 462 -4.23 -4.05 -35.91
N ARG C 463 -4.53 -3.04 -35.09
CA ARG C 463 -5.83 -2.97 -34.45
C ARG C 463 -6.94 -2.83 -35.49
N GLY C 464 -6.72 -1.98 -36.51
CA GLY C 464 -7.70 -1.88 -37.58
C GLY C 464 -7.87 -3.19 -38.33
N TYR C 465 -6.76 -3.88 -38.59
CA TYR C 465 -6.82 -5.17 -39.27
C TYR C 465 -7.65 -6.18 -38.49
N HIS C 466 -7.44 -6.24 -37.16
CA HIS C 466 -8.18 -7.19 -36.35
C HIS C 466 -9.64 -6.76 -36.18
N ARG C 467 -9.91 -5.46 -36.17
CA ARG C 467 -11.30 -5.01 -36.20
C ARG C 467 -11.99 -5.45 -37.48
N LEU C 468 -11.29 -5.33 -38.61
CA LEU C 468 -11.80 -5.84 -39.87
C LEU C 468 -12.11 -7.33 -39.77
N LEU C 469 -11.17 -8.09 -39.22
CA LEU C 469 -11.37 -9.53 -39.10
C LEU C 469 -12.57 -9.86 -38.21
N LYS C 470 -12.73 -9.13 -37.11
CA LYS C 470 -13.85 -9.37 -36.21
C LYS C 470 -15.18 -9.06 -36.87
N VAL C 471 -15.26 -7.93 -37.58
CA VAL C 471 -16.49 -7.60 -38.28
C VAL C 471 -16.80 -8.64 -39.35
N SER C 472 -15.77 -9.08 -40.08
CA SER C 472 -15.97 -10.09 -41.09
C SER C 472 -16.46 -11.40 -40.47
N ARG C 473 -15.93 -11.76 -39.31
CA ARG C 473 -16.41 -12.97 -38.63
C ARG C 473 -17.86 -12.82 -38.21
N THR C 474 -18.24 -11.63 -37.73
CA THR C 474 -19.65 -11.39 -37.40
C THR C 474 -20.53 -11.63 -38.63
N ILE C 475 -20.17 -11.01 -39.75
CA ILE C 475 -20.99 -11.14 -40.95
C ILE C 475 -21.04 -12.60 -41.40
N ALA C 476 -19.89 -13.28 -41.38
CA ALA C 476 -19.86 -14.67 -41.79
C ALA C 476 -20.73 -15.54 -40.90
N ASP C 477 -20.67 -15.31 -39.60
CA ASP C 477 -21.46 -16.08 -38.66
C ASP C 477 -22.95 -15.77 -38.77
N MET C 478 -23.31 -14.62 -39.33
CA MET C 478 -24.73 -14.39 -39.61
C MET C 478 -25.20 -15.23 -40.79
N ASN C 479 -24.31 -15.57 -41.72
CA ASN C 479 -24.68 -16.34 -42.89
C ASN C 479 -24.46 -17.84 -42.70
N SER C 480 -24.45 -18.30 -41.45
CA SER C 480 -24.32 -19.73 -41.13
C SER C 480 -23.08 -20.31 -41.81
N SER C 481 -22.00 -19.55 -41.81
CA SER C 481 -20.76 -19.97 -42.45
C SER C 481 -19.85 -20.66 -41.44
N LYS C 482 -19.06 -21.61 -41.93
CA LYS C 482 -18.09 -22.31 -41.09
C LYS C 482 -16.76 -21.57 -40.99
N LYS C 483 -16.48 -20.67 -41.92
CA LYS C 483 -15.24 -19.91 -41.91
C LYS C 483 -15.54 -18.49 -42.38
N VAL C 484 -14.50 -17.65 -42.41
CA VAL C 484 -14.61 -16.29 -42.91
C VAL C 484 -14.34 -16.39 -44.42
N LEU C 485 -15.41 -16.61 -45.18
CA LEU C 485 -15.30 -16.65 -46.63
C LEU C 485 -15.05 -15.24 -47.16
N LEU C 486 -14.59 -15.17 -48.41
CA LEU C 486 -14.22 -13.86 -48.98
C LEU C 486 -15.39 -12.89 -48.91
N ASN C 487 -16.55 -13.29 -49.42
CA ASN C 487 -17.70 -12.40 -49.49
C ASN C 487 -17.90 -11.66 -48.16
N HIS C 488 -17.77 -12.40 -47.06
CA HIS C 488 -17.91 -11.79 -45.75
C HIS C 488 -16.84 -10.73 -45.50
N LEU C 489 -15.59 -11.03 -45.85
CA LEU C 489 -14.51 -10.07 -45.66
C LEU C 489 -14.71 -8.84 -46.54
N GLN C 490 -15.16 -9.04 -47.78
CA GLN C 490 -15.42 -7.92 -48.67
C GLN C 490 -16.51 -7.03 -48.10
N GLN C 491 -17.56 -7.63 -47.54
CA GLN C 491 -18.60 -6.85 -46.89
C GLN C 491 -18.03 -6.08 -45.70
N ALA C 492 -17.21 -6.75 -44.89
CA ALA C 492 -16.64 -6.09 -43.72
C ALA C 492 -15.73 -4.92 -44.11
N LEU C 493 -15.15 -4.98 -45.31
CA LEU C 493 -14.38 -3.83 -45.79
C LEU C 493 -15.24 -2.59 -46.02
N SER C 494 -16.57 -2.74 -46.02
CA SER C 494 -17.43 -1.62 -46.35
C SER C 494 -17.35 -0.51 -45.30
N TYR C 495 -17.13 -0.86 -44.03
CA TYR C 495 -17.27 0.11 -42.95
C TYR C 495 -15.94 0.76 -42.60
N LYS C 496 -14.97 -0.02 -42.09
CA LYS C 496 -13.66 0.49 -41.76
C LYS C 496 -13.76 1.76 -40.92
N GLN C 497 -12.70 2.57 -40.90
CA GLN C 497 -12.75 3.93 -40.39
C GLN C 497 -12.36 4.88 -41.52
N ASN C 498 -13.14 5.93 -41.70
CA ASN C 498 -12.97 6.87 -42.80
C ASN C 498 -12.97 8.30 -42.28
N LEU C 499 -12.20 8.55 -41.21
CA LEU C 499 -12.10 9.88 -40.65
C LEU C 499 -11.33 10.79 -41.61
N HIS C 500 -11.98 11.87 -42.03
CA HIS C 500 -11.34 12.82 -42.95
C HIS C 500 -12.05 14.17 -42.90
#